data_3B9R
#
_entry.id   3B9R
#
_cell.length_a   131.980
_cell.length_b   94.430
_cell.length_c   136.180
_cell.angle_alpha   90.000
_cell.angle_beta   107.790
_cell.angle_gamma   90.000
#
_symmetry.space_group_name_H-M   'P 1 21 1'
#
loop_
_entity.id
_entity.type
_entity.pdbx_description
1 polymer 'Sarcoplasmic/endoplasmic reticulum calcium ATPase 1'
2 non-polymer 'TETRAFLUOROALUMINATE ION'
3 non-polymer 'MAGNESIUM ION'
4 non-polymer 'POTASSIUM ION'
5 non-polymer 'PHOSPHOMETHYLPHOSPHONIC ACID ADENYLATE ESTER'
6 water water
#
_entity_poly.entity_id   1
_entity_poly.type   'polypeptide(L)'
_entity_poly.pdbx_seq_one_letter_code
;MEAAHSKSTEECLAYFGVSETTGLTPDQVKRHLEKYGHNELPAEEGKSLWELVIEQFEDLLVRILLLAACISFVLAWFEE
GEETITAFVEPFVILLILIANAIVGVWQERNAENAIEALKEYEPEMGKVYRADRKSVQRIKARDIVPGDIVEVAVGDKVP
ADIRILSIKSTTLRVDQSILTGESVSVIKHTEPVPDPRAVNQDKKNMLFSGTNIAAGKALGIVATTGVSTEIGKIRDQMA
ATEQDKTPLQQKLDEFGEQLSKVISLICVAVWLINIGHFNDPVHGGSWIRGAIYYFKIAVALAVAAIPEGLPAVITTCLA
LGTRRMAKKNAIVRSLPSVETLGCTSVICSDKTGTLTTNQMSVCKMFIIDKVDGDFCSLNEFSITGSTYAPEGEVLKNDK
PIRSGQFDGLVELATICALCNDSSLDFNETKGVYEKVGEATETALTTLVEKMNVFNTEVRNLSKVERANACNSVIRQLMK
KEFTLEFSRDRKSMSVYCSPAKSSRAAVGNKMFVKGAPEGVIDRCNYVRVGTTRVPMTGPVKEKILSVIKEWGTGRDTLR
CLALATRDTPPKREEMVLDDSSRFMEYETDLTFVGVVGMLDPPRKEVMGSIQLCRDAGIRVIMITGDNKGTAIAICRRIG
IFGENEEVADRAYTGREFDDLPLAEQREACRRACCFARVEPSHKSKIVEYLQSYDEITAMTGDGVNDAPALKKAEIGIAM
GSGTAVAKTASEMVLADDNFSTIVAAVEEGRAIYNNMKQFIRYLISSNVGEVVCIFLTAALGLPEALIPVQLLWVNLVTD
GLPATALGFNPPDLDIMDRPPRSPKEPLISGWLFFRYMAIGGYVGAATVGAAAWWFMYAEDGPGVTYHQLTHFMQCTEDH
PHFEGLDCEIFEAPEPMTMALSVLVTIEMCNALNSLSENQSLMRMPPWVNIWLLGSICLSMSLHFLILYVDPLPMIFKLK
ALDLTQWLMVLKISLPVIGLDEILKFIARNYLEG
;
_entity_poly.pdbx_strand_id   A,B
#
# COMPACT_ATOMS: atom_id res chain seq x y z
N MET A 1 22.34 2.85 -8.25
CA MET A 1 21.72 4.18 -8.10
C MET A 1 21.28 4.77 -9.43
N GLU A 2 22.04 4.51 -10.48
CA GLU A 2 21.69 5.19 -11.73
C GLU A 2 20.26 4.94 -12.33
N ALA A 3 19.58 6.01 -12.74
CA ALA A 3 18.30 5.80 -13.41
C ALA A 3 18.31 5.97 -14.95
N ALA A 4 19.39 5.55 -15.64
CA ALA A 4 19.37 5.62 -17.10
C ALA A 4 20.24 4.70 -17.95
N HIS A 5 19.52 4.20 -18.94
CA HIS A 5 19.89 3.54 -20.17
C HIS A 5 19.86 4.64 -21.20
N SER A 6 19.54 5.86 -20.74
CA SER A 6 19.26 7.00 -21.63
C SER A 6 20.42 7.98 -21.63
N LYS A 7 21.30 7.79 -20.64
CA LYS A 7 22.62 8.40 -20.60
C LYS A 7 23.59 7.76 -21.58
N SER A 8 24.75 8.38 -21.74
CA SER A 8 25.77 7.83 -22.64
C SER A 8 26.74 6.97 -21.84
N THR A 9 27.61 6.24 -22.52
CA THR A 9 28.56 5.43 -21.79
C THR A 9 29.26 6.36 -20.80
N GLU A 10 29.70 7.51 -21.32
CA GLU A 10 30.46 8.49 -20.56
C GLU A 10 29.71 9.04 -19.36
N GLU A 11 28.48 9.49 -19.55
CA GLU A 11 27.70 10.04 -18.44
C GLU A 11 27.56 9.06 -17.27
N CYS A 12 27.57 7.75 -17.59
CA CYS A 12 27.44 6.68 -16.59
C CYS A 12 28.74 6.40 -15.84
N LEU A 13 29.83 6.25 -16.59
CA LEU A 13 31.18 6.19 -16.02
C LEU A 13 31.37 7.39 -15.10
N ALA A 14 30.89 8.53 -15.57
CA ALA A 14 30.86 9.78 -14.84
C ALA A 14 30.08 9.70 -13.52
N TYR A 15 28.81 9.30 -13.59
CA TYR A 15 27.92 9.29 -12.44
C TYR A 15 28.60 8.75 -11.20
N PHE A 16 29.26 7.62 -11.33
CA PHE A 16 29.90 6.97 -10.18
C PHE A 16 31.37 7.33 -10.08
N GLY A 17 31.82 8.15 -11.02
CA GLY A 17 33.17 8.68 -11.05
C GLY A 17 34.25 7.63 -11.05
N VAL A 18 34.30 6.86 -12.14
CA VAL A 18 35.12 5.66 -12.19
C VAL A 18 35.79 5.50 -13.57
N SER A 19 37.05 5.03 -13.57
CA SER A 19 37.74 4.77 -14.84
C SER A 19 37.31 3.44 -15.47
N GLU A 20 36.88 3.50 -16.72
CA GLU A 20 36.46 2.26 -17.34
C GLU A 20 37.53 1.17 -17.33
N THR A 21 38.81 1.56 -17.27
CA THR A 21 39.91 0.60 -17.42
C THR A 21 40.61 0.29 -16.11
N THR A 22 40.03 0.70 -15.00
CA THR A 22 40.65 0.43 -13.72
C THR A 22 39.60 -0.04 -12.74
N GLY A 23 38.38 0.48 -12.89
CA GLY A 23 37.25 0.08 -12.06
C GLY A 23 37.21 0.81 -10.74
N LEU A 24 36.61 0.16 -9.76
CA LEU A 24 36.36 0.77 -8.45
C LEU A 24 37.50 0.71 -7.39
N THR A 25 37.58 1.73 -6.55
CA THR A 25 38.53 1.67 -5.45
C THR A 25 37.82 1.14 -4.22
N PRO A 26 38.57 0.38 -3.40
CA PRO A 26 38.13 -0.20 -2.13
C PRO A 26 37.38 0.82 -1.29
N ASP A 27 37.80 2.08 -1.40
CA ASP A 27 37.12 3.20 -0.78
C ASP A 27 35.67 3.27 -1.28
N GLN A 28 35.53 3.34 -2.60
CA GLN A 28 34.22 3.50 -3.24
C GLN A 28 33.37 2.32 -2.96
N VAL A 29 33.99 1.15 -2.90
CA VAL A 29 33.24 -0.08 -2.75
C VAL A 29 32.67 -0.12 -1.34
N LYS A 30 33.51 0.30 -0.39
CA LYS A 30 33.08 0.51 0.99
C LYS A 30 31.80 1.40 1.08
N ARG A 31 31.88 2.60 0.47
CA ARG A 31 30.75 3.52 0.38
C ARG A 31 29.47 2.93 -0.23
N HIS A 32 29.59 2.37 -1.43
CA HIS A 32 28.45 1.87 -2.19
C HIS A 32 27.81 0.70 -1.50
N LEU A 33 28.68 -0.21 -1.09
CA LEU A 33 28.21 -1.39 -0.41
C LEU A 33 27.57 -0.97 0.87
N GLU A 34 27.78 0.29 1.24
CA GLU A 34 27.21 0.82 2.47
C GLU A 34 25.91 1.52 2.12
N LYS A 35 25.95 2.35 1.09
CA LYS A 35 24.80 3.10 0.61
C LYS A 35 23.72 2.20 0.04
N TYR A 36 24.13 1.13 -0.64
CA TYR A 36 23.21 0.28 -1.41
C TYR A 36 23.10 -1.12 -0.85
N GLY A 37 24.01 -1.48 0.04
CA GLY A 37 23.97 -2.81 0.59
C GLY A 37 24.38 -3.86 -0.42
N HIS A 38 23.96 -5.08 -0.20
CA HIS A 38 24.43 -6.15 -1.05
C HIS A 38 23.53 -6.40 -2.29
N ASN A 39 24.07 -7.15 -3.24
CA ASN A 39 23.45 -7.40 -4.53
C ASN A 39 22.66 -8.72 -4.50
N GLU A 40 21.47 -8.70 -3.91
CA GLU A 40 20.69 -9.92 -3.81
C GLU A 40 19.26 -9.68 -3.37
N LEU A 41 18.35 -10.55 -3.79
CA LEU A 41 16.97 -10.46 -3.38
C LEU A 41 16.89 -11.12 -2.01
N PRO A 42 16.19 -10.48 -1.07
CA PRO A 42 15.87 -11.09 0.23
C PRO A 42 14.97 -12.34 0.03
N ALA A 43 14.96 -13.32 0.93
CA ALA A 43 14.33 -14.61 0.60
C ALA A 43 12.87 -14.90 1.05
N GLU A 44 11.94 -14.05 0.67
CA GLU A 44 10.53 -14.22 1.06
C GLU A 44 10.44 -14.68 2.49
N GLU A 45 10.59 -13.72 3.39
CA GLU A 45 10.60 -13.97 4.81
C GLU A 45 9.42 -13.24 5.44
N GLY A 46 8.78 -12.37 4.65
CA GLY A 46 7.62 -11.60 5.11
C GLY A 46 6.99 -12.00 6.43
N LYS A 47 6.37 -13.18 6.46
CA LYS A 47 5.79 -13.76 7.69
C LYS A 47 5.77 -15.31 7.65
N SER A 48 6.01 -15.94 8.80
CA SER A 48 5.94 -17.40 8.95
C SER A 48 6.01 -17.80 10.43
N LEU A 49 5.60 -19.03 10.72
CA LEU A 49 5.76 -19.61 12.06
C LEU A 49 5.24 -21.04 12.14
N TRP A 50 5.95 -21.88 12.88
CA TRP A 50 5.42 -23.19 13.24
C TRP A 50 4.00 -22.92 13.70
N GLU A 51 3.85 -21.77 14.37
CA GLU A 51 2.59 -21.33 14.98
C GLU A 51 1.41 -21.29 13.99
N LEU A 52 1.69 -21.08 12.71
CA LEU A 52 0.66 -20.98 11.67
C LEU A 52 -0.77 -21.14 12.19
N VAL A 53 -1.08 -22.37 12.61
CA VAL A 53 -2.39 -22.76 13.16
C VAL A 53 -2.97 -21.74 14.11
N ILE A 54 -2.10 -21.17 14.93
CA ILE A 54 -2.44 -20.12 15.88
C ILE A 54 -3.42 -19.09 15.29
N GLU A 55 -3.54 -19.07 13.95
CA GLU A 55 -4.40 -18.10 13.30
C GLU A 55 -5.58 -18.71 12.53
N GLN A 56 -5.60 -20.04 12.42
CA GLN A 56 -6.76 -20.72 11.84
C GLN A 56 -7.74 -21.06 12.94
N PHE A 57 -7.82 -20.16 13.92
CA PHE A 57 -8.74 -20.29 15.04
C PHE A 57 -9.59 -19.02 15.16
N GLU A 58 -10.17 -18.62 14.03
CA GLU A 58 -10.92 -17.37 14.00
C GLU A 58 -12.42 -17.60 13.93
N ASP A 59 -12.85 -18.36 12.92
CA ASP A 59 -14.26 -18.50 12.62
C ASP A 59 -15.09 -19.24 13.68
N LEU A 60 -16.29 -19.63 13.29
CA LEU A 60 -17.18 -20.35 14.17
C LEU A 60 -16.69 -21.78 14.35
N LEU A 61 -16.25 -22.41 13.26
CA LEU A 61 -15.79 -23.80 13.33
C LEU A 61 -14.51 -23.78 14.18
N VAL A 62 -14.45 -22.81 15.07
CA VAL A 62 -13.40 -22.76 16.07
C VAL A 62 -13.88 -22.15 17.36
N ARG A 63 -13.92 -20.83 17.43
CA ARG A 63 -14.24 -20.17 18.70
C ARG A 63 -15.53 -20.75 19.29
N ILE A 64 -16.61 -20.66 18.51
CA ILE A 64 -17.88 -21.28 18.86
C ILE A 64 -17.69 -22.71 19.39
N LEU A 65 -17.01 -23.55 18.63
CA LEU A 65 -16.74 -24.93 19.06
C LEU A 65 -15.53 -25.08 19.96
N LEU A 66 -15.01 -23.97 20.50
CA LEU A 66 -13.89 -24.06 21.41
C LEU A 66 -14.33 -23.89 22.84
N LEU A 67 -15.26 -22.95 23.05
CA LEU A 67 -15.96 -22.85 24.32
C LEU A 67 -16.60 -24.19 24.57
N ALA A 68 -17.50 -24.55 23.67
CA ALA A 68 -18.21 -25.81 23.74
C ALA A 68 -17.29 -27.02 24.01
N ALA A 69 -15.98 -26.81 24.02
CA ALA A 69 -15.03 -27.88 24.35
C ALA A 69 -14.37 -27.68 25.71
N CYS A 70 -14.37 -26.44 26.19
CA CYS A 70 -13.88 -26.14 27.52
C CYS A 70 -15.09 -25.99 28.42
N ILE A 71 -16.13 -25.34 27.90
CA ILE A 71 -17.42 -25.20 28.60
C ILE A 71 -18.00 -26.60 28.79
N SER A 72 -17.64 -27.50 27.88
CA SER A 72 -18.10 -28.88 27.95
C SER A 72 -17.07 -29.76 28.66
N PHE A 73 -15.92 -29.19 29.00
CA PHE A 73 -14.90 -29.92 29.73
C PHE A 73 -15.05 -29.67 31.23
N VAL A 74 -15.53 -28.47 31.59
CA VAL A 74 -15.84 -28.19 32.99
C VAL A 74 -17.07 -28.97 33.46
N LEU A 75 -18.14 -28.92 32.67
CA LEU A 75 -19.35 -29.67 32.94
C LEU A 75 -19.06 -31.17 33.09
N ALA A 76 -18.09 -31.65 32.31
CA ALA A 76 -17.68 -33.06 32.39
C ALA A 76 -16.54 -33.25 33.40
N TRP A 77 -16.67 -32.55 34.51
CA TRP A 77 -15.77 -32.68 35.65
C TRP A 77 -16.67 -32.77 36.90
N PHE A 78 -17.94 -32.38 36.73
CA PHE A 78 -18.97 -32.44 37.78
C PHE A 78 -20.08 -33.39 37.37
N GLU A 79 -19.73 -34.50 36.73
CA GLU A 79 -20.73 -35.44 36.22
C GLU A 79 -21.08 -36.48 37.27
N GLU A 80 -21.35 -36.02 38.49
CA GLU A 80 -21.66 -36.93 39.60
C GLU A 80 -22.98 -37.68 39.43
N GLY A 81 -23.18 -38.26 38.25
CA GLY A 81 -24.21 -39.25 38.06
C GLY A 81 -23.54 -40.59 38.30
N GLU A 82 -24.22 -41.67 37.95
CA GLU A 82 -23.65 -43.02 38.08
C GLU A 82 -22.83 -43.42 36.84
N GLU A 83 -22.78 -42.50 35.88
CA GLU A 83 -22.04 -42.68 34.62
C GLU A 83 -20.78 -41.82 34.64
N THR A 84 -20.13 -41.79 35.80
CA THR A 84 -18.92 -41.00 35.97
C THR A 84 -17.85 -41.47 35.00
N ILE A 85 -18.08 -42.64 34.38
CA ILE A 85 -17.09 -43.29 33.52
C ILE A 85 -17.18 -42.88 32.05
N THR A 86 -18.41 -42.75 31.55
CA THR A 86 -18.68 -42.35 30.16
C THR A 86 -18.72 -40.83 30.05
N ALA A 87 -18.03 -40.16 30.98
CA ALA A 87 -18.22 -38.73 31.24
C ALA A 87 -17.69 -37.76 30.18
N PHE A 88 -16.38 -37.48 30.23
CA PHE A 88 -15.78 -36.44 29.40
C PHE A 88 -15.33 -36.93 28.01
N VAL A 89 -16.27 -37.49 27.27
CA VAL A 89 -16.01 -37.84 25.87
C VAL A 89 -16.29 -36.62 25.02
N GLU A 90 -17.35 -35.89 25.35
CA GLU A 90 -17.68 -34.68 24.61
C GLU A 90 -16.51 -33.70 24.52
N PRO A 91 -15.92 -33.34 25.67
CA PRO A 91 -14.78 -32.42 25.62
C PRO A 91 -13.72 -32.94 24.66
N PHE A 92 -13.58 -34.26 24.59
CA PHE A 92 -12.47 -34.86 23.86
C PHE A 92 -12.75 -35.24 22.40
N VAL A 93 -14.01 -35.25 22.00
CA VAL A 93 -14.36 -35.48 20.59
C VAL A 93 -14.63 -34.15 19.89
N ILE A 94 -15.01 -33.15 20.68
CA ILE A 94 -15.13 -31.80 20.19
C ILE A 94 -13.73 -31.32 19.81
N LEU A 95 -12.73 -31.75 20.59
CA LEU A 95 -11.36 -31.29 20.42
C LEU A 95 -10.50 -32.26 19.61
N LEU A 96 -10.96 -33.48 19.44
CA LEU A 96 -10.24 -34.39 18.57
C LEU A 96 -10.70 -34.13 17.15
N ILE A 97 -11.95 -33.68 17.01
CA ILE A 97 -12.50 -33.33 15.70
C ILE A 97 -12.07 -31.92 15.34
N LEU A 98 -11.64 -31.18 16.35
CA LEU A 98 -11.21 -29.81 16.17
C LEU A 98 -9.71 -29.82 15.83
N ILE A 99 -8.99 -30.75 16.44
CA ILE A 99 -7.57 -30.96 16.16
C ILE A 99 -7.39 -31.68 14.81
N ALA A 100 -8.39 -32.47 14.45
CA ALA A 100 -8.39 -33.19 13.17
C ALA A 100 -8.51 -32.26 11.96
N ASN A 101 -9.60 -31.51 11.88
CA ASN A 101 -9.81 -30.57 10.79
C ASN A 101 -8.67 -29.54 10.68
N ALA A 102 -8.09 -29.20 11.82
CA ALA A 102 -7.09 -28.15 11.87
C ALA A 102 -5.77 -28.63 11.32
N ILE A 103 -5.47 -29.90 11.56
CA ILE A 103 -4.21 -30.45 11.12
C ILE A 103 -4.21 -30.79 9.61
N VAL A 104 -5.39 -30.78 8.97
CA VAL A 104 -5.43 -30.90 7.51
C VAL A 104 -5.14 -29.53 6.87
N GLY A 105 -5.53 -28.47 7.57
CA GLY A 105 -5.22 -27.12 7.14
C GLY A 105 -3.73 -26.95 6.93
N VAL A 106 -2.92 -27.59 7.77
CA VAL A 106 -1.47 -27.40 7.77
C VAL A 106 -0.61 -28.38 6.95
N TRP A 107 -1.02 -29.64 6.85
CA TRP A 107 -0.27 -30.57 6.00
C TRP A 107 -0.59 -30.27 4.54
N GLN A 108 -1.50 -29.33 4.33
CA GLN A 108 -1.76 -28.85 2.99
C GLN A 108 -1.02 -27.53 2.73
N GLU A 109 -0.61 -26.87 3.80
CA GLU A 109 0.09 -25.59 3.71
C GLU A 109 1.61 -25.73 3.82
N ARG A 110 2.08 -26.67 4.65
CA ARG A 110 3.51 -26.94 4.79
C ARG A 110 4.01 -27.65 3.53
N ASN A 111 3.34 -27.37 2.40
CA ASN A 111 3.71 -27.89 1.08
C ASN A 111 4.33 -26.81 0.18
N ALA A 112 3.81 -25.60 0.29
CA ALA A 112 4.25 -24.50 -0.57
C ALA A 112 5.78 -24.42 -0.63
N GLU A 113 6.31 -24.32 -1.85
CA GLU A 113 7.71 -24.01 -2.12
C GLU A 113 7.65 -22.62 -2.72
N ASN A 114 8.57 -21.73 -2.34
CA ASN A 114 8.42 -20.33 -2.75
C ASN A 114 8.92 -19.99 -4.14
N ALA A 115 8.17 -19.12 -4.80
CA ALA A 115 8.56 -18.66 -6.11
C ALA A 115 9.81 -17.85 -5.93
N ILE A 116 9.94 -17.20 -4.79
CA ILE A 116 11.03 -16.27 -4.61
C ILE A 116 12.33 -17.03 -4.56
N GLU A 117 12.26 -18.24 -4.03
CA GLU A 117 13.44 -19.08 -3.92
C GLU A 117 13.73 -19.72 -5.30
N ALA A 118 12.66 -20.11 -5.99
CA ALA A 118 12.75 -20.56 -7.38
C ALA A 118 13.41 -19.49 -8.23
N LEU A 119 13.11 -18.24 -7.89
CA LEU A 119 13.49 -17.07 -8.67
C LEU A 119 14.94 -16.75 -8.45
N LYS A 120 15.41 -16.91 -7.22
CA LYS A 120 16.80 -16.63 -6.85
C LYS A 120 17.80 -17.66 -7.41
N GLU A 121 17.35 -18.50 -8.33
CA GLU A 121 18.23 -19.48 -8.94
C GLU A 121 18.82 -18.82 -10.15
N TYR A 122 18.26 -17.66 -10.46
CA TYR A 122 18.69 -16.86 -11.59
C TYR A 122 19.79 -15.90 -11.11
N GLU A 123 20.26 -16.15 -9.89
CA GLU A 123 21.29 -15.34 -9.25
C GLU A 123 22.60 -16.08 -9.34
N PRO A 124 23.54 -15.60 -10.19
CA PRO A 124 24.83 -16.27 -10.33
C PRO A 124 25.57 -16.21 -9.01
N GLU A 125 26.27 -17.28 -8.65
CA GLU A 125 27.08 -17.24 -7.43
C GLU A 125 28.14 -16.16 -7.55
N MET A 126 28.88 -16.20 -8.66
CA MET A 126 29.99 -15.28 -8.90
C MET A 126 29.77 -14.28 -10.03
N GLY A 127 30.49 -13.17 -9.93
CA GLY A 127 30.55 -12.15 -10.96
C GLY A 127 31.99 -11.74 -11.24
N LYS A 128 32.35 -11.33 -12.47
CA LYS A 128 33.72 -10.84 -12.80
C LYS A 128 33.79 -9.30 -12.89
N VAL A 129 34.48 -8.67 -11.95
CA VAL A 129 34.63 -7.22 -11.97
C VAL A 129 36.06 -6.83 -12.30
N TYR A 130 36.21 -5.60 -12.79
CA TYR A 130 37.48 -4.91 -12.73
C TYR A 130 37.46 -3.87 -11.60
N ARG A 131 38.28 -4.14 -10.59
CA ARG A 131 38.50 -3.19 -9.51
C ARG A 131 39.93 -2.65 -9.55
N ALA A 132 40.15 -1.58 -8.78
CA ALA A 132 41.37 -0.80 -8.91
C ALA A 132 42.61 -1.50 -8.33
N ASP A 133 42.40 -2.27 -7.27
CA ASP A 133 43.50 -2.97 -6.62
C ASP A 133 44.17 -4.10 -7.44
N ARG A 134 43.73 -4.32 -8.67
CA ARG A 134 44.38 -5.31 -9.52
C ARG A 134 44.22 -4.99 -10.99
N LYS A 135 45.24 -5.37 -11.76
CA LYS A 135 45.22 -5.22 -13.21
C LYS A 135 44.32 -6.28 -13.80
N SER A 136 44.33 -7.44 -13.14
CA SER A 136 43.54 -8.59 -13.55
C SER A 136 42.09 -8.45 -13.15
N VAL A 137 41.25 -9.19 -13.86
CA VAL A 137 39.83 -9.29 -13.57
C VAL A 137 39.68 -10.11 -12.29
N GLN A 138 38.59 -9.89 -11.59
CA GLN A 138 38.39 -10.52 -10.31
C GLN A 138 37.02 -11.23 -10.21
N ARG A 139 37.03 -12.56 -10.09
CA ARG A 139 35.79 -13.26 -9.75
C ARG A 139 35.57 -13.06 -8.26
N ILE A 140 34.40 -12.49 -7.93
CA ILE A 140 34.03 -12.15 -6.57
C ILE A 140 32.63 -12.69 -6.43
N LYS A 141 32.12 -12.72 -5.21
CA LYS A 141 30.72 -13.07 -4.97
C LYS A 141 29.82 -12.06 -5.65
N ALA A 142 28.94 -12.55 -6.51
CA ALA A 142 28.03 -11.64 -7.18
C ALA A 142 27.28 -10.72 -6.18
N ARG A 143 27.20 -11.12 -4.91
CA ARG A 143 26.45 -10.30 -3.96
C ARG A 143 27.34 -9.18 -3.47
N ASP A 144 28.62 -9.27 -3.77
CA ASP A 144 29.57 -8.29 -3.27
C ASP A 144 29.87 -7.28 -4.36
N ILE A 145 29.11 -7.33 -5.45
CA ILE A 145 29.21 -6.28 -6.46
C ILE A 145 28.27 -5.05 -6.17
N VAL A 146 28.81 -3.85 -6.35
CA VAL A 146 28.07 -2.64 -6.02
C VAL A 146 27.70 -1.87 -7.28
N PRO A 147 26.67 -1.01 -7.18
CA PRO A 147 26.48 -0.16 -8.36
C PRO A 147 27.81 0.53 -8.63
N GLY A 148 28.16 0.67 -9.89
CA GLY A 148 29.35 1.41 -10.22
C GLY A 148 30.53 0.61 -10.73
N ASP A 149 30.79 -0.61 -10.23
CA ASP A 149 32.04 -1.23 -10.71
C ASP A 149 31.91 -1.80 -12.10
N ILE A 150 33.08 -1.89 -12.73
CA ILE A 150 33.18 -2.44 -14.06
C ILE A 150 32.98 -3.95 -13.99
N VAL A 151 32.09 -4.43 -14.85
CA VAL A 151 31.68 -5.82 -14.88
C VAL A 151 32.02 -6.39 -16.26
N GLU A 152 32.51 -7.63 -16.29
CA GLU A 152 32.75 -8.35 -17.54
C GLU A 152 31.81 -9.59 -17.60
N VAL A 153 31.28 -9.91 -18.79
CA VAL A 153 30.36 -11.07 -18.99
C VAL A 153 30.70 -11.71 -20.32
N ALA A 154 30.33 -12.98 -20.48
CA ALA A 154 30.69 -13.78 -21.68
C ALA A 154 29.67 -14.90 -21.92
N VAL A 155 29.74 -15.57 -23.07
CA VAL A 155 28.89 -16.74 -23.40
C VAL A 155 28.68 -17.59 -22.18
N GLY A 156 27.43 -17.97 -21.94
CA GLY A 156 27.07 -18.84 -20.83
C GLY A 156 26.92 -18.20 -19.48
N ASP A 157 27.46 -17.00 -19.34
CA ASP A 157 27.33 -16.27 -18.10
C ASP A 157 25.89 -15.85 -17.82
N LYS A 158 25.56 -15.86 -16.54
CA LYS A 158 24.32 -15.30 -16.10
C LYS A 158 24.70 -13.88 -15.74
N VAL A 159 23.92 -12.91 -16.23
CA VAL A 159 24.06 -11.50 -15.80
C VAL A 159 23.78 -11.31 -14.29
N PRO A 160 24.75 -10.69 -13.58
CA PRO A 160 24.82 -10.50 -12.12
C PRO A 160 24.04 -9.33 -11.55
N ALA A 161 24.08 -8.19 -12.22
CA ALA A 161 23.36 -7.02 -11.74
C ALA A 161 22.71 -6.43 -12.96
N ASP A 162 21.97 -5.34 -12.79
CA ASP A 162 21.44 -4.58 -13.93
C ASP A 162 22.54 -3.60 -14.33
N ILE A 163 22.98 -3.71 -15.58
CA ILE A 163 24.24 -3.19 -16.05
C ILE A 163 24.02 -2.38 -17.33
N ARG A 164 24.47 -1.13 -17.35
CA ARG A 164 24.70 -0.40 -18.61
C ARG A 164 25.89 -0.96 -19.37
N ILE A 165 25.75 -1.16 -20.67
CA ILE A 165 26.83 -1.77 -21.41
C ILE A 165 27.72 -0.63 -21.81
N LEU A 166 29.04 -0.83 -21.61
CA LEU A 166 30.08 0.14 -22.02
C LEU A 166 30.81 -0.26 -23.30
N SER A 167 31.06 -1.54 -23.47
CA SER A 167 31.95 -2.00 -24.52
C SER A 167 31.64 -3.42 -24.95
N ILE A 168 31.43 -3.64 -26.26
CA ILE A 168 31.26 -5.00 -26.75
C ILE A 168 32.52 -5.56 -27.42
N LYS A 169 33.24 -6.37 -26.66
CA LYS A 169 34.46 -7.02 -27.11
C LYS A 169 34.28 -7.94 -28.32
N SER A 170 33.06 -8.43 -28.55
CA SER A 170 32.82 -9.33 -29.68
C SER A 170 32.16 -8.63 -30.85
N THR A 171 31.92 -9.39 -31.90
CA THR A 171 31.43 -8.76 -33.10
C THR A 171 29.93 -8.58 -33.01
N THR A 172 29.41 -9.09 -31.90
CA THR A 172 27.99 -9.10 -31.66
C THR A 172 27.81 -9.68 -30.28
N LEU A 173 27.00 -9.03 -29.45
CA LEU A 173 26.61 -9.57 -28.14
C LEU A 173 25.13 -9.91 -28.18
N ARG A 174 24.85 -11.18 -27.93
CA ARG A 174 23.53 -11.78 -28.04
C ARG A 174 23.05 -12.15 -26.64
N VAL A 175 21.95 -11.57 -26.21
CA VAL A 175 21.45 -11.89 -24.88
C VAL A 175 20.12 -12.65 -24.97
N ASP A 176 19.92 -13.55 -24.02
CA ASP A 176 18.65 -14.22 -23.80
C ASP A 176 17.93 -13.55 -22.61
N GLN A 177 16.79 -12.92 -22.89
CA GLN A 177 16.06 -12.35 -21.76
C GLN A 177 14.69 -12.93 -21.61
N SER A 178 14.58 -14.23 -21.75
CA SER A 178 13.27 -14.81 -21.80
C SER A 178 12.71 -14.72 -20.39
N ILE A 179 13.62 -14.53 -19.46
CA ILE A 179 13.36 -14.32 -18.03
C ILE A 179 12.43 -13.08 -17.86
N LEU A 180 12.62 -12.08 -18.72
CA LEU A 180 11.90 -10.81 -18.68
C LEU A 180 10.91 -10.55 -19.83
N THR A 181 11.17 -11.13 -21.00
CA THR A 181 10.36 -10.82 -22.17
C THR A 181 9.59 -12.07 -22.60
N GLY A 182 9.97 -13.19 -21.97
CA GLY A 182 9.42 -14.49 -22.26
C GLY A 182 9.79 -15.09 -23.60
N GLU A 183 10.66 -14.42 -24.35
CA GLU A 183 11.25 -14.94 -25.59
C GLU A 183 12.75 -15.22 -25.49
N SER A 184 13.15 -16.40 -25.92
CA SER A 184 14.52 -16.91 -25.76
C SER A 184 15.34 -16.47 -26.96
N VAL A 185 14.63 -15.98 -27.96
CA VAL A 185 15.34 -15.45 -29.09
C VAL A 185 16.36 -14.42 -28.59
N SER A 186 17.55 -14.44 -29.20
CA SER A 186 18.69 -13.66 -28.75
C SER A 186 18.56 -12.23 -29.20
N VAL A 187 18.44 -11.30 -28.24
CA VAL A 187 18.47 -9.86 -28.56
C VAL A 187 19.91 -9.37 -28.70
N ILE A 188 20.14 -8.64 -29.79
CA ILE A 188 21.46 -8.11 -30.14
C ILE A 188 21.63 -6.68 -29.61
N LYS A 189 22.46 -6.57 -28.56
CA LYS A 189 22.73 -5.33 -27.87
C LYS A 189 23.74 -4.37 -28.55
N HIS A 190 23.67 -3.15 -28.04
CA HIS A 190 24.56 -2.13 -28.49
C HIS A 190 24.96 -1.20 -27.36
N THR A 191 25.56 -0.07 -27.72
CA THR A 191 26.14 0.78 -26.71
C THR A 191 25.48 2.15 -26.60
N GLU A 192 24.99 2.64 -27.75
CA GLU A 192 24.27 3.91 -27.91
C GLU A 192 23.16 4.14 -26.88
N PRO A 193 22.89 5.40 -26.49
CA PRO A 193 21.71 5.79 -25.70
C PRO A 193 20.33 5.26 -26.19
N VAL A 194 19.47 4.98 -25.23
CA VAL A 194 18.12 4.60 -25.55
C VAL A 194 17.40 5.65 -24.77
N PRO A 195 17.13 6.78 -25.43
CA PRO A 195 16.84 8.07 -24.80
C PRO A 195 15.50 8.16 -24.10
N ASP A 196 14.49 7.38 -24.50
CA ASP A 196 13.21 7.34 -23.81
C ASP A 196 13.26 6.79 -22.39
N PRO A 197 12.86 7.62 -21.42
CA PRO A 197 12.95 7.25 -20.00
C PRO A 197 11.74 6.42 -19.61
N ARG A 198 10.85 6.22 -20.58
CA ARG A 198 9.70 5.37 -20.38
C ARG A 198 9.74 4.11 -21.28
N ALA A 199 10.92 3.85 -21.86
CA ALA A 199 11.24 2.65 -22.62
C ALA A 199 11.08 1.47 -21.70
N VAL A 200 10.56 0.37 -22.26
CA VAL A 200 10.43 -0.93 -21.59
C VAL A 200 11.71 -1.71 -21.89
N ASN A 201 11.96 -2.80 -21.17
CA ASN A 201 13.16 -3.65 -21.37
C ASN A 201 13.44 -4.10 -22.80
N GLN A 202 12.35 -4.36 -23.51
CA GLN A 202 12.42 -4.74 -24.90
C GLN A 202 13.09 -3.64 -25.69
N ASP A 203 13.09 -2.45 -25.12
CA ASP A 203 13.52 -1.27 -25.84
C ASP A 203 14.96 -1.00 -25.43
N LYS A 204 15.31 -1.39 -24.21
CA LYS A 204 16.56 -1.02 -23.55
C LYS A 204 17.74 -1.89 -24.00
N LYS A 205 18.08 -1.74 -25.28
CA LYS A 205 19.03 -2.62 -25.97
C LYS A 205 20.50 -2.42 -25.62
N ASN A 206 20.76 -1.52 -24.67
CA ASN A 206 22.11 -1.22 -24.23
C ASN A 206 22.33 -1.62 -22.78
N MET A 207 21.35 -2.33 -22.22
CA MET A 207 21.41 -2.74 -20.83
C MET A 207 21.55 -4.21 -20.79
N LEU A 208 22.17 -4.70 -19.73
CA LEU A 208 22.13 -6.10 -19.39
C LEU A 208 21.34 -6.28 -18.08
N PHE A 209 20.33 -7.16 -18.09
CA PHE A 209 19.53 -7.30 -16.88
C PHE A 209 19.95 -8.46 -16.02
N SER A 210 20.10 -8.19 -14.73
CA SER A 210 20.41 -9.25 -13.78
C SER A 210 19.43 -10.38 -13.97
N GLY A 211 19.97 -11.58 -14.21
CA GLY A 211 19.26 -12.83 -14.33
C GLY A 211 19.15 -13.41 -15.71
N THR A 212 19.37 -12.54 -16.71
CA THR A 212 19.48 -12.97 -18.11
C THR A 212 20.81 -13.67 -18.37
N ASN A 213 21.00 -14.25 -19.55
CA ASN A 213 22.30 -14.87 -19.83
C ASN A 213 22.81 -14.54 -21.20
N ILE A 214 24.12 -14.66 -21.35
CA ILE A 214 24.77 -14.36 -22.61
C ILE A 214 24.68 -15.58 -23.52
N ALA A 215 23.91 -15.44 -24.58
CA ALA A 215 23.86 -16.46 -25.64
C ALA A 215 25.23 -16.57 -26.26
N ALA A 216 25.86 -15.40 -26.48
CA ALA A 216 27.09 -15.29 -27.24
C ALA A 216 27.78 -13.91 -27.10
N GLY A 217 29.12 -13.92 -27.07
CA GLY A 217 29.87 -12.67 -26.96
C GLY A 217 30.56 -12.37 -25.64
N LYS A 218 31.13 -11.18 -25.60
CA LYS A 218 31.86 -10.69 -24.43
C LYS A 218 31.65 -9.19 -24.34
N ALA A 219 31.58 -8.67 -23.12
CA ALA A 219 31.24 -7.27 -23.00
C ALA A 219 31.68 -6.74 -21.67
N LEU A 220 31.87 -5.42 -21.66
CA LEU A 220 32.20 -4.67 -20.48
C LEU A 220 31.07 -3.71 -20.13
N GLY A 221 30.62 -3.74 -18.88
CA GLY A 221 29.63 -2.78 -18.44
C GLY A 221 29.87 -2.19 -17.07
N ILE A 222 29.09 -1.18 -16.75
CA ILE A 222 29.15 -0.66 -15.40
C ILE A 222 27.86 -1.00 -14.68
N VAL A 223 27.93 -1.61 -13.50
CA VAL A 223 26.68 -1.95 -12.80
C VAL A 223 25.83 -0.74 -12.54
N ALA A 224 24.57 -0.75 -12.91
CA ALA A 224 23.72 0.43 -12.72
C ALA A 224 22.89 0.38 -11.44
N THR A 225 22.42 -0.81 -11.08
CA THR A 225 21.60 -1.00 -9.90
C THR A 225 21.75 -2.46 -9.52
N THR A 226 21.49 -2.74 -8.24
CA THR A 226 21.71 -4.07 -7.66
C THR A 226 20.55 -4.48 -6.78
N GLY A 227 20.56 -5.71 -6.29
CA GLY A 227 19.57 -6.17 -5.33
C GLY A 227 18.11 -6.21 -5.79
N VAL A 228 17.23 -5.50 -5.07
CA VAL A 228 15.81 -5.41 -5.41
C VAL A 228 15.46 -4.19 -6.26
N SER A 229 16.48 -3.45 -6.61
CA SER A 229 16.37 -2.23 -7.41
C SER A 229 16.66 -2.59 -8.85
N THR A 230 16.30 -3.82 -9.22
CA THR A 230 16.62 -4.38 -10.53
C THR A 230 15.29 -4.83 -11.12
N GLU A 231 15.32 -5.23 -12.36
CA GLU A 231 14.11 -5.64 -13.03
C GLU A 231 13.59 -6.96 -12.48
N ILE A 232 14.49 -7.86 -12.16
CA ILE A 232 14.12 -9.08 -11.51
C ILE A 232 13.72 -8.80 -10.05
N GLY A 233 14.32 -7.76 -9.46
CA GLY A 233 13.97 -7.35 -8.13
C GLY A 233 12.48 -7.00 -8.06
N LYS A 234 11.99 -6.32 -9.10
CA LYS A 234 10.57 -6.00 -9.25
C LYS A 234 9.71 -7.24 -9.36
N ILE A 235 10.12 -8.24 -10.14
CA ILE A 235 9.45 -9.55 -10.09
C ILE A 235 9.43 -10.11 -8.64
N ARG A 236 10.57 -10.09 -7.95
CA ARG A 236 10.59 -10.48 -6.55
C ARG A 236 9.64 -9.65 -5.69
N ASP A 237 9.51 -8.36 -5.96
CA ASP A 237 8.70 -7.53 -5.09
C ASP A 237 7.23 -7.85 -5.16
N GLN A 238 6.74 -8.30 -6.33
CA GLN A 238 5.33 -8.69 -6.49
C GLN A 238 5.12 -10.19 -6.23
N MET A 239 6.14 -10.86 -5.72
CA MET A 239 6.00 -12.22 -5.27
C MET A 239 5.63 -12.18 -3.81
N ALA A 240 6.48 -11.54 -3.03
CA ALA A 240 6.12 -11.29 -1.68
C ALA A 240 4.73 -10.68 -1.76
N ALA A 241 3.82 -11.25 -0.98
CA ALA A 241 2.47 -10.72 -0.88
C ALA A 241 1.81 -11.23 0.39
N THR A 242 1.94 -10.45 1.47
CA THR A 242 1.32 -10.75 2.76
C THR A 242 -0.18 -10.96 2.57
N GLU A 243 -0.74 -10.36 1.52
CA GLU A 243 -2.16 -10.45 1.23
C GLU A 243 -2.60 -11.91 1.15
N GLN A 244 -3.29 -12.37 2.18
CA GLN A 244 -3.71 -13.77 2.31
C GLN A 244 -4.78 -14.15 1.27
N ASP A 245 -4.71 -15.39 0.81
CA ASP A 245 -5.59 -15.90 -0.24
C ASP A 245 -7.08 -15.91 0.13
N LYS A 246 -7.90 -15.20 -0.63
CA LYS A 246 -9.34 -15.11 -0.33
C LYS A 246 -10.23 -15.81 -1.36
N THR A 247 -10.03 -17.11 -1.54
CA THR A 247 -10.73 -17.85 -2.61
C THR A 247 -12.24 -17.58 -2.61
N PRO A 248 -12.86 -17.49 -3.81
CA PRO A 248 -14.26 -17.12 -4.11
C PRO A 248 -15.31 -17.98 -3.41
N LEU A 249 -15.06 -19.28 -3.33
CA LEU A 249 -15.92 -20.15 -2.54
C LEU A 249 -15.74 -19.82 -1.06
N GLN A 250 -14.50 -19.96 -0.60
CA GLN A 250 -14.14 -19.86 0.82
C GLN A 250 -14.72 -18.64 1.53
N GLN A 251 -14.81 -17.52 0.85
CA GLN A 251 -15.25 -16.30 1.52
C GLN A 251 -16.74 -16.31 1.84
N LYS A 252 -17.55 -16.87 0.94
CA LYS A 252 -19.00 -16.95 1.20
C LYS A 252 -19.28 -17.90 2.37
N LEU A 253 -18.30 -18.76 2.62
CA LEU A 253 -18.37 -19.74 3.69
C LEU A 253 -17.57 -19.26 4.90
N ASP A 254 -17.31 -17.96 4.95
CA ASP A 254 -16.60 -17.37 6.08
C ASP A 254 -17.46 -16.30 6.71
N GLU A 255 -18.38 -15.76 5.93
CA GLU A 255 -19.37 -14.85 6.49
C GLU A 255 -20.69 -15.57 6.62
N PHE A 256 -20.70 -16.86 6.29
CA PHE A 256 -21.82 -17.71 6.67
C PHE A 256 -21.56 -18.29 8.05
N GLY A 257 -20.28 -18.47 8.35
CA GLY A 257 -19.87 -18.82 9.71
C GLY A 257 -19.94 -17.60 10.58
N GLU A 258 -20.19 -16.46 9.94
CA GLU A 258 -20.25 -15.19 10.62
C GLU A 258 -21.70 -14.86 10.92
N GLN A 259 -22.60 -15.30 10.06
CA GLN A 259 -24.02 -15.02 10.25
C GLN A 259 -24.68 -16.12 11.05
N LEU A 260 -24.16 -17.33 10.97
CA LEU A 260 -24.63 -18.44 11.80
C LEU A 260 -24.07 -18.29 13.23
N SER A 261 -22.90 -17.67 13.36
CA SER A 261 -22.32 -17.44 14.69
C SER A 261 -23.11 -16.40 15.48
N LYS A 262 -23.80 -15.54 14.75
CA LYS A 262 -24.65 -14.53 15.39
C LYS A 262 -26.03 -15.11 15.66
N VAL A 263 -26.39 -16.16 14.93
CA VAL A 263 -27.62 -16.89 15.25
C VAL A 263 -27.40 -17.68 16.53
N ILE A 264 -26.16 -18.17 16.72
CA ILE A 264 -25.78 -18.99 17.89
C ILE A 264 -25.83 -18.21 19.20
N SER A 265 -24.97 -17.21 19.32
CA SER A 265 -24.91 -16.38 20.50
C SER A 265 -26.29 -15.78 20.81
N LEU A 266 -27.06 -15.52 19.75
CA LEU A 266 -28.34 -14.81 19.87
C LEU A 266 -29.56 -15.71 19.97
N ILE A 267 -29.33 -17.03 19.99
CA ILE A 267 -30.40 -17.98 20.32
C ILE A 267 -30.08 -18.62 21.66
N CYS A 268 -28.93 -18.24 22.22
CA CYS A 268 -28.59 -18.59 23.59
C CYS A 268 -29.10 -17.48 24.51
N VAL A 269 -29.50 -16.38 23.91
CA VAL A 269 -30.25 -15.34 24.61
C VAL A 269 -31.75 -15.58 24.41
N ALA A 270 -32.11 -16.24 23.30
CA ALA A 270 -33.51 -16.57 23.02
C ALA A 270 -33.98 -17.68 23.96
N VAL A 271 -33.06 -18.26 24.72
CA VAL A 271 -33.40 -19.27 25.72
C VAL A 271 -33.52 -18.63 27.09
N TRP A 272 -32.62 -17.68 27.36
CA TRP A 272 -32.68 -16.87 28.55
C TRP A 272 -34.08 -16.25 28.71
N LEU A 273 -34.85 -16.19 27.62
CA LEU A 273 -36.16 -15.52 27.61
C LEU A 273 -37.34 -16.41 27.99
N ILE A 274 -37.42 -17.60 27.42
CA ILE A 274 -38.47 -18.55 27.78
C ILE A 274 -38.14 -19.21 29.12
N ASN A 275 -36.84 -19.42 29.38
CA ASN A 275 -36.39 -19.93 30.66
C ASN A 275 -36.31 -18.80 31.68
N ILE A 276 -35.19 -18.72 32.40
CA ILE A 276 -34.97 -17.70 33.44
C ILE A 276 -36.16 -17.50 34.38
N GLY A 277 -37.16 -18.37 34.27
CA GLY A 277 -38.33 -18.28 35.13
C GLY A 277 -37.92 -18.34 36.59
N HIS A 278 -36.72 -18.83 36.85
CA HIS A 278 -36.26 -19.05 38.22
C HIS A 278 -35.96 -17.79 39.04
N PHE A 279 -36.22 -16.61 38.47
CA PHE A 279 -36.10 -15.36 39.23
C PHE A 279 -37.47 -14.94 39.76
N ASN A 280 -38.49 -15.74 39.46
CA ASN A 280 -39.86 -15.39 39.82
C ASN A 280 -40.78 -16.54 40.28
N ASP A 281 -40.51 -17.78 39.87
CA ASP A 281 -41.40 -18.90 40.26
C ASP A 281 -40.83 -20.12 41.03
N PRO A 282 -39.67 -20.67 40.60
CA PRO A 282 -39.09 -21.85 41.27
C PRO A 282 -38.66 -21.63 42.72
N VAL A 283 -39.51 -20.95 43.49
CA VAL A 283 -39.37 -20.84 44.95
C VAL A 283 -37.96 -20.57 45.48
N HIS A 284 -37.13 -19.88 44.70
CA HIS A 284 -35.80 -19.42 45.16
C HIS A 284 -35.02 -20.53 45.89
N GLY A 285 -34.74 -21.61 45.18
CA GLY A 285 -33.97 -22.69 45.77
C GLY A 285 -34.32 -24.06 45.20
N GLY A 286 -33.53 -24.51 44.25
CA GLY A 286 -33.71 -25.83 43.67
C GLY A 286 -32.45 -26.25 42.95
N SER A 287 -31.53 -26.88 43.69
CA SER A 287 -30.21 -27.21 43.16
C SER A 287 -29.68 -26.07 42.28
N TRP A 288 -29.13 -25.04 42.92
CA TRP A 288 -28.72 -23.83 42.22
C TRP A 288 -27.68 -24.04 41.11
N ILE A 289 -26.85 -25.08 41.26
CA ILE A 289 -25.85 -25.44 40.26
C ILE A 289 -26.51 -25.98 38.99
N ARG A 290 -27.75 -26.44 39.13
CA ARG A 290 -28.52 -26.98 38.02
C ARG A 290 -28.80 -25.95 36.93
N GLY A 291 -28.57 -24.68 37.24
CA GLY A 291 -28.77 -23.59 36.29
C GLY A 291 -27.63 -23.47 35.28
N ALA A 292 -26.40 -23.47 35.79
CA ALA A 292 -25.22 -23.40 34.94
C ALA A 292 -25.00 -24.74 34.28
N ILE A 293 -25.60 -25.79 34.84
CA ILE A 293 -25.52 -27.13 34.26
C ILE A 293 -26.56 -27.33 33.15
N TYR A 294 -27.68 -26.62 33.22
CA TYR A 294 -28.70 -26.70 32.18
C TYR A 294 -28.45 -25.67 31.08
N TYR A 295 -28.20 -24.43 31.47
CA TYR A 295 -27.94 -23.36 30.51
C TYR A 295 -26.67 -23.61 29.68
N PHE A 296 -25.74 -24.36 30.27
CA PHE A 296 -24.46 -24.68 29.62
C PHE A 296 -24.49 -26.07 28.98
N LYS A 297 -25.46 -26.90 29.37
CA LYS A 297 -25.61 -28.21 28.79
C LYS A 297 -26.27 -28.08 27.42
N ILE A 298 -27.23 -27.17 27.32
CA ILE A 298 -27.93 -26.93 26.07
C ILE A 298 -27.40 -25.70 25.34
N ALA A 299 -26.36 -25.08 25.91
CA ALA A 299 -25.63 -24.02 25.21
C ALA A 299 -24.61 -24.66 24.29
N VAL A 300 -23.84 -25.59 24.86
CA VAL A 300 -22.90 -26.40 24.10
C VAL A 300 -23.63 -27.51 23.34
N ALA A 301 -24.95 -27.44 23.28
CA ALA A 301 -25.71 -28.37 22.46
C ALA A 301 -26.31 -27.66 21.26
N LEU A 302 -26.44 -26.34 21.38
CA LEU A 302 -26.88 -25.50 20.27
C LEU A 302 -25.67 -25.17 19.41
N ALA A 303 -24.53 -25.05 20.10
CA ALA A 303 -23.25 -24.95 19.42
C ALA A 303 -23.20 -26.08 18.41
N VAL A 304 -23.18 -27.33 18.89
CA VAL A 304 -22.97 -28.50 18.02
C VAL A 304 -24.17 -28.85 17.13
N ALA A 305 -25.36 -28.44 17.54
CA ALA A 305 -26.54 -28.63 16.69
C ALA A 305 -26.46 -27.77 15.42
N ALA A 306 -25.90 -26.57 15.54
CA ALA A 306 -25.89 -25.61 14.44
C ALA A 306 -24.76 -25.85 13.44
N ILE A 307 -23.53 -25.88 13.95
CA ILE A 307 -22.33 -26.14 13.15
C ILE A 307 -22.39 -27.49 12.40
N PRO A 308 -22.06 -27.50 11.09
CA PRO A 308 -21.91 -28.79 10.36
C PRO A 308 -20.48 -29.31 10.51
N GLU A 309 -20.22 -30.06 11.56
CA GLU A 309 -18.85 -30.42 11.86
C GLU A 309 -18.30 -31.23 10.71
N GLY A 310 -19.19 -31.97 10.05
CA GLY A 310 -18.77 -32.85 8.98
C GLY A 310 -18.25 -32.13 7.75
N LEU A 311 -18.76 -30.92 7.54
CA LEU A 311 -18.64 -30.18 6.27
C LEU A 311 -17.24 -29.94 5.72
N PRO A 312 -16.31 -29.49 6.56
CA PRO A 312 -14.90 -29.42 6.14
C PRO A 312 -14.43 -30.73 5.47
N ALA A 313 -14.56 -31.83 6.19
CA ALA A 313 -14.17 -33.13 5.66
C ALA A 313 -14.94 -33.49 4.38
N VAL A 314 -16.23 -33.18 4.31
CA VAL A 314 -17.00 -33.53 3.12
C VAL A 314 -16.47 -32.78 1.90
N ILE A 315 -16.33 -31.48 2.09
CA ILE A 315 -15.90 -30.55 1.08
C ILE A 315 -14.50 -30.92 0.64
N THR A 316 -13.61 -31.09 1.61
CA THR A 316 -12.20 -31.38 1.34
C THR A 316 -12.03 -32.80 0.81
N THR A 317 -13.09 -33.35 0.25
CA THR A 317 -13.07 -34.71 -0.25
C THR A 317 -13.79 -34.65 -1.60
N CYS A 318 -14.59 -33.60 -1.79
CA CYS A 318 -15.23 -33.33 -3.06
C CYS A 318 -14.16 -32.74 -3.96
N LEU A 319 -13.26 -31.99 -3.32
CA LEU A 319 -12.16 -31.37 -4.01
C LEU A 319 -11.16 -32.43 -4.35
N ALA A 320 -10.74 -33.20 -3.36
CA ALA A 320 -9.70 -34.19 -3.59
C ALA A 320 -10.14 -35.20 -4.66
N LEU A 321 -11.45 -35.42 -4.71
CA LEU A 321 -12.01 -36.34 -5.69
C LEU A 321 -11.83 -35.81 -7.09
N GLY A 322 -12.07 -34.50 -7.25
CA GLY A 322 -11.84 -33.78 -8.49
C GLY A 322 -10.35 -33.57 -8.80
N THR A 323 -9.57 -33.30 -7.78
CA THR A 323 -8.13 -33.17 -7.95
C THR A 323 -7.54 -34.41 -8.60
N ARG A 324 -7.98 -35.59 -8.14
CA ARG A 324 -7.53 -36.85 -8.69
C ARG A 324 -8.21 -37.18 -10.03
N ARG A 325 -9.33 -36.54 -10.33
CA ARG A 325 -9.97 -36.71 -11.64
C ARG A 325 -9.25 -35.86 -12.69
N MET A 326 -8.74 -34.71 -12.24
CA MET A 326 -7.96 -33.75 -13.02
C MET A 326 -6.57 -34.29 -13.25
N ALA A 327 -6.02 -34.88 -12.21
CA ALA A 327 -4.76 -35.58 -12.33
C ALA A 327 -4.67 -36.52 -13.56
N LYS A 328 -5.81 -37.05 -13.99
CA LYS A 328 -5.81 -38.06 -15.05
C LYS A 328 -5.90 -37.42 -16.42
N LYS A 329 -6.07 -36.07 -16.41
CA LYS A 329 -5.99 -35.20 -17.61
C LYS A 329 -4.61 -34.52 -17.69
N ASN A 330 -3.76 -34.95 -16.76
CA ASN A 330 -2.42 -34.42 -16.52
C ASN A 330 -2.45 -32.99 -16.04
N ALA A 331 -3.60 -32.59 -15.51
CA ALA A 331 -3.77 -31.36 -14.78
C ALA A 331 -3.50 -31.60 -13.32
N ILE A 332 -2.30 -31.26 -12.91
CA ILE A 332 -1.89 -31.37 -11.53
C ILE A 332 -2.26 -30.14 -10.70
N VAL A 333 -3.34 -30.27 -9.92
CA VAL A 333 -3.78 -29.25 -8.98
C VAL A 333 -2.93 -29.21 -7.71
N ARG A 334 -2.53 -28.01 -7.29
CA ARG A 334 -1.56 -27.85 -6.20
C ARG A 334 -2.25 -27.35 -4.94
N SER A 335 -3.30 -26.56 -5.13
CA SER A 335 -4.08 -25.97 -4.04
C SER A 335 -5.49 -26.51 -4.23
N LEU A 336 -5.96 -27.30 -3.28
CA LEU A 336 -7.22 -28.04 -3.46
C LEU A 336 -8.42 -27.21 -3.92
N PRO A 337 -8.72 -26.09 -3.21
CA PRO A 337 -9.88 -25.22 -3.47
C PRO A 337 -10.01 -24.66 -4.89
N SER A 338 -8.90 -24.67 -5.63
CA SER A 338 -8.83 -23.93 -6.89
C SER A 338 -9.45 -24.70 -8.05
N VAL A 339 -9.54 -26.04 -7.93
CA VAL A 339 -10.31 -26.86 -8.88
C VAL A 339 -11.74 -26.33 -9.15
N GLU A 340 -12.36 -25.73 -8.12
CA GLU A 340 -13.67 -25.08 -8.21
C GLU A 340 -13.55 -23.74 -8.91
N THR A 341 -12.71 -22.87 -8.34
CA THR A 341 -12.61 -21.47 -8.77
C THR A 341 -12.43 -21.31 -10.29
N LEU A 342 -11.90 -22.32 -10.95
CA LEU A 342 -11.83 -22.27 -12.40
C LEU A 342 -13.22 -22.20 -13.08
N GLY A 343 -14.23 -22.88 -12.56
CA GLY A 343 -15.55 -22.87 -13.19
C GLY A 343 -16.25 -21.50 -13.25
N CYS A 344 -16.07 -20.70 -12.21
CA CYS A 344 -16.69 -19.37 -12.16
C CYS A 344 -15.91 -18.24 -12.88
N THR A 345 -14.77 -18.61 -13.45
CA THR A 345 -13.91 -17.69 -14.18
C THR A 345 -14.64 -17.11 -15.38
N SER A 346 -14.47 -15.81 -15.57
CA SER A 346 -15.10 -15.11 -16.69
C SER A 346 -14.04 -14.60 -17.66
N VAL A 347 -12.82 -14.43 -17.16
CA VAL A 347 -11.73 -14.06 -18.03
C VAL A 347 -10.56 -14.97 -17.86
N ILE A 348 -9.96 -15.38 -18.99
CA ILE A 348 -8.67 -16.03 -18.98
C ILE A 348 -7.59 -15.21 -19.68
N CYS A 349 -6.54 -14.83 -18.94
CA CYS A 349 -5.41 -14.10 -19.50
C CYS A 349 -4.37 -15.11 -19.88
N SER A 350 -3.69 -14.87 -20.99
CA SER A 350 -2.77 -15.86 -21.46
C SER A 350 -1.45 -15.27 -21.99
N ASP A 351 -0.34 -15.76 -21.43
CA ASP A 351 0.98 -15.69 -22.07
C ASP A 351 0.85 -16.33 -23.47
N LYS A 352 1.59 -15.79 -24.45
CA LYS A 352 1.57 -16.37 -25.79
C LYS A 352 2.60 -17.49 -25.99
N THR A 353 3.87 -17.15 -25.82
CA THR A 353 4.91 -18.01 -26.31
C THR A 353 5.17 -19.09 -25.31
N GLY A 354 5.11 -20.33 -25.81
CA GLY A 354 5.20 -21.55 -25.02
C GLY A 354 3.92 -22.02 -24.32
N THR A 355 2.89 -21.19 -24.43
CA THR A 355 1.59 -21.41 -23.82
C THR A 355 0.53 -21.63 -24.90
N LEU A 356 0.17 -20.54 -25.58
CA LEU A 356 -0.73 -20.62 -26.71
C LEU A 356 -0.02 -21.15 -27.93
N THR A 357 1.32 -21.15 -27.90
CA THR A 357 2.15 -21.52 -29.05
C THR A 357 3.16 -22.47 -28.51
N THR A 358 3.77 -23.24 -29.41
CA THR A 358 4.71 -24.33 -29.05
C THR A 358 6.05 -23.78 -28.66
N ASN A 359 6.42 -22.63 -29.19
CA ASN A 359 7.73 -22.09 -28.93
C ASN A 359 8.79 -22.95 -29.61
N GLN A 360 8.53 -23.17 -30.88
CA GLN A 360 9.45 -23.81 -31.73
C GLN A 360 9.35 -23.08 -33.04
N MET A 361 10.29 -22.17 -33.21
CA MET A 361 10.44 -21.46 -34.44
C MET A 361 10.23 -22.40 -35.65
N SER A 362 9.19 -22.11 -36.44
CA SER A 362 8.87 -22.93 -37.61
C SER A 362 8.94 -22.23 -39.00
N VAL A 363 9.73 -22.74 -39.94
CA VAL A 363 9.64 -22.18 -41.29
C VAL A 363 8.39 -22.79 -41.92
N CYS A 364 7.33 -22.00 -42.06
CA CYS A 364 6.07 -22.47 -42.69
C CYS A 364 5.87 -22.09 -44.17
N LYS A 365 6.71 -21.20 -44.68
CA LYS A 365 6.65 -20.78 -46.07
C LYS A 365 8.03 -20.52 -46.64
N MET A 366 8.20 -20.79 -47.92
CA MET A 366 9.41 -20.44 -48.61
C MET A 366 9.14 -20.33 -50.10
N PHE A 367 9.76 -19.34 -50.76
CA PHE A 367 9.72 -19.31 -52.21
C PHE A 367 11.07 -19.27 -52.90
N ILE A 368 11.04 -19.69 -54.16
CA ILE A 368 12.16 -19.51 -55.05
C ILE A 368 11.71 -18.83 -56.34
N ILE A 369 12.64 -18.56 -57.22
CA ILE A 369 12.27 -18.12 -58.57
C ILE A 369 11.71 -19.31 -59.41
N ASP A 370 10.66 -19.05 -60.17
CA ASP A 370 10.04 -20.04 -61.05
C ASP A 370 10.38 -19.79 -62.54
N LYS A 371 9.97 -18.63 -63.04
CA LYS A 371 10.20 -18.24 -64.45
C LYS A 371 10.54 -16.75 -64.52
N VAL A 372 11.42 -16.40 -65.46
CA VAL A 372 11.79 -15.01 -65.70
C VAL A 372 11.92 -14.77 -67.20
N ASP A 373 11.15 -13.82 -67.72
CA ASP A 373 11.46 -13.25 -69.02
C ASP A 373 10.84 -11.87 -69.17
N GLY A 374 11.69 -10.92 -69.50
CA GLY A 374 11.24 -9.57 -69.72
C GLY A 374 10.77 -8.99 -68.42
N ASP A 375 9.52 -8.56 -68.40
CA ASP A 375 8.96 -7.81 -67.27
C ASP A 375 8.25 -8.74 -66.31
N PHE A 376 8.34 -10.03 -66.61
CA PHE A 376 7.56 -11.00 -65.89
C PHE A 376 8.40 -11.91 -65.02
N CYS A 377 8.04 -11.95 -63.74
CA CYS A 377 8.65 -12.88 -62.80
C CYS A 377 7.59 -13.73 -62.06
N SER A 378 7.61 -15.04 -62.28
CA SER A 378 6.84 -15.90 -61.38
C SER A 378 7.78 -16.57 -60.36
N LEU A 379 7.28 -16.73 -59.13
CA LEU A 379 7.91 -17.52 -58.06
C LEU A 379 7.30 -18.91 -57.87
N ASN A 380 8.13 -19.88 -57.52
CA ASN A 380 7.61 -21.08 -56.86
C ASN A 380 7.45 -20.80 -55.37
N GLU A 381 6.22 -20.83 -54.86
CA GLU A 381 6.01 -20.76 -53.42
C GLU A 381 5.53 -22.07 -52.78
N PHE A 382 6.07 -22.35 -51.60
CA PHE A 382 5.77 -23.58 -50.90
C PHE A 382 5.20 -23.30 -49.53
N SER A 383 4.75 -24.35 -48.87
CA SER A 383 4.33 -24.27 -47.46
C SER A 383 4.78 -25.57 -46.83
N ILE A 384 5.11 -25.50 -45.54
CA ILE A 384 5.75 -26.59 -44.85
C ILE A 384 4.90 -26.82 -43.58
N THR A 385 4.49 -28.06 -43.39
CA THR A 385 3.64 -28.36 -42.24
C THR A 385 4.55 -28.69 -41.05
N GLY A 386 3.99 -28.69 -39.86
CA GLY A 386 4.83 -28.91 -38.70
C GLY A 386 4.99 -27.69 -37.83
N SER A 387 4.67 -27.86 -36.54
CA SER A 387 4.74 -26.77 -35.57
C SER A 387 5.73 -27.07 -34.41
N THR A 388 6.74 -27.88 -34.73
CA THR A 388 7.57 -28.49 -33.73
C THR A 388 8.95 -28.58 -34.37
N TYR A 389 10.02 -28.64 -33.56
CA TYR A 389 11.42 -28.89 -34.04
C TYR A 389 11.62 -30.28 -34.57
N ALA A 390 10.70 -31.21 -34.32
CA ALA A 390 10.78 -32.51 -34.96
C ALA A 390 10.77 -32.35 -36.45
N PRO A 391 11.60 -33.16 -37.12
CA PRO A 391 11.61 -33.37 -38.58
C PRO A 391 10.36 -34.15 -39.02
N GLU A 392 9.21 -33.68 -38.54
CA GLU A 392 7.93 -34.20 -38.96
C GLU A 392 7.14 -33.00 -39.47
N GLY A 393 6.64 -33.19 -40.69
CA GLY A 393 5.92 -32.20 -41.44
C GLY A 393 6.25 -32.44 -42.90
N GLU A 394 5.47 -31.88 -43.80
CA GLU A 394 5.75 -32.06 -45.22
C GLU A 394 5.72 -30.75 -45.98
N VAL A 395 6.51 -30.68 -47.07
CA VAL A 395 6.56 -29.51 -47.99
C VAL A 395 5.48 -29.55 -49.08
N LEU A 396 4.61 -28.53 -49.10
CA LEU A 396 3.46 -28.51 -49.99
C LEU A 396 3.60 -27.41 -51.00
N LYS A 397 3.28 -27.71 -52.25
CA LYS A 397 3.13 -26.65 -53.22
C LYS A 397 1.65 -26.78 -53.60
N ASN A 398 0.91 -25.67 -53.52
CA ASN A 398 -0.55 -25.66 -53.73
C ASN A 398 -1.35 -26.65 -52.84
N ASP A 399 -0.95 -26.75 -51.57
CA ASP A 399 -1.66 -27.58 -50.59
C ASP A 399 -1.52 -29.06 -50.86
N LYS A 400 -1.05 -29.39 -52.06
CA LYS A 400 -0.59 -30.74 -52.38
C LYS A 400 0.93 -30.97 -52.14
N PRO A 401 1.27 -32.04 -51.41
CA PRO A 401 2.60 -32.60 -51.14
C PRO A 401 3.44 -32.69 -52.37
N ILE A 402 4.72 -32.30 -52.27
CA ILE A 402 5.73 -32.48 -53.34
C ILE A 402 7.05 -33.00 -52.74
N ARG A 403 7.97 -33.44 -53.61
CA ARG A 403 9.36 -33.74 -53.23
C ARG A 403 10.27 -32.51 -53.43
N SER A 404 10.97 -32.08 -52.39
CA SER A 404 11.76 -30.88 -52.53
C SER A 404 12.90 -31.08 -53.54
N GLY A 405 13.46 -32.29 -53.60
CA GLY A 405 14.54 -32.56 -54.54
C GLY A 405 14.18 -32.42 -56.01
N GLN A 406 12.87 -32.40 -56.34
CA GLN A 406 12.39 -32.21 -57.72
C GLN A 406 12.63 -30.77 -58.15
N PHE A 407 13.17 -29.96 -57.23
CA PHE A 407 13.39 -28.52 -57.46
C PHE A 407 14.83 -28.14 -57.18
N ASP A 408 15.56 -27.77 -58.21
CA ASP A 408 16.95 -27.36 -58.02
C ASP A 408 17.00 -26.13 -57.13
N GLY A 409 15.93 -25.32 -57.16
CA GLY A 409 15.86 -24.11 -56.35
C GLY A 409 15.94 -24.41 -54.85
N LEU A 410 15.08 -25.32 -54.41
CA LEU A 410 15.07 -25.89 -53.06
C LEU A 410 16.32 -26.66 -52.69
N VAL A 411 16.97 -27.33 -53.64
CA VAL A 411 18.21 -28.00 -53.30
C VAL A 411 19.24 -26.97 -52.79
N GLU A 412 19.22 -25.78 -53.37
CA GLU A 412 20.20 -24.77 -52.99
C GLU A 412 19.77 -24.08 -51.73
N LEU A 413 18.44 -23.85 -51.65
CA LEU A 413 17.80 -23.29 -50.48
C LEU A 413 18.26 -24.07 -49.28
N ALA A 414 17.94 -25.36 -49.32
CA ALA A 414 18.31 -26.33 -48.31
C ALA A 414 19.81 -26.28 -47.94
N THR A 415 20.67 -26.41 -48.94
CA THR A 415 22.10 -26.22 -48.74
C THR A 415 22.54 -24.94 -47.97
N ILE A 416 22.17 -23.77 -48.47
CA ILE A 416 22.42 -22.52 -47.78
C ILE A 416 21.94 -22.63 -46.33
N CYS A 417 20.82 -23.34 -46.13
CA CYS A 417 20.18 -23.48 -44.82
C CYS A 417 20.95 -24.35 -43.87
N ALA A 418 21.65 -25.32 -44.43
CA ALA A 418 22.35 -26.32 -43.64
C ALA A 418 23.72 -25.79 -43.27
N LEU A 419 24.27 -24.99 -44.19
CA LEU A 419 25.66 -24.62 -44.06
C LEU A 419 25.77 -23.25 -43.41
N CYS A 420 24.89 -22.35 -43.79
CA CYS A 420 24.89 -21.07 -43.14
C CYS A 420 24.08 -21.14 -41.83
N ASN A 421 24.66 -21.79 -40.84
CA ASN A 421 23.87 -22.33 -39.76
C ASN A 421 24.71 -22.91 -38.67
N ASP A 422 24.63 -22.32 -37.49
CA ASP A 422 25.44 -22.77 -36.37
C ASP A 422 24.69 -23.66 -35.43
N SER A 423 23.39 -23.84 -35.70
CA SER A 423 22.49 -24.65 -34.85
C SER A 423 22.51 -26.10 -35.24
N SER A 424 21.67 -26.87 -34.59
CA SER A 424 21.82 -28.30 -34.66
C SER A 424 20.68 -28.87 -33.83
N LEU A 425 20.08 -29.95 -34.31
CA LEU A 425 18.90 -30.55 -33.68
C LEU A 425 19.38 -31.73 -32.86
N ASP A 426 18.84 -31.91 -31.65
CA ASP A 426 19.24 -32.98 -30.72
C ASP A 426 17.98 -33.71 -30.22
N PHE A 427 17.98 -35.04 -30.31
CA PHE A 427 16.90 -35.78 -29.73
C PHE A 427 17.23 -36.13 -28.29
N ASN A 428 16.56 -35.46 -27.33
CA ASN A 428 16.66 -35.78 -25.89
C ASN A 428 15.97 -37.10 -25.63
N GLU A 429 16.73 -38.17 -25.37
CA GLU A 429 16.14 -39.51 -25.25
C GLU A 429 15.30 -39.69 -23.98
N THR A 430 15.70 -39.00 -22.91
CA THR A 430 14.94 -38.93 -21.66
C THR A 430 13.55 -38.30 -21.72
N LYS A 431 13.50 -37.07 -22.22
CA LYS A 431 12.24 -36.35 -22.43
C LYS A 431 11.50 -36.98 -23.60
N GLY A 432 12.23 -37.67 -24.45
CA GLY A 432 11.62 -38.36 -25.57
C GLY A 432 11.22 -37.42 -26.68
N VAL A 433 11.96 -36.34 -26.86
CA VAL A 433 11.52 -35.30 -27.75
C VAL A 433 12.71 -34.52 -28.37
N TYR A 434 12.57 -34.02 -29.61
CA TYR A 434 13.62 -33.22 -30.25
C TYR A 434 13.69 -31.82 -29.71
N GLU A 435 14.91 -31.40 -29.43
CA GLU A 435 15.20 -30.12 -28.81
C GLU A 435 16.18 -29.39 -29.69
N LYS A 436 16.31 -28.10 -29.48
CA LYS A 436 17.24 -27.36 -30.31
C LYS A 436 18.60 -27.26 -29.59
N VAL A 437 19.68 -27.14 -30.36
CA VAL A 437 20.94 -26.64 -29.86
C VAL A 437 21.28 -25.41 -30.69
N GLY A 438 21.20 -24.25 -30.04
CA GLY A 438 21.47 -23.06 -30.81
C GLY A 438 20.31 -22.09 -30.81
N GLU A 439 20.40 -21.10 -31.68
CA GLU A 439 19.35 -20.12 -31.80
C GLU A 439 18.11 -20.79 -32.36
N ALA A 440 16.95 -20.40 -31.83
CA ALA A 440 15.70 -20.91 -32.32
C ALA A 440 15.59 -20.66 -33.80
N THR A 441 16.00 -19.47 -34.22
CA THR A 441 15.85 -19.08 -35.62
C THR A 441 16.74 -19.90 -36.53
N GLU A 442 17.96 -20.18 -36.10
CA GLU A 442 18.81 -21.05 -36.88
C GLU A 442 18.31 -22.51 -36.84
N THR A 443 18.09 -23.06 -35.63
CA THR A 443 17.44 -24.39 -35.41
C THR A 443 16.17 -24.64 -36.28
N ALA A 444 15.44 -23.57 -36.60
CA ALA A 444 14.30 -23.65 -37.50
C ALA A 444 14.67 -24.16 -38.90
N LEU A 445 15.83 -23.70 -39.39
CA LEU A 445 16.39 -24.05 -40.71
C LEU A 445 16.94 -25.45 -40.70
N THR A 446 17.46 -25.84 -39.55
CA THR A 446 17.97 -27.18 -39.42
C THR A 446 16.87 -28.16 -39.66
N THR A 447 15.78 -27.93 -38.96
CA THR A 447 14.58 -28.74 -39.03
C THR A 447 13.95 -28.66 -40.40
N LEU A 448 14.00 -27.48 -41.02
CA LEU A 448 13.48 -27.29 -42.36
C LEU A 448 14.24 -28.19 -43.31
N VAL A 449 15.56 -28.33 -43.11
CA VAL A 449 16.34 -29.10 -44.09
C VAL A 449 16.10 -30.61 -43.95
N GLU A 450 15.82 -31.02 -42.71
CA GLU A 450 15.42 -32.37 -42.34
C GLU A 450 14.10 -32.70 -42.99
N LYS A 451 13.05 -31.96 -42.64
CA LYS A 451 11.75 -32.05 -43.31
C LYS A 451 11.93 -32.07 -44.85
N MET A 452 12.79 -31.20 -45.39
CA MET A 452 12.84 -31.01 -46.86
C MET A 452 13.40 -32.20 -47.60
N ASN A 453 14.49 -32.76 -47.06
CA ASN A 453 15.23 -33.89 -47.62
C ASN A 453 15.41 -33.87 -49.14
N VAL A 454 16.31 -32.98 -49.60
CA VAL A 454 16.45 -32.67 -51.00
C VAL A 454 17.27 -33.68 -51.76
N PHE A 455 17.99 -34.54 -51.05
CA PHE A 455 18.74 -35.61 -51.72
C PHE A 455 18.02 -36.92 -51.64
N ASN A 456 16.76 -36.81 -51.22
CA ASN A 456 15.82 -37.91 -51.09
C ASN A 456 16.47 -39.11 -50.38
N THR A 457 17.24 -38.80 -49.34
CA THR A 457 17.90 -39.78 -48.51
C THR A 457 16.91 -40.71 -47.82
N GLU A 458 17.25 -41.99 -47.68
CA GLU A 458 16.39 -42.87 -46.89
C GLU A 458 16.53 -42.64 -45.37
N VAL A 459 15.42 -42.26 -44.71
CA VAL A 459 15.42 -41.79 -43.30
C VAL A 459 14.46 -42.54 -42.38
N ARG A 460 13.54 -43.27 -43.01
CA ARG A 460 12.52 -44.06 -42.33
C ARG A 460 13.11 -45.02 -41.32
N ASN A 461 14.01 -45.88 -41.78
CA ASN A 461 14.72 -46.84 -40.92
C ASN A 461 15.60 -46.26 -39.77
N LEU A 462 15.63 -44.94 -39.58
CA LEU A 462 16.62 -44.33 -38.66
C LEU A 462 16.11 -44.22 -37.25
N SER A 463 16.99 -44.43 -36.29
CA SER A 463 16.65 -44.14 -34.89
C SER A 463 16.35 -42.66 -34.79
N LYS A 464 15.57 -42.29 -33.76
CA LYS A 464 15.15 -40.91 -33.63
C LYS A 464 16.43 -40.09 -33.43
N VAL A 465 17.22 -40.45 -32.41
CA VAL A 465 18.61 -39.98 -32.20
C VAL A 465 19.39 -39.60 -33.45
N GLU A 466 19.44 -40.54 -34.37
CA GLU A 466 20.15 -40.39 -35.63
C GLU A 466 19.36 -39.64 -36.73
N ARG A 467 18.06 -39.50 -36.53
CA ARG A 467 17.21 -38.90 -37.56
C ARG A 467 17.27 -37.38 -37.40
N ALA A 468 17.63 -36.98 -36.18
CA ALA A 468 17.82 -35.58 -35.80
C ALA A 468 18.52 -34.70 -36.86
N ASN A 469 19.70 -35.11 -37.32
CA ASN A 469 20.51 -34.27 -38.19
C ASN A 469 20.82 -35.00 -39.48
N ALA A 470 20.16 -36.11 -39.72
CA ALA A 470 20.41 -36.91 -40.93
C ALA A 470 20.63 -36.18 -42.26
N CYS A 471 19.66 -35.38 -42.68
CA CYS A 471 19.71 -34.66 -43.96
C CYS A 471 20.73 -33.52 -43.93
N ASN A 472 20.72 -32.79 -42.83
CA ASN A 472 21.81 -31.85 -42.59
C ASN A 472 23.18 -32.45 -42.83
N SER A 473 23.47 -33.59 -42.21
CA SER A 473 24.75 -34.26 -42.36
C SER A 473 25.14 -34.55 -43.80
N VAL A 474 24.19 -35.02 -44.59
CA VAL A 474 24.40 -35.20 -46.03
C VAL A 474 24.95 -33.95 -46.71
N ILE A 475 24.20 -32.86 -46.66
CA ILE A 475 24.68 -31.59 -47.20
C ILE A 475 26.09 -31.19 -46.74
N ARG A 476 26.47 -31.47 -45.49
CA ARG A 476 27.79 -31.00 -45.04
C ARG A 476 28.92 -31.95 -45.34
N GLN A 477 28.59 -33.06 -45.99
CA GLN A 477 29.57 -33.99 -46.52
C GLN A 477 29.86 -33.58 -47.94
N LEU A 478 28.92 -32.85 -48.54
CA LEU A 478 29.10 -32.25 -49.88
C LEU A 478 30.01 -31.02 -49.97
N MET A 479 29.87 -30.11 -49.03
CA MET A 479 30.61 -28.88 -49.05
C MET A 479 31.35 -28.71 -47.71
N LYS A 480 32.65 -28.58 -47.78
CA LYS A 480 33.44 -28.30 -46.58
C LYS A 480 33.31 -26.82 -46.14
N LYS A 481 32.73 -26.59 -44.97
CA LYS A 481 32.69 -25.22 -44.44
C LYS A 481 34.07 -24.78 -44.00
N GLU A 482 34.61 -23.79 -44.72
CA GLU A 482 35.98 -23.39 -44.57
C GLU A 482 36.08 -22.53 -43.35
N PHE A 483 35.30 -21.48 -43.33
CA PHE A 483 35.26 -20.59 -42.18
C PHE A 483 33.92 -19.95 -42.31
N THR A 484 33.57 -19.16 -41.31
CA THR A 484 32.28 -18.50 -41.33
C THR A 484 32.43 -17.02 -40.95
N LEU A 485 31.87 -16.17 -41.81
CA LEU A 485 31.71 -14.73 -41.55
C LEU A 485 30.48 -14.37 -40.69
N GLU A 486 30.72 -14.21 -39.40
CA GLU A 486 29.68 -13.94 -38.42
C GLU A 486 28.82 -12.72 -38.70
N PHE A 487 27.56 -12.86 -38.35
CA PHE A 487 26.59 -11.78 -38.36
C PHE A 487 27.22 -10.56 -37.72
N SER A 488 26.97 -9.39 -38.35
CA SER A 488 27.25 -8.05 -37.77
C SER A 488 26.04 -7.13 -37.84
N ARG A 489 25.85 -6.29 -36.84
CA ARG A 489 24.75 -5.30 -36.91
C ARG A 489 24.75 -4.41 -38.17
N ASP A 490 25.93 -4.04 -38.67
CA ASP A 490 26.06 -3.16 -39.84
C ASP A 490 25.32 -3.74 -41.03
N ARG A 491 25.57 -5.02 -41.30
CA ARG A 491 25.13 -5.63 -42.56
C ARG A 491 23.93 -6.53 -42.47
N LYS A 492 23.52 -6.85 -41.24
CA LYS A 492 22.31 -7.65 -41.02
C LYS A 492 22.31 -8.97 -41.83
N SER A 493 23.43 -9.68 -41.75
CA SER A 493 23.56 -10.96 -42.41
C SER A 493 24.81 -11.60 -41.95
N MET A 494 25.01 -12.80 -42.45
CA MET A 494 26.09 -13.65 -42.02
C MET A 494 26.28 -14.60 -43.16
N SER A 495 27.45 -15.21 -43.19
CA SER A 495 27.67 -16.15 -44.25
C SER A 495 28.81 -17.12 -43.96
N VAL A 496 29.11 -17.90 -44.98
CA VAL A 496 29.90 -19.09 -44.78
C VAL A 496 30.71 -19.42 -46.04
N TYR A 497 32.02 -19.54 -45.88
CA TYR A 497 32.88 -19.77 -47.03
C TYR A 497 33.14 -21.27 -47.13
N CYS A 498 32.79 -21.84 -48.27
CA CYS A 498 32.70 -23.31 -48.46
C CYS A 498 33.44 -23.86 -49.67
N SER A 499 34.13 -24.98 -49.48
CA SER A 499 34.85 -25.66 -50.58
C SER A 499 34.26 -27.03 -50.94
N PRO A 500 34.34 -27.44 -52.21
CA PRO A 500 33.81 -28.78 -52.48
C PRO A 500 34.61 -29.89 -51.78
N ALA A 501 33.96 -31.04 -51.63
CA ALA A 501 34.52 -32.17 -50.90
C ALA A 501 35.15 -33.22 -51.84
N LYS A 502 34.65 -33.28 -53.08
CA LYS A 502 34.91 -34.43 -53.95
C LYS A 502 35.85 -34.14 -55.11
N SER A 503 35.83 -32.92 -55.62
CA SER A 503 36.36 -32.65 -56.95
C SER A 503 37.87 -32.46 -57.03
N SER A 504 38.56 -33.43 -57.63
CA SER A 504 39.99 -33.33 -57.94
C SER A 504 40.19 -32.45 -59.20
N ARG A 505 39.07 -32.18 -59.88
CA ARG A 505 39.05 -31.63 -61.24
C ARG A 505 39.94 -30.42 -61.61
N ALA A 506 40.30 -29.61 -60.62
CA ALA A 506 41.01 -28.34 -60.85
C ALA A 506 40.00 -27.21 -61.09
N ALA A 507 38.72 -27.54 -60.91
CA ALA A 507 37.65 -26.56 -60.93
C ALA A 507 37.13 -26.36 -59.50
N VAL A 508 37.34 -25.16 -58.97
CA VAL A 508 36.92 -24.85 -57.60
C VAL A 508 35.48 -24.35 -57.53
N GLY A 509 34.58 -25.24 -57.09
CA GLY A 509 33.21 -24.84 -56.86
C GLY A 509 33.12 -23.92 -55.66
N ASN A 510 34.26 -23.39 -55.20
CA ASN A 510 34.30 -22.54 -53.99
C ASN A 510 33.15 -21.54 -53.93
N LYS A 511 32.51 -21.45 -52.77
CA LYS A 511 31.24 -20.73 -52.64
C LYS A 511 31.01 -20.15 -51.25
N MET A 512 30.42 -18.96 -51.19
CA MET A 512 29.94 -18.41 -49.91
C MET A 512 28.43 -18.46 -49.88
N PHE A 513 27.89 -18.92 -48.76
CA PHE A 513 26.43 -19.02 -48.62
C PHE A 513 25.94 -17.99 -47.61
N VAL A 514 24.98 -17.16 -48.01
CA VAL A 514 24.55 -16.07 -47.16
C VAL A 514 23.09 -16.14 -46.74
N LYS A 515 22.81 -15.80 -45.49
CA LYS A 515 21.44 -15.51 -45.08
C LYS A 515 21.32 -14.18 -44.32
N GLY A 516 20.17 -13.55 -44.41
CA GLY A 516 19.98 -12.37 -43.59
C GLY A 516 18.73 -11.57 -43.90
N ALA A 517 18.63 -10.45 -43.18
CA ALA A 517 17.70 -9.36 -43.45
C ALA A 517 17.45 -9.33 -44.95
N PRO A 518 16.19 -9.53 -45.40
CA PRO A 518 15.92 -9.62 -46.84
C PRO A 518 16.32 -8.35 -47.66
N GLU A 519 15.96 -7.16 -47.17
CA GLU A 519 16.34 -5.95 -47.89
C GLU A 519 17.83 -5.89 -48.15
N GLY A 520 18.62 -5.96 -47.08
CA GLY A 520 20.07 -5.96 -47.14
C GLY A 520 20.70 -6.92 -48.14
N VAL A 521 20.35 -8.19 -48.03
CA VAL A 521 20.86 -9.23 -48.92
C VAL A 521 20.41 -9.07 -50.38
N ILE A 522 19.16 -8.68 -50.61
CA ILE A 522 18.69 -8.54 -51.99
C ILE A 522 19.36 -7.39 -52.73
N ASP A 523 19.70 -6.34 -52.00
CA ASP A 523 20.46 -5.24 -52.57
C ASP A 523 21.81 -5.69 -53.12
N ARG A 524 22.49 -6.57 -52.39
CA ARG A 524 23.82 -7.07 -52.76
C ARG A 524 23.78 -8.33 -53.66
N CYS A 525 22.68 -8.45 -54.41
CA CYS A 525 22.46 -9.55 -55.33
C CYS A 525 22.43 -9.05 -56.75
N ASN A 526 23.39 -9.45 -57.55
CA ASN A 526 23.34 -9.04 -58.97
C ASN A 526 22.63 -10.07 -59.82
N TYR A 527 22.63 -11.31 -59.38
CA TYR A 527 21.93 -12.26 -60.18
C TYR A 527 20.79 -12.82 -59.36
N VAL A 528 20.08 -13.75 -59.99
CA VAL A 528 18.92 -14.42 -59.47
C VAL A 528 19.05 -15.85 -59.98
N ARG A 529 19.14 -16.84 -59.09
CA ARG A 529 19.18 -18.21 -59.60
C ARG A 529 17.82 -18.78 -60.04
N VAL A 530 17.77 -19.39 -61.22
CA VAL A 530 16.51 -19.95 -61.73
C VAL A 530 16.57 -21.46 -61.91
N GLY A 531 16.68 -22.16 -60.79
CA GLY A 531 16.94 -23.57 -60.81
C GLY A 531 18.44 -23.77 -60.77
N THR A 532 18.98 -24.17 -61.91
CA THR A 532 20.43 -24.32 -62.06
C THR A 532 21.03 -23.09 -62.76
N THR A 533 20.17 -22.32 -63.42
CA THR A 533 20.59 -21.23 -64.27
C THR A 533 20.79 -19.97 -63.44
N ARG A 534 21.52 -19.00 -63.98
CA ARG A 534 21.73 -17.69 -63.36
C ARG A 534 21.37 -16.59 -64.35
N VAL A 535 20.54 -15.64 -63.92
CA VAL A 535 20.16 -14.50 -64.77
C VAL A 535 20.28 -13.13 -64.07
N PRO A 536 20.35 -12.05 -64.86
CA PRO A 536 20.56 -10.81 -64.13
C PRO A 536 19.38 -10.41 -63.26
N MET A 537 19.71 -9.79 -62.14
CA MET A 537 18.72 -9.17 -61.28
C MET A 537 18.25 -7.90 -61.93
N THR A 538 17.19 -8.01 -62.71
CA THR A 538 16.50 -6.86 -63.28
C THR A 538 15.73 -6.11 -62.15
N GLY A 539 15.10 -4.99 -62.46
CA GLY A 539 14.32 -4.28 -61.47
C GLY A 539 12.94 -4.89 -61.25
N PRO A 540 12.28 -5.41 -62.33
CA PRO A 540 10.94 -6.02 -62.20
C PRO A 540 10.93 -7.41 -61.51
N VAL A 541 12.11 -8.03 -61.45
CA VAL A 541 12.28 -9.26 -60.71
C VAL A 541 12.44 -8.86 -59.25
N LYS A 542 13.38 -7.96 -59.00
CA LYS A 542 13.58 -7.45 -57.65
C LYS A 542 12.26 -6.95 -57.05
N GLU A 543 11.35 -6.53 -57.91
CA GLU A 543 10.10 -6.01 -57.39
C GLU A 543 9.17 -7.13 -56.95
N LYS A 544 9.24 -8.26 -57.65
CA LYS A 544 8.32 -9.37 -57.41
C LYS A 544 8.75 -10.03 -56.12
N ILE A 545 10.02 -10.39 -56.05
CA ILE A 545 10.66 -10.81 -54.82
C ILE A 545 10.28 -9.92 -53.62
N LEU A 546 10.65 -8.64 -53.70
CA LEU A 546 10.47 -7.73 -52.60
C LEU A 546 8.99 -7.56 -52.20
N SER A 547 8.10 -7.86 -53.15
CA SER A 547 6.65 -7.72 -52.96
C SER A 547 6.10 -8.78 -52.04
N VAL A 548 6.44 -10.04 -52.33
CA VAL A 548 5.96 -11.16 -51.54
C VAL A 548 6.57 -11.09 -50.13
N ILE A 549 7.86 -10.80 -50.06
CA ILE A 549 8.52 -10.53 -48.80
C ILE A 549 7.74 -9.47 -47.98
N LYS A 550 7.20 -8.45 -48.65
CA LYS A 550 6.38 -7.43 -47.96
C LYS A 550 5.13 -8.08 -47.41
N GLU A 551 4.60 -9.03 -48.18
CA GLU A 551 3.35 -9.72 -47.94
C GLU A 551 3.44 -10.71 -46.79
N TRP A 552 4.50 -11.51 -46.78
CA TRP A 552 4.72 -12.52 -45.76
C TRP A 552 5.22 -11.85 -44.52
N GLY A 553 5.51 -10.58 -44.59
CA GLY A 553 6.11 -10.02 -43.41
C GLY A 553 5.09 -9.28 -42.58
N THR A 554 3.82 -9.32 -43.00
CA THR A 554 2.81 -8.34 -42.59
C THR A 554 1.35 -8.81 -42.55
N GLY A 555 1.01 -9.88 -43.26
CA GLY A 555 -0.40 -10.22 -43.37
C GLY A 555 -1.07 -10.75 -42.12
N ARG A 556 -1.94 -11.73 -42.33
CA ARG A 556 -2.46 -12.39 -41.18
C ARG A 556 -1.45 -13.43 -40.88
N ASP A 557 -0.54 -13.59 -41.84
CA ASP A 557 0.70 -14.37 -41.69
C ASP A 557 1.87 -13.40 -41.62
N THR A 558 2.23 -12.98 -40.40
CA THR A 558 3.24 -11.96 -40.14
C THR A 558 4.53 -12.68 -39.75
N LEU A 559 5.24 -13.15 -40.77
CA LEU A 559 6.39 -14.04 -40.60
C LEU A 559 7.71 -13.29 -40.45
N ARG A 560 8.66 -13.98 -39.84
CA ARG A 560 10.03 -13.54 -39.77
C ARG A 560 10.67 -14.03 -41.06
N CYS A 561 10.98 -13.10 -41.97
CA CYS A 561 11.59 -13.50 -43.22
C CYS A 561 13.10 -13.30 -43.28
N LEU A 562 13.69 -14.14 -44.12
CA LEU A 562 15.10 -14.28 -44.29
C LEU A 562 15.36 -14.54 -45.79
N ALA A 563 16.31 -13.81 -46.35
CA ALA A 563 16.72 -14.07 -47.71
C ALA A 563 17.96 -14.96 -47.71
N LEU A 564 18.03 -15.80 -48.75
CA LEU A 564 19.13 -16.71 -48.95
C LEU A 564 19.73 -16.48 -50.35
N ALA A 565 21.05 -16.33 -50.40
CA ALA A 565 21.73 -16.07 -51.67
C ALA A 565 23.01 -16.82 -51.62
N THR A 566 23.62 -17.05 -52.77
CA THR A 566 25.02 -17.51 -52.76
C THR A 566 25.92 -16.58 -53.56
N ARG A 567 27.16 -16.42 -53.13
CA ARG A 567 28.18 -15.76 -53.96
C ARG A 567 28.90 -16.85 -54.75
N ASP A 568 28.57 -17.00 -56.04
CA ASP A 568 29.14 -18.06 -56.91
C ASP A 568 30.65 -18.00 -57.16
N THR A 569 31.16 -16.78 -57.23
CA THR A 569 32.59 -16.53 -57.33
C THR A 569 33.04 -15.76 -56.09
N PRO A 570 33.35 -16.49 -55.00
CA PRO A 570 33.82 -15.82 -53.79
C PRO A 570 35.21 -15.29 -54.05
N PRO A 571 35.60 -14.25 -53.31
CA PRO A 571 37.01 -13.87 -53.18
C PRO A 571 37.97 -15.08 -52.99
N LYS A 572 39.26 -14.80 -52.88
CA LYS A 572 40.21 -15.88 -52.69
C LYS A 572 40.57 -15.97 -51.20
N ARG A 573 40.48 -17.17 -50.62
CA ARG A 573 40.55 -17.32 -49.17
C ARG A 573 41.65 -16.46 -48.46
N GLU A 574 42.78 -16.30 -49.13
CA GLU A 574 43.91 -15.55 -48.56
C GLU A 574 43.87 -14.03 -48.87
N GLU A 575 42.79 -13.57 -49.49
CA GLU A 575 42.61 -12.14 -49.71
C GLU A 575 41.65 -11.56 -48.67
N MET A 576 41.13 -12.42 -47.80
CA MET A 576 40.06 -12.04 -46.88
C MET A 576 40.54 -11.86 -45.44
N VAL A 577 40.23 -10.71 -44.87
CA VAL A 577 40.58 -10.41 -43.49
C VAL A 577 39.42 -10.76 -42.53
N LEU A 578 39.59 -11.86 -41.80
CA LEU A 578 38.58 -12.39 -40.89
C LEU A 578 38.76 -11.86 -39.48
N ASP A 579 39.29 -10.66 -39.35
CA ASP A 579 39.52 -10.09 -38.03
C ASP A 579 38.57 -8.93 -37.89
N ASP A 580 38.10 -8.46 -39.03
CA ASP A 580 37.41 -7.21 -39.02
C ASP A 580 36.09 -7.33 -39.74
N SER A 581 35.02 -7.50 -38.97
CA SER A 581 33.65 -7.61 -39.50
C SER A 581 33.17 -6.42 -40.36
N SER A 582 33.92 -5.33 -40.34
CA SER A 582 33.52 -4.17 -41.12
C SER A 582 33.80 -4.43 -42.58
N ARG A 583 34.65 -5.43 -42.81
CA ARG A 583 35.00 -5.84 -44.17
C ARG A 583 33.96 -6.76 -44.84
N PHE A 584 33.24 -7.53 -44.01
CA PHE A 584 32.40 -8.67 -44.40
C PHE A 584 31.29 -8.36 -45.36
N MET A 585 30.59 -7.26 -45.13
CA MET A 585 29.61 -6.82 -46.12
C MET A 585 30.13 -6.80 -47.57
N GLU A 586 31.38 -6.40 -47.76
CA GLU A 586 31.92 -6.27 -49.12
C GLU A 586 32.25 -7.62 -49.75
N TYR A 587 32.62 -8.60 -48.91
CA TYR A 587 32.83 -9.97 -49.38
C TYR A 587 31.47 -10.54 -49.80
N GLU A 588 30.42 -10.09 -49.12
CA GLU A 588 29.07 -10.56 -49.41
C GLU A 588 28.35 -9.73 -50.48
N THR A 589 28.99 -9.58 -51.63
CA THR A 589 28.44 -8.74 -52.70
C THR A 589 28.50 -9.57 -53.97
N ASP A 590 27.79 -9.17 -55.02
CA ASP A 590 27.75 -9.96 -56.26
C ASP A 590 27.12 -11.35 -56.05
N LEU A 591 26.01 -11.35 -55.32
CA LEU A 591 25.36 -12.59 -54.93
C LEU A 591 24.29 -12.96 -55.92
N THR A 592 24.03 -14.25 -56.00
CA THR A 592 22.92 -14.78 -56.75
C THR A 592 21.85 -15.14 -55.73
N PHE A 593 20.81 -14.30 -55.64
CA PHE A 593 19.57 -14.59 -54.92
C PHE A 593 18.99 -16.00 -55.19
N VAL A 594 18.69 -16.73 -54.11
CA VAL A 594 18.23 -18.10 -54.20
C VAL A 594 16.74 -18.27 -53.84
N GLY A 595 16.33 -17.72 -52.70
CA GLY A 595 14.96 -17.87 -52.23
C GLY A 595 14.77 -17.20 -50.88
N VAL A 596 13.59 -17.39 -50.31
CA VAL A 596 13.24 -16.72 -49.07
C VAL A 596 12.48 -17.64 -48.13
N VAL A 597 12.59 -17.43 -46.82
CA VAL A 597 11.89 -18.32 -45.91
C VAL A 597 11.20 -17.52 -44.80
N GLY A 598 9.96 -17.88 -44.47
CA GLY A 598 9.21 -17.28 -43.37
C GLY A 598 8.97 -18.17 -42.15
N MET A 599 9.13 -17.57 -40.97
CA MET A 599 9.19 -18.30 -39.72
C MET A 599 8.16 -17.83 -38.76
N LEU A 600 7.75 -18.76 -37.92
CA LEU A 600 6.69 -18.54 -36.96
C LEU A 600 7.00 -19.43 -35.79
N ASP A 601 6.80 -18.93 -34.58
CA ASP A 601 6.56 -19.75 -33.36
C ASP A 601 5.08 -20.05 -33.34
N PRO A 602 4.70 -21.23 -33.88
CA PRO A 602 3.30 -21.51 -34.21
C PRO A 602 2.43 -21.99 -33.05
N PRO A 603 1.12 -21.71 -33.16
CA PRO A 603 0.13 -22.10 -32.15
C PRO A 603 0.03 -23.62 -31.99
N ARG A 604 -0.12 -24.07 -30.75
CA ARG A 604 -0.45 -25.45 -30.48
C ARG A 604 -1.76 -25.89 -31.17
N LYS A 605 -1.77 -27.10 -31.71
CA LYS A 605 -2.90 -27.56 -32.53
C LYS A 605 -4.26 -27.21 -31.91
N GLU A 606 -4.37 -27.37 -30.59
CA GLU A 606 -5.66 -27.41 -29.92
C GLU A 606 -6.04 -26.12 -29.21
N VAL A 607 -5.21 -25.09 -29.34
CA VAL A 607 -5.51 -23.83 -28.68
C VAL A 607 -6.76 -23.15 -29.26
N MET A 608 -6.88 -23.12 -30.59
CA MET A 608 -8.03 -22.46 -31.24
C MET A 608 -9.41 -22.93 -30.82
N GLY A 609 -9.62 -24.23 -30.84
CA GLY A 609 -10.88 -24.78 -30.38
C GLY A 609 -11.17 -24.57 -28.89
N SER A 610 -10.14 -24.65 -28.05
CA SER A 610 -10.32 -24.41 -26.63
C SER A 610 -10.83 -23.00 -26.43
N ILE A 611 -10.34 -22.10 -27.27
CA ILE A 611 -10.75 -20.70 -27.22
C ILE A 611 -12.22 -20.61 -27.61
N GLN A 612 -12.61 -21.30 -28.69
CA GLN A 612 -13.99 -21.34 -29.18
C GLN A 612 -14.96 -21.84 -28.11
N LEU A 613 -14.58 -22.94 -27.45
CA LEU A 613 -15.31 -23.49 -26.32
C LEU A 613 -15.38 -22.57 -25.09
N CYS A 614 -14.26 -21.98 -24.72
CA CYS A 614 -14.28 -20.95 -23.70
C CYS A 614 -15.32 -19.86 -23.96
N ARG A 615 -15.51 -19.51 -25.22
CA ARG A 615 -16.46 -18.48 -25.63
C ARG A 615 -17.91 -18.92 -25.35
N ASP A 616 -18.22 -20.15 -25.74
CA ASP A 616 -19.51 -20.77 -25.51
C ASP A 616 -19.85 -20.78 -24.01
N ALA A 617 -18.88 -21.17 -23.20
CA ALA A 617 -19.05 -21.16 -21.74
C ALA A 617 -19.04 -19.76 -21.15
N GLY A 618 -18.99 -18.75 -22.03
CA GLY A 618 -18.98 -17.34 -21.65
C GLY A 618 -17.74 -16.84 -20.95
N ILE A 619 -16.59 -17.39 -21.35
CA ILE A 619 -15.26 -16.96 -20.89
C ILE A 619 -14.44 -16.30 -22.01
N ARG A 620 -13.74 -15.23 -21.64
CA ARG A 620 -13.04 -14.37 -22.59
C ARG A 620 -11.57 -14.57 -22.39
N VAL A 621 -10.86 -14.86 -23.49
CA VAL A 621 -9.42 -15.07 -23.49
C VAL A 621 -8.76 -13.76 -23.93
N ILE A 622 -7.65 -13.43 -23.25
CA ILE A 622 -6.84 -12.23 -23.52
C ILE A 622 -5.39 -12.68 -23.57
N MET A 623 -4.70 -12.26 -24.62
CA MET A 623 -3.28 -12.46 -24.75
C MET A 623 -2.44 -11.28 -24.22
N ILE A 624 -1.45 -11.59 -23.40
CA ILE A 624 -0.63 -10.58 -22.77
C ILE A 624 0.76 -11.12 -22.96
N THR A 625 1.45 -10.59 -23.97
CA THR A 625 2.72 -11.15 -24.39
C THR A 625 3.88 -10.13 -24.35
N GLY A 626 5.08 -10.55 -24.00
CA GLY A 626 6.23 -9.68 -24.11
C GLY A 626 6.83 -9.66 -25.51
N ASP A 627 6.21 -10.41 -26.41
CA ASP A 627 6.64 -10.46 -27.81
C ASP A 627 5.91 -9.32 -28.55
N ASN A 628 6.21 -9.15 -29.83
CA ASN A 628 5.95 -7.93 -30.53
C ASN A 628 4.52 -7.88 -30.95
N LYS A 629 3.96 -6.67 -31.15
CA LYS A 629 2.52 -6.46 -31.43
C LYS A 629 2.03 -7.05 -32.74
N GLY A 630 2.84 -6.93 -33.78
CA GLY A 630 2.52 -7.66 -35.00
C GLY A 630 2.45 -9.19 -34.87
N THR A 631 3.41 -9.82 -34.18
CA THR A 631 3.35 -11.26 -34.04
C THR A 631 2.11 -11.65 -33.21
N ALA A 632 1.98 -10.98 -32.07
CA ALA A 632 0.91 -11.20 -31.12
C ALA A 632 -0.42 -11.19 -31.86
N ILE A 633 -0.66 -10.13 -32.63
CA ILE A 633 -1.93 -10.02 -33.36
C ILE A 633 -2.18 -11.17 -34.33
N ALA A 634 -1.14 -11.60 -35.04
CA ALA A 634 -1.29 -12.59 -36.10
C ALA A 634 -1.50 -13.97 -35.52
N ILE A 635 -0.96 -14.19 -34.32
CA ILE A 635 -1.31 -15.39 -33.58
C ILE A 635 -2.77 -15.30 -33.19
N CYS A 636 -3.15 -14.17 -32.59
CA CYS A 636 -4.55 -13.96 -32.22
C CYS A 636 -5.54 -14.28 -33.37
N ARG A 637 -5.26 -13.76 -34.56
CA ARG A 637 -6.10 -14.12 -35.71
C ARG A 637 -6.21 -15.62 -36.02
N ARG A 638 -5.21 -16.38 -35.59
CA ARG A 638 -5.04 -17.77 -35.97
C ARG A 638 -5.69 -18.66 -34.93
N ILE A 639 -5.70 -18.22 -33.69
CA ILE A 639 -6.34 -18.94 -32.61
C ILE A 639 -7.71 -18.40 -32.29
N GLY A 640 -8.09 -17.37 -33.05
CA GLY A 640 -9.48 -16.95 -33.14
C GLY A 640 -9.89 -15.84 -32.20
N ILE A 641 -8.95 -15.34 -31.40
CA ILE A 641 -9.17 -14.12 -30.63
C ILE A 641 -9.51 -12.91 -31.53
N PHE A 642 -8.85 -12.79 -32.67
CA PHE A 642 -9.30 -11.86 -33.71
C PHE A 642 -9.76 -12.63 -34.91
N GLY A 643 -10.54 -11.94 -35.75
CA GLY A 643 -10.99 -12.43 -37.04
C GLY A 643 -9.93 -12.28 -38.10
N GLU A 644 -9.99 -13.14 -39.11
CA GLU A 644 -8.88 -13.13 -40.04
C GLU A 644 -8.84 -11.83 -40.82
N ASN A 645 -9.95 -11.09 -40.85
CA ASN A 645 -10.01 -9.79 -41.53
C ASN A 645 -10.50 -8.68 -40.59
N GLU A 646 -10.55 -8.99 -39.31
CA GLU A 646 -10.95 -8.01 -38.34
C GLU A 646 -9.88 -6.94 -38.37
N GLU A 647 -10.29 -5.67 -38.28
CA GLU A 647 -9.37 -4.57 -38.04
C GLU A 647 -9.27 -4.29 -36.55
N VAL A 648 -8.08 -4.52 -36.01
CA VAL A 648 -7.83 -4.64 -34.56
C VAL A 648 -7.53 -3.35 -33.73
N ALA A 649 -7.33 -2.23 -34.40
CA ALA A 649 -7.04 -1.01 -33.67
C ALA A 649 -7.94 -0.97 -32.45
N ASP A 650 -7.37 -0.69 -31.27
CA ASP A 650 -8.20 -0.31 -30.13
C ASP A 650 -8.48 -1.55 -29.33
N ARG A 651 -8.16 -2.69 -29.90
CA ARG A 651 -8.32 -3.95 -29.20
C ARG A 651 -6.98 -4.60 -28.96
N ALA A 652 -5.91 -3.87 -29.23
CA ALA A 652 -4.59 -4.39 -28.97
C ALA A 652 -3.66 -3.23 -28.70
N TYR A 653 -2.89 -3.34 -27.63
CA TYR A 653 -1.93 -2.33 -27.21
C TYR A 653 -0.55 -2.89 -26.93
N THR A 654 0.45 -2.03 -26.95
CA THR A 654 1.74 -2.45 -26.42
C THR A 654 1.83 -1.97 -24.97
N GLY A 655 2.86 -2.41 -24.26
CA GLY A 655 2.92 -2.06 -22.88
C GLY A 655 2.98 -0.55 -22.86
N ARG A 656 3.88 -0.01 -23.67
CA ARG A 656 4.06 1.43 -23.80
C ARG A 656 2.73 2.16 -24.00
N GLU A 657 1.99 1.73 -25.02
CA GLU A 657 0.80 2.41 -25.50
C GLU A 657 -0.25 2.46 -24.41
N PHE A 658 -0.31 1.34 -23.72
CA PHE A 658 -1.17 1.13 -22.58
C PHE A 658 -0.84 2.18 -21.53
N ASP A 659 0.45 2.39 -21.30
CA ASP A 659 0.93 3.28 -20.24
C ASP A 659 0.52 4.72 -20.47
N ASP A 660 0.41 5.11 -21.74
CA ASP A 660 0.02 6.45 -22.13
C ASP A 660 -1.46 6.73 -21.94
N LEU A 661 -2.27 5.70 -21.83
CA LEU A 661 -3.67 5.94 -21.50
C LEU A 661 -3.77 6.49 -20.06
N PRO A 662 -4.67 7.47 -19.86
CA PRO A 662 -4.98 7.92 -18.49
C PRO A 662 -5.44 6.71 -17.69
N LEU A 663 -5.31 6.74 -16.38
CA LEU A 663 -5.67 5.56 -15.59
C LEU A 663 -7.10 5.02 -15.82
N ALA A 664 -8.01 5.91 -16.16
CA ALA A 664 -9.37 5.48 -16.40
C ALA A 664 -9.42 4.69 -17.70
N GLU A 665 -8.74 5.20 -18.72
CA GLU A 665 -8.87 4.60 -20.04
C GLU A 665 -8.22 3.22 -20.05
N GLN A 666 -7.29 3.03 -19.13
CA GLN A 666 -6.51 1.81 -19.04
C GLN A 666 -7.42 0.72 -18.54
N ARG A 667 -8.11 1.00 -17.43
CA ARG A 667 -9.10 0.09 -16.85
C ARG A 667 -10.21 -0.26 -17.83
N GLU A 668 -10.69 0.69 -18.61
CA GLU A 668 -11.64 0.37 -19.65
C GLU A 668 -11.03 -0.50 -20.78
N ALA A 669 -9.72 -0.32 -21.00
CA ALA A 669 -9.01 -0.95 -22.12
C ALA A 669 -8.83 -2.43 -21.89
N CYS A 670 -8.71 -2.80 -20.62
CA CYS A 670 -8.80 -4.20 -20.21
C CYS A 670 -10.20 -4.84 -20.41
N ARG A 671 -11.27 -4.05 -20.42
CA ARG A 671 -12.58 -4.59 -20.78
C ARG A 671 -12.75 -4.90 -22.27
N ARG A 672 -12.24 -4.06 -23.17
CA ARG A 672 -12.41 -4.38 -24.59
C ARG A 672 -11.23 -5.08 -25.30
N ALA A 673 -9.99 -4.69 -24.95
CA ALA A 673 -8.76 -5.21 -25.59
C ALA A 673 -8.46 -6.71 -25.37
N CYS A 674 -7.83 -7.32 -26.39
CA CYS A 674 -7.37 -8.71 -26.38
C CYS A 674 -5.84 -9.03 -26.54
N CYS A 675 -5.04 -8.32 -27.36
CA CYS A 675 -3.57 -8.49 -27.36
C CYS A 675 -3.08 -7.32 -26.54
N PHE A 676 -2.30 -7.65 -25.54
CA PHE A 676 -1.32 -6.74 -25.01
C PHE A 676 0.08 -7.25 -25.38
N ALA A 677 0.86 -6.42 -26.06
CA ALA A 677 2.09 -6.92 -26.69
C ALA A 677 3.30 -6.14 -26.20
N ARG A 678 4.49 -6.73 -26.29
CA ARG A 678 5.71 -6.04 -25.88
C ARG A 678 5.54 -5.41 -24.49
N VAL A 679 4.97 -6.23 -23.57
CA VAL A 679 4.74 -5.90 -22.17
C VAL A 679 5.89 -6.30 -21.23
N GLU A 680 5.88 -5.70 -20.04
CA GLU A 680 6.85 -6.03 -19.01
C GLU A 680 6.12 -6.87 -17.97
N PRO A 681 6.86 -7.56 -17.09
CA PRO A 681 6.16 -8.53 -16.24
C PRO A 681 4.97 -7.94 -15.48
N SER A 682 5.09 -6.64 -15.19
CA SER A 682 4.27 -5.92 -14.21
C SER A 682 3.01 -5.40 -14.88
N HIS A 683 3.06 -5.42 -16.21
CA HIS A 683 1.91 -5.12 -17.06
C HIS A 683 0.90 -6.21 -16.94
N LYS A 684 1.39 -7.45 -16.76
CA LYS A 684 0.58 -8.67 -16.79
C LYS A 684 -0.26 -8.68 -15.54
N SER A 685 0.33 -8.30 -14.41
CA SER A 685 -0.43 -8.27 -13.16
C SER A 685 -1.26 -7.01 -12.99
N LYS A 686 -0.86 -5.90 -13.63
CA LYS A 686 -1.66 -4.68 -13.62
C LYS A 686 -2.96 -4.96 -14.32
N ILE A 687 -2.86 -5.67 -15.45
CA ILE A 687 -4.02 -6.05 -16.26
C ILE A 687 -4.92 -7.02 -15.52
N VAL A 688 -4.35 -8.02 -14.85
CA VAL A 688 -5.16 -8.98 -14.11
C VAL A 688 -5.90 -8.22 -13.00
N GLU A 689 -5.31 -7.12 -12.54
CA GLU A 689 -5.86 -6.41 -11.41
C GLU A 689 -7.04 -5.60 -11.88
N TYR A 690 -6.84 -4.85 -12.97
CA TYR A 690 -7.93 -4.07 -13.52
C TYR A 690 -9.12 -4.97 -13.81
N LEU A 691 -8.85 -6.18 -14.27
CA LEU A 691 -9.92 -7.09 -14.62
C LEU A 691 -10.73 -7.45 -13.37
N GLN A 692 -10.00 -7.79 -12.31
CA GLN A 692 -10.53 -8.17 -11.02
C GLN A 692 -11.17 -6.98 -10.30
N SER A 693 -10.86 -5.78 -10.77
CA SER A 693 -11.45 -4.60 -10.21
C SER A 693 -12.89 -4.39 -10.75
N TYR A 694 -13.27 -5.19 -11.72
CA TYR A 694 -14.64 -5.32 -12.15
C TYR A 694 -15.27 -6.55 -11.52
N ASP A 695 -14.71 -6.95 -10.37
CA ASP A 695 -15.21 -8.11 -9.64
C ASP A 695 -15.38 -9.35 -10.51
N GLU A 696 -14.53 -9.46 -11.54
CA GLU A 696 -14.48 -10.64 -12.42
C GLU A 696 -13.43 -11.63 -11.92
N ILE A 697 -13.73 -12.92 -12.05
CA ILE A 697 -12.76 -13.98 -11.72
C ILE A 697 -11.85 -14.18 -12.91
N THR A 698 -10.55 -14.02 -12.69
CA THR A 698 -9.64 -14.13 -13.82
C THR A 698 -8.63 -15.22 -13.56
N ALA A 699 -8.36 -15.98 -14.61
CA ALA A 699 -7.23 -16.88 -14.61
C ALA A 699 -6.08 -16.26 -15.39
N MET A 700 -4.87 -16.55 -14.95
CA MET A 700 -3.71 -16.31 -15.77
C MET A 700 -3.11 -17.65 -16.13
N THR A 701 -2.77 -17.80 -17.40
CA THR A 701 -2.11 -18.97 -17.95
C THR A 701 -0.80 -18.60 -18.63
N GLY A 702 0.30 -19.22 -18.20
CA GLY A 702 1.54 -19.08 -18.93
C GLY A 702 2.65 -20.00 -18.44
N ASP A 703 3.89 -19.60 -18.65
CA ASP A 703 5.00 -20.49 -18.35
C ASP A 703 6.34 -19.81 -18.08
N GLY A 704 6.40 -18.49 -18.09
CA GLY A 704 7.69 -17.82 -18.00
C GLY A 704 7.95 -17.25 -16.62
N VAL A 705 9.19 -16.86 -16.29
CA VAL A 705 9.32 -16.10 -15.03
C VAL A 705 8.63 -14.71 -15.09
N ASN A 706 8.38 -14.22 -16.30
CA ASN A 706 7.74 -12.94 -16.47
C ASN A 706 6.21 -13.08 -16.23
N ASP A 707 5.74 -14.33 -16.15
CA ASP A 707 4.31 -14.62 -16.00
C ASP A 707 3.93 -14.67 -14.53
N ALA A 708 4.95 -14.82 -13.69
CA ALA A 708 4.80 -15.08 -12.26
C ALA A 708 3.94 -14.06 -11.50
N PRO A 709 4.25 -12.77 -11.65
CA PRO A 709 3.42 -11.79 -10.95
C PRO A 709 1.93 -11.95 -11.21
N ALA A 710 1.57 -12.13 -12.48
CA ALA A 710 0.17 -12.34 -12.84
C ALA A 710 -0.36 -13.75 -12.51
N LEU A 711 0.49 -14.79 -12.54
CA LEU A 711 0.06 -16.12 -12.11
C LEU A 711 -0.42 -16.03 -10.69
N LYS A 712 0.26 -15.22 -9.88
CA LYS A 712 -0.14 -14.94 -8.50
C LYS A 712 -1.37 -14.03 -8.27
N LYS A 713 -1.47 -12.93 -9.01
CA LYS A 713 -2.58 -12.01 -8.81
C LYS A 713 -3.89 -12.73 -9.08
N ALA A 714 -3.90 -13.44 -10.19
CA ALA A 714 -5.07 -14.08 -10.71
C ALA A 714 -5.65 -15.00 -9.66
N GLU A 715 -6.97 -15.15 -9.67
CA GLU A 715 -7.57 -16.11 -8.80
C GLU A 715 -6.96 -17.52 -9.02
N ILE A 716 -6.77 -17.90 -10.27
CA ILE A 716 -6.17 -19.16 -10.64
C ILE A 716 -5.02 -18.86 -11.59
N GLY A 717 -3.83 -19.27 -11.21
CA GLY A 717 -2.69 -19.26 -12.12
C GLY A 717 -2.47 -20.67 -12.62
N ILE A 718 -2.30 -20.80 -13.93
CA ILE A 718 -2.12 -22.13 -14.55
C ILE A 718 -0.82 -22.21 -15.35
N ALA A 719 0.12 -23.06 -14.92
CA ALA A 719 1.44 -23.18 -15.58
C ALA A 719 1.53 -24.33 -16.59
N MET A 720 2.43 -24.22 -17.55
CA MET A 720 2.59 -25.27 -18.53
C MET A 720 3.74 -26.01 -17.99
N GLY A 721 3.70 -27.31 -18.23
CA GLY A 721 4.58 -28.21 -17.56
C GLY A 721 5.98 -28.10 -18.09
N SER A 722 6.10 -27.71 -19.36
CA SER A 722 7.40 -27.39 -19.98
C SER A 722 7.96 -26.04 -19.55
N GLY A 723 7.15 -25.21 -18.90
CA GLY A 723 7.62 -23.92 -18.46
C GLY A 723 8.66 -23.89 -17.37
N THR A 724 9.04 -22.68 -17.04
CA THR A 724 9.86 -22.44 -15.87
C THR A 724 9.37 -23.02 -14.56
N ALA A 725 10.31 -23.18 -13.65
CA ALA A 725 9.91 -23.72 -12.40
C ALA A 725 9.27 -22.63 -11.60
N VAL A 726 9.72 -21.39 -11.74
CA VAL A 726 9.05 -20.34 -10.99
C VAL A 726 7.59 -20.16 -11.44
N ALA A 727 7.33 -20.17 -12.74
CA ALA A 727 5.92 -20.14 -13.14
C ALA A 727 5.12 -21.29 -12.53
N LYS A 728 5.67 -22.50 -12.51
CA LYS A 728 4.98 -23.61 -11.88
C LYS A 728 4.70 -23.35 -10.39
N THR A 729 5.74 -22.91 -9.70
CA THR A 729 5.65 -22.53 -8.31
C THR A 729 4.59 -21.47 -8.00
N ALA A 730 4.40 -20.53 -8.92
CA ALA A 730 3.49 -19.40 -8.76
C ALA A 730 2.00 -19.71 -9.04
N SER A 731 1.76 -20.80 -9.76
CA SER A 731 0.42 -21.22 -10.12
C SER A 731 -0.14 -22.35 -9.25
N GLU A 732 -1.44 -22.66 -9.47
CA GLU A 732 -2.20 -23.65 -8.68
C GLU A 732 -2.50 -24.90 -9.44
N MET A 733 -2.23 -24.86 -10.72
CA MET A 733 -2.45 -25.99 -11.54
C MET A 733 -1.27 -26.02 -12.50
N VAL A 734 -0.78 -27.21 -12.82
CA VAL A 734 0.15 -27.32 -13.91
C VAL A 734 -0.38 -28.30 -14.92
N LEU A 735 -0.57 -27.85 -16.15
CA LEU A 735 -0.82 -28.73 -17.27
C LEU A 735 0.46 -29.44 -17.65
N ALA A 736 0.76 -30.47 -16.87
CA ALA A 736 1.80 -31.45 -17.11
C ALA A 736 2.09 -31.72 -18.58
N ASP A 737 1.05 -32.00 -19.36
CA ASP A 737 1.20 -32.39 -20.76
C ASP A 737 1.14 -31.25 -21.81
N ASP A 738 1.23 -30.01 -21.34
CA ASP A 738 1.02 -28.81 -22.16
C ASP A 738 -0.26 -28.79 -22.97
N ASN A 739 -1.19 -29.67 -22.63
CA ASN A 739 -2.49 -29.73 -23.33
C ASN A 739 -3.42 -28.54 -22.97
N PHE A 740 -3.47 -27.55 -23.86
CA PHE A 740 -4.19 -26.35 -23.53
C PHE A 740 -5.70 -26.58 -23.46
N SER A 741 -6.19 -27.60 -24.18
CA SER A 741 -7.60 -27.98 -24.06
C SER A 741 -8.04 -28.56 -22.68
N THR A 742 -7.10 -29.06 -21.88
CA THR A 742 -7.47 -29.42 -20.50
C THR A 742 -7.96 -28.23 -19.62
N ILE A 743 -7.63 -27.00 -19.98
CA ILE A 743 -8.16 -25.88 -19.20
C ILE A 743 -9.68 -25.81 -19.28
N VAL A 744 -10.23 -26.18 -20.43
CA VAL A 744 -11.67 -26.17 -20.63
C VAL A 744 -12.27 -27.27 -19.77
N ALA A 745 -11.63 -28.42 -19.80
CA ALA A 745 -12.06 -29.52 -18.98
C ALA A 745 -12.04 -29.11 -17.53
N ALA A 746 -11.09 -28.28 -17.15
CA ALA A 746 -10.92 -27.95 -15.73
C ALA A 746 -12.00 -27.03 -15.21
N VAL A 747 -12.61 -26.29 -16.12
CA VAL A 747 -13.64 -25.31 -15.79
C VAL A 747 -14.96 -26.03 -15.66
N GLU A 748 -15.24 -26.96 -16.58
CA GLU A 748 -16.37 -27.88 -16.51
C GLU A 748 -16.29 -28.64 -15.20
N GLU A 749 -15.10 -29.09 -14.87
CA GLU A 749 -14.91 -29.68 -13.57
C GLU A 749 -15.19 -28.69 -12.46
N GLY A 750 -14.77 -27.44 -12.61
CA GLY A 750 -15.01 -26.48 -11.55
C GLY A 750 -16.51 -26.24 -11.34
N ARG A 751 -17.22 -26.22 -12.45
CA ARG A 751 -18.61 -25.87 -12.44
C ARG A 751 -19.44 -26.96 -11.79
N ALA A 752 -19.10 -28.20 -12.11
CA ALA A 752 -19.76 -29.37 -11.53
C ALA A 752 -19.47 -29.50 -10.03
N ILE A 753 -18.25 -29.22 -9.62
CA ILE A 753 -17.90 -29.24 -8.20
C ILE A 753 -18.74 -28.25 -7.38
N TYR A 754 -18.99 -27.08 -7.95
CA TYR A 754 -19.73 -26.08 -7.26
C TYR A 754 -21.18 -26.54 -7.08
N ASN A 755 -21.82 -26.88 -8.21
CA ASN A 755 -23.19 -27.40 -8.24
C ASN A 755 -23.46 -28.41 -7.13
N ASN A 756 -22.49 -29.30 -6.98
CA ASN A 756 -22.59 -30.38 -6.04
C ASN A 756 -22.30 -29.91 -4.65
N MET A 757 -21.43 -28.93 -4.50
CA MET A 757 -21.10 -28.42 -3.18
C MET A 757 -22.29 -27.76 -2.55
N LYS A 758 -23.16 -27.21 -3.38
CA LYS A 758 -24.25 -26.42 -2.85
C LYS A 758 -25.45 -27.31 -2.54
N GLN A 759 -25.56 -28.38 -3.30
CA GLN A 759 -26.60 -29.36 -3.13
C GLN A 759 -26.34 -30.18 -1.87
N PHE A 760 -25.07 -30.48 -1.60
CA PHE A 760 -24.73 -31.20 -0.37
C PHE A 760 -24.56 -30.27 0.82
N ILE A 761 -24.46 -28.98 0.56
CA ILE A 761 -24.44 -28.03 1.66
C ILE A 761 -25.86 -27.74 2.18
N ARG A 762 -26.85 -27.78 1.29
CA ARG A 762 -28.22 -27.57 1.71
C ARG A 762 -28.61 -28.76 2.54
N TYR A 763 -28.32 -29.95 2.02
CA TYR A 763 -28.59 -31.16 2.77
C TYR A 763 -28.01 -31.12 4.18
N LEU A 764 -26.74 -30.78 4.31
CA LEU A 764 -26.09 -30.76 5.61
C LEU A 764 -26.57 -29.69 6.58
N ILE A 765 -26.95 -28.51 6.09
CA ILE A 765 -27.42 -27.45 6.98
C ILE A 765 -28.86 -27.69 7.46
N SER A 766 -29.67 -28.34 6.63
CA SER A 766 -31.06 -28.60 6.99
C SER A 766 -31.14 -29.48 8.25
N SER A 767 -30.14 -30.31 8.45
CA SER A 767 -30.09 -31.12 9.64
C SER A 767 -29.32 -30.44 10.76
N ASN A 768 -28.97 -29.16 10.58
CA ASN A 768 -28.29 -28.42 11.63
C ASN A 768 -29.30 -27.48 12.23
N VAL A 769 -30.01 -26.80 11.33
CA VAL A 769 -31.13 -25.96 11.70
C VAL A 769 -32.37 -26.87 11.66
N GLY A 770 -32.24 -27.97 12.39
CA GLY A 770 -33.26 -28.99 12.49
C GLY A 770 -32.95 -29.84 13.70
N GLU A 771 -31.71 -29.76 14.16
CA GLU A 771 -31.33 -30.32 15.44
C GLU A 771 -31.46 -29.21 16.46
N VAL A 772 -31.28 -27.98 15.99
CA VAL A 772 -31.37 -26.83 16.89
C VAL A 772 -32.82 -26.60 17.23
N VAL A 773 -33.69 -26.93 16.29
CA VAL A 773 -35.13 -26.91 16.53
C VAL A 773 -35.42 -27.84 17.68
N CYS A 774 -34.85 -29.05 17.62
CA CYS A 774 -35.05 -30.09 18.63
C CYS A 774 -34.43 -29.77 19.99
N ILE A 775 -33.31 -29.06 19.99
CA ILE A 775 -32.70 -28.65 21.25
C ILE A 775 -33.44 -27.44 21.85
N PHE A 776 -34.32 -26.85 21.05
CA PHE A 776 -35.09 -25.69 21.46
C PHE A 776 -36.55 -26.05 21.75
N LEU A 777 -36.84 -27.34 21.83
CA LEU A 777 -38.12 -27.79 22.35
C LEU A 777 -37.73 -28.72 23.45
N THR A 778 -36.56 -29.32 23.29
CA THR A 778 -35.91 -30.12 24.33
C THR A 778 -35.44 -29.18 25.44
N ALA A 779 -35.89 -27.93 25.37
CA ALA A 779 -35.45 -26.94 26.34
C ALA A 779 -36.55 -25.92 26.63
N ALA A 780 -37.25 -25.48 25.59
CA ALA A 780 -38.27 -24.45 25.74
C ALA A 780 -39.54 -25.00 26.40
N LEU A 781 -39.70 -26.32 26.32
CA LEU A 781 -40.83 -26.98 26.93
C LEU A 781 -40.36 -27.79 28.14
N GLY A 782 -39.17 -27.45 28.63
CA GLY A 782 -38.60 -28.15 29.77
C GLY A 782 -38.50 -29.66 29.61
N LEU A 783 -38.72 -30.16 28.39
CA LEU A 783 -38.62 -31.60 28.11
C LEU A 783 -37.26 -32.18 28.46
N PRO A 784 -37.15 -33.51 28.51
CA PRO A 784 -35.87 -34.19 28.73
C PRO A 784 -35.06 -34.25 27.42
N GLU A 785 -33.84 -33.72 27.45
CA GLU A 785 -33.00 -33.62 26.27
C GLU A 785 -33.12 -34.82 25.35
N ALA A 786 -33.69 -34.58 24.17
CA ALA A 786 -34.04 -35.62 23.21
C ALA A 786 -32.81 -36.15 22.46
N LEU A 787 -31.77 -35.33 22.43
CA LEU A 787 -30.50 -35.69 21.83
C LEU A 787 -29.36 -35.08 22.64
N ILE A 788 -28.24 -35.80 22.70
CA ILE A 788 -27.02 -35.25 23.28
C ILE A 788 -25.97 -35.02 22.22
N PRO A 789 -25.09 -34.02 22.45
CA PRO A 789 -24.02 -33.66 21.51
C PRO A 789 -23.23 -34.83 20.91
N VAL A 790 -22.84 -35.84 21.71
CA VAL A 790 -22.06 -36.97 21.17
C VAL A 790 -22.75 -37.67 20.00
N GLN A 791 -24.08 -37.72 20.05
CA GLN A 791 -24.89 -38.28 18.97
C GLN A 791 -24.93 -37.29 17.79
N LEU A 792 -25.08 -36.01 18.11
CA LEU A 792 -25.08 -34.94 17.11
C LEU A 792 -23.85 -34.97 16.21
N LEU A 793 -22.69 -34.74 16.80
CA LEU A 793 -21.42 -34.92 16.10
C LEU A 793 -21.45 -36.16 15.20
N TRP A 794 -21.49 -37.36 15.81
CA TRP A 794 -21.53 -38.57 15.02
C TRP A 794 -22.48 -38.46 13.83
N VAL A 795 -23.69 -37.95 14.07
CA VAL A 795 -24.63 -37.79 12.95
C VAL A 795 -24.13 -36.79 11.90
N ASN A 796 -23.82 -35.57 12.34
CA ASN A 796 -23.36 -34.51 11.44
C ASN A 796 -22.07 -34.89 10.74
N LEU A 797 -21.28 -35.68 11.43
CA LEU A 797 -19.97 -36.00 10.96
C LEU A 797 -19.96 -37.25 10.09
N VAL A 798 -20.95 -38.13 10.25
CA VAL A 798 -20.86 -39.44 9.62
C VAL A 798 -22.12 -39.99 8.96
N THR A 799 -23.22 -40.03 9.67
CA THR A 799 -24.45 -40.51 9.07
C THR A 799 -24.84 -39.57 7.92
N ASP A 800 -24.63 -38.28 8.13
CA ASP A 800 -24.86 -37.29 7.08
C ASP A 800 -23.61 -37.21 6.21
N GLY A 801 -22.45 -37.29 6.85
CA GLY A 801 -21.17 -37.21 6.19
C GLY A 801 -20.97 -38.12 4.99
N LEU A 802 -21.74 -39.20 4.90
CA LEU A 802 -21.54 -40.14 3.79
C LEU A 802 -22.41 -39.82 2.58
N PRO A 803 -23.73 -39.73 2.77
CA PRO A 803 -24.55 -39.38 1.60
C PRO A 803 -24.33 -37.93 1.18
N ALA A 804 -23.66 -37.15 2.03
CA ALA A 804 -23.25 -35.80 1.67
C ALA A 804 -22.27 -35.89 0.52
N THR A 805 -21.39 -36.88 0.60
CA THR A 805 -20.34 -37.04 -0.41
C THR A 805 -20.82 -37.88 -1.57
N ALA A 806 -21.92 -38.59 -1.41
CA ALA A 806 -22.54 -39.28 -2.54
C ALA A 806 -23.35 -38.29 -3.35
N LEU A 807 -23.45 -37.08 -2.82
CA LEU A 807 -24.07 -35.95 -3.50
C LEU A 807 -22.95 -35.06 -4.02
N GLY A 808 -21.73 -35.60 -3.98
CA GLY A 808 -20.64 -35.09 -4.77
C GLY A 808 -20.53 -35.93 -6.05
N PHE A 809 -20.98 -37.19 -5.95
CA PHE A 809 -21.06 -38.11 -7.07
C PHE A 809 -22.29 -37.80 -7.90
N ASN A 810 -22.95 -36.70 -7.59
CA ASN A 810 -24.18 -36.34 -8.28
C ASN A 810 -23.93 -36.08 -9.76
N PRO A 811 -24.77 -36.64 -10.65
CA PRO A 811 -24.58 -36.58 -12.10
C PRO A 811 -24.36 -35.15 -12.55
N PRO A 812 -23.30 -34.93 -13.36
CA PRO A 812 -22.89 -33.60 -13.79
C PRO A 812 -23.98 -32.99 -14.64
N ASP A 813 -24.53 -31.88 -14.20
CA ASP A 813 -25.52 -31.15 -15.00
C ASP A 813 -25.00 -30.98 -16.43
N LEU A 814 -25.51 -31.75 -17.40
CA LEU A 814 -25.10 -31.53 -18.81
C LEU A 814 -25.62 -30.18 -19.29
N ASP A 815 -25.04 -29.64 -20.36
CA ASP A 815 -25.29 -28.24 -20.71
C ASP A 815 -24.71 -27.25 -19.67
N ILE A 816 -23.82 -27.76 -18.83
CA ILE A 816 -23.22 -26.99 -17.75
C ILE A 816 -22.31 -25.95 -18.35
N MET A 817 -21.87 -26.23 -19.58
CA MET A 817 -20.92 -25.39 -20.30
C MET A 817 -21.57 -24.75 -21.53
N ASP A 818 -22.88 -24.54 -21.45
CA ASP A 818 -23.61 -23.84 -22.50
C ASP A 818 -24.12 -22.56 -21.90
N ARG A 819 -24.05 -22.50 -20.58
CA ARG A 819 -24.35 -21.29 -19.83
C ARG A 819 -23.07 -20.61 -19.39
N PRO A 820 -23.16 -19.31 -19.07
CA PRO A 820 -22.18 -18.41 -18.46
C PRO A 820 -21.67 -18.68 -17.02
N PRO A 821 -20.59 -17.97 -16.65
CA PRO A 821 -20.05 -18.05 -15.30
C PRO A 821 -21.07 -17.51 -14.31
N ARG A 822 -21.26 -18.20 -13.19
CA ARG A 822 -22.16 -17.72 -12.16
C ARG A 822 -21.60 -16.38 -11.70
N SER A 823 -22.46 -15.52 -11.17
CA SER A 823 -21.97 -14.29 -10.57
C SER A 823 -21.26 -14.57 -9.22
N PRO A 824 -20.29 -13.71 -8.85
CA PRO A 824 -19.65 -13.87 -7.54
C PRO A 824 -20.51 -13.25 -6.44
N LYS A 825 -21.31 -12.24 -6.81
CA LYS A 825 -22.29 -11.64 -5.92
C LYS A 825 -23.58 -12.50 -5.93
N GLU A 826 -23.40 -13.78 -6.22
CA GLU A 826 -24.51 -14.72 -6.22
C GLU A 826 -24.71 -15.26 -4.81
N PRO A 827 -25.95 -15.18 -4.33
CA PRO A 827 -26.40 -15.84 -3.09
C PRO A 827 -26.62 -17.33 -3.30
N LEU A 828 -26.20 -18.12 -2.32
CA LEU A 828 -26.37 -19.56 -2.31
C LEU A 828 -27.78 -19.92 -1.82
N ILE A 829 -28.10 -19.49 -0.59
CA ILE A 829 -29.45 -19.63 -0.05
C ILE A 829 -30.33 -18.51 -0.62
N SER A 830 -31.54 -18.84 -1.03
CA SER A 830 -32.48 -17.84 -1.55
C SER A 830 -33.63 -17.56 -0.58
N GLY A 831 -34.27 -16.40 -0.75
CA GLY A 831 -35.36 -15.98 0.12
C GLY A 831 -36.42 -17.06 0.28
N TRP A 832 -36.42 -18.03 -0.64
CA TRP A 832 -37.38 -19.13 -0.63
C TRP A 832 -36.72 -20.51 -0.47
N LEU A 833 -35.44 -20.61 -0.78
CA LEU A 833 -34.73 -21.86 -0.52
C LEU A 833 -34.47 -21.96 0.98
N PHE A 834 -34.28 -20.80 1.61
CA PHE A 834 -34.20 -20.71 3.06
C PHE A 834 -35.55 -21.12 3.63
N PHE A 835 -36.62 -20.73 2.95
CA PHE A 835 -37.95 -21.10 3.39
C PHE A 835 -38.18 -22.60 3.22
N ARG A 836 -37.39 -23.22 2.34
CA ARG A 836 -37.51 -24.66 2.10
C ARG A 836 -36.90 -25.47 3.22
N TYR A 837 -35.58 -25.41 3.34
CA TYR A 837 -34.89 -26.18 4.37
C TYR A 837 -35.19 -25.67 5.80
N MET A 838 -35.78 -24.49 5.92
CA MET A 838 -36.24 -24.01 7.22
C MET A 838 -37.61 -24.60 7.51
N ALA A 839 -38.33 -24.92 6.44
CA ALA A 839 -39.62 -25.59 6.60
C ALA A 839 -39.39 -27.03 7.03
N ILE A 840 -38.45 -27.70 6.37
CA ILE A 840 -38.09 -29.08 6.69
C ILE A 840 -37.34 -29.22 8.01
N GLY A 841 -36.19 -28.55 8.13
CA GLY A 841 -35.45 -28.51 9.37
C GLY A 841 -36.37 -28.30 10.57
N GLY A 842 -37.40 -27.48 10.39
CA GLY A 842 -38.38 -27.24 11.42
C GLY A 842 -39.17 -28.50 11.73
N TYR A 843 -39.65 -29.17 10.68
CA TYR A 843 -40.42 -30.38 10.85
C TYR A 843 -39.66 -31.36 11.74
N VAL A 844 -38.58 -31.90 11.20
CA VAL A 844 -37.83 -32.92 11.89
C VAL A 844 -37.48 -32.55 13.32
N GLY A 845 -37.16 -31.28 13.57
CA GLY A 845 -36.83 -30.85 14.91
C GLY A 845 -37.92 -31.32 15.88
N ALA A 846 -39.15 -31.06 15.49
CA ALA A 846 -40.29 -31.48 16.28
C ALA A 846 -40.41 -33.00 16.29
N ALA A 847 -40.18 -33.62 15.14
CA ALA A 847 -40.40 -35.06 14.98
C ALA A 847 -39.51 -35.94 15.87
N THR A 848 -38.36 -35.40 16.28
CA THR A 848 -37.47 -36.12 17.17
C THR A 848 -37.70 -35.75 18.64
N VAL A 849 -38.28 -34.57 18.88
CA VAL A 849 -38.69 -34.20 20.23
C VAL A 849 -40.03 -34.86 20.45
N GLY A 850 -40.69 -35.20 19.36
CA GLY A 850 -41.97 -35.90 19.38
C GLY A 850 -41.81 -37.41 19.33
N ALA A 851 -40.59 -37.90 19.59
CA ALA A 851 -40.34 -39.33 19.77
C ALA A 851 -39.64 -39.54 21.10
N ALA A 852 -39.32 -38.43 21.77
CA ALA A 852 -39.02 -38.42 23.19
C ALA A 852 -40.36 -38.28 23.89
N ALA A 853 -41.29 -37.62 23.20
CA ALA A 853 -42.66 -37.39 23.68
C ALA A 853 -43.70 -38.38 23.14
N TRP A 854 -43.28 -39.63 22.97
CA TRP A 854 -44.19 -40.71 22.62
C TRP A 854 -43.63 -41.95 23.28
N TRP A 855 -42.51 -41.78 23.97
CA TRP A 855 -42.01 -42.83 24.85
C TRP A 855 -42.31 -42.40 26.29
N PHE A 856 -43.18 -41.43 26.41
CA PHE A 856 -43.77 -41.06 27.68
C PHE A 856 -45.28 -40.90 27.47
N MET A 857 -45.69 -39.74 26.95
CA MET A 857 -47.10 -39.38 26.75
C MET A 857 -48.04 -40.41 26.07
N TYR A 858 -47.52 -41.26 25.19
CA TYR A 858 -48.31 -42.35 24.59
C TYR A 858 -47.48 -43.64 24.63
N ALA A 859 -46.54 -43.68 25.58
CA ALA A 859 -45.51 -44.71 25.67
C ALA A 859 -46.05 -46.11 25.56
N GLU A 860 -46.34 -46.56 24.34
CA GLU A 860 -47.03 -47.82 24.10
C GLU A 860 -46.42 -49.04 24.85
N ASP A 861 -45.11 -48.99 25.06
CA ASP A 861 -44.38 -50.11 25.64
C ASP A 861 -43.89 -49.82 27.06
N GLY A 862 -42.70 -49.24 27.15
CA GLY A 862 -42.07 -48.95 28.43
C GLY A 862 -42.63 -47.69 29.06
N PRO A 863 -42.04 -47.30 30.20
CA PRO A 863 -42.48 -46.28 31.17
C PRO A 863 -43.25 -45.08 30.60
N GLY A 864 -44.56 -45.24 30.49
CA GLY A 864 -45.41 -44.20 29.93
C GLY A 864 -45.99 -43.30 31.00
N VAL A 865 -46.10 -42.01 30.70
CA VAL A 865 -46.62 -41.01 31.63
C VAL A 865 -47.54 -40.00 30.92
N THR A 866 -48.73 -40.48 30.52
CA THR A 866 -49.64 -39.77 29.59
C THR A 866 -50.19 -38.40 30.03
N TYR A 867 -49.88 -37.38 29.23
CA TYR A 867 -50.25 -36.00 29.51
C TYR A 867 -49.57 -35.53 30.79
N HIS A 868 -48.43 -36.13 31.11
CA HIS A 868 -47.72 -35.81 32.34
C HIS A 868 -46.90 -34.57 32.21
N GLN A 869 -47.10 -33.68 33.19
CA GLN A 869 -46.42 -32.41 33.29
C GLN A 869 -44.92 -32.67 33.37
N LEU A 870 -44.32 -32.80 32.21
CA LEU A 870 -42.89 -32.90 32.13
C LEU A 870 -42.30 -31.50 32.10
N THR A 871 -42.91 -30.58 32.85
CA THR A 871 -42.29 -29.28 33.08
C THR A 871 -41.09 -29.47 33.98
N HIS A 872 -41.19 -30.45 34.87
CA HIS A 872 -40.12 -30.76 35.82
C HIS A 872 -39.80 -32.25 35.77
N PHE A 873 -38.57 -32.58 36.17
CA PHE A 873 -38.13 -33.95 36.33
C PHE A 873 -37.29 -34.12 37.59
N MET A 874 -37.02 -33.01 38.28
CA MET A 874 -36.40 -33.03 39.61
C MET A 874 -37.44 -33.44 40.65
N GLN A 875 -38.70 -33.33 40.22
CA GLN A 875 -39.85 -33.63 41.04
C GLN A 875 -39.84 -35.05 41.56
N CYS A 876 -38.96 -35.89 41.02
CA CYS A 876 -38.98 -37.30 41.31
C CYS A 876 -39.12 -37.70 42.79
N THR A 877 -38.36 -37.04 43.69
CA THR A 877 -38.41 -37.37 45.12
C THR A 877 -39.75 -37.02 45.78
N GLU A 878 -40.32 -35.90 45.35
CA GLU A 878 -41.62 -35.42 45.84
C GLU A 878 -42.72 -35.72 44.84
N ASP A 879 -43.22 -36.95 44.88
CA ASP A 879 -44.25 -37.35 43.94
C ASP A 879 -45.63 -36.91 44.41
N HIS A 880 -45.86 -35.60 44.38
CA HIS A 880 -47.15 -35.03 44.78
C HIS A 880 -47.93 -34.40 43.61
N PRO A 881 -47.25 -33.62 42.75
CA PRO A 881 -48.00 -33.12 41.60
C PRO A 881 -48.39 -34.31 40.75
N HIS A 882 -47.45 -35.24 40.57
CA HIS A 882 -47.73 -36.53 39.95
C HIS A 882 -47.50 -37.62 41.00
N PHE A 883 -48.48 -38.52 41.19
CA PHE A 883 -48.29 -39.68 42.09
C PHE A 883 -47.16 -40.56 41.53
N GLU A 884 -47.47 -41.83 41.25
CA GLU A 884 -46.48 -42.79 40.75
C GLU A 884 -45.14 -42.61 41.45
N GLY A 885 -45.07 -42.97 42.72
CA GLY A 885 -43.80 -43.00 43.43
C GLY A 885 -43.04 -44.28 43.10
N LEU A 886 -41.80 -44.37 43.53
CA LEU A 886 -40.99 -45.58 43.31
C LEU A 886 -40.82 -45.87 41.82
N ASP A 887 -41.20 -44.91 40.98
CA ASP A 887 -40.96 -45.00 39.54
C ASP A 887 -39.74 -44.15 39.16
N CYS A 888 -39.36 -43.29 40.09
CA CYS A 888 -38.30 -42.30 39.92
C CYS A 888 -37.16 -42.62 38.94
N GLU A 889 -36.77 -41.59 38.16
CA GLU A 889 -35.55 -41.58 37.32
C GLU A 889 -35.64 -42.32 35.97
N ILE A 890 -36.84 -42.47 35.46
CA ILE A 890 -37.04 -43.05 34.12
C ILE A 890 -36.77 -41.97 33.07
N PHE A 891 -36.58 -40.74 33.53
CA PHE A 891 -36.33 -39.62 32.63
C PHE A 891 -34.94 -39.69 31.97
N GLU A 892 -33.98 -40.30 32.66
CA GLU A 892 -32.63 -40.44 32.12
C GLU A 892 -32.49 -41.69 31.24
N ALA A 893 -33.62 -42.27 30.88
CA ALA A 893 -33.64 -43.53 30.11
C ALA A 893 -33.01 -43.33 28.73
N PRO A 894 -32.18 -44.31 28.30
CA PRO A 894 -31.55 -44.48 26.99
C PRO A 894 -32.51 -44.60 25.82
N GLU A 895 -33.68 -45.18 26.06
CA GLU A 895 -34.61 -45.50 24.98
C GLU A 895 -35.36 -44.30 24.33
N PRO A 896 -35.74 -43.27 25.13
CA PRO A 896 -36.45 -42.11 24.57
C PRO A 896 -35.56 -41.29 23.65
N MET A 897 -34.26 -41.53 23.79
CA MET A 897 -33.21 -40.78 23.12
C MET A 897 -32.86 -41.56 21.87
N THR A 898 -32.99 -42.88 21.97
CA THR A 898 -32.72 -43.75 20.84
C THR A 898 -33.74 -43.54 19.76
N MET A 899 -34.96 -43.21 20.18
CA MET A 899 -36.04 -42.99 19.25
C MET A 899 -35.86 -41.66 18.48
N ALA A 900 -35.56 -40.59 19.23
CA ALA A 900 -35.33 -39.27 18.64
C ALA A 900 -34.24 -39.36 17.60
N LEU A 901 -33.16 -40.02 17.97
CA LEU A 901 -32.01 -40.15 17.11
C LEU A 901 -32.28 -41.03 15.89
N SER A 902 -32.95 -42.16 16.08
CA SER A 902 -33.19 -43.05 14.94
C SER A 902 -34.18 -42.42 13.98
N VAL A 903 -35.03 -41.54 14.51
CA VAL A 903 -35.93 -40.79 13.64
C VAL A 903 -35.13 -39.76 12.87
N LEU A 904 -34.05 -39.29 13.49
CA LEU A 904 -33.17 -38.28 12.88
C LEU A 904 -32.33 -38.89 11.77
N VAL A 905 -31.73 -40.04 12.06
CA VAL A 905 -31.01 -40.81 11.04
C VAL A 905 -31.95 -41.19 9.89
N THR A 906 -33.14 -41.70 10.20
CA THR A 906 -34.05 -42.13 9.15
C THR A 906 -34.56 -40.97 8.29
N ILE A 907 -34.68 -39.79 8.87
CA ILE A 907 -35.19 -38.64 8.12
C ILE A 907 -34.08 -37.97 7.34
N GLU A 908 -32.85 -38.10 7.83
CA GLU A 908 -31.69 -37.61 7.12
C GLU A 908 -31.20 -38.64 6.11
N MET A 909 -32.08 -39.57 5.77
CA MET A 909 -31.79 -40.54 4.73
C MET A 909 -32.79 -40.31 3.61
N CYS A 910 -33.92 -39.72 3.97
CA CYS A 910 -34.96 -39.40 3.00
C CYS A 910 -34.75 -37.98 2.53
N ASN A 911 -34.09 -37.21 3.39
CA ASN A 911 -33.71 -35.87 3.03
C ASN A 911 -32.58 -35.98 2.04
N ALA A 912 -31.82 -37.05 2.16
CA ALA A 912 -30.71 -37.31 1.23
C ALA A 912 -31.25 -37.81 -0.10
N LEU A 913 -32.56 -37.84 -0.25
CA LEU A 913 -33.17 -38.28 -1.49
C LEU A 913 -34.01 -37.14 -2.07
N ASN A 914 -34.47 -36.26 -1.18
CA ASN A 914 -35.06 -35.01 -1.62
C ASN A 914 -33.94 -34.07 -2.03
N SER A 915 -32.78 -34.32 -1.43
CA SER A 915 -31.58 -33.60 -1.76
C SER A 915 -30.79 -34.45 -2.74
N LEU A 916 -31.53 -35.28 -3.45
CA LEU A 916 -31.03 -35.94 -4.65
C LEU A 916 -31.35 -35.00 -5.80
N SER A 917 -31.81 -33.80 -5.43
CA SER A 917 -32.05 -32.75 -6.41
C SER A 917 -32.34 -31.42 -5.72
N GLU A 918 -32.99 -30.54 -6.45
CA GLU A 918 -33.51 -29.30 -5.89
C GLU A 918 -35.00 -29.25 -6.18
N ASN A 919 -35.36 -28.78 -7.36
CA ASN A 919 -36.74 -28.78 -7.79
C ASN A 919 -37.14 -30.14 -8.36
N GLN A 920 -36.16 -30.92 -8.82
CA GLN A 920 -36.45 -32.21 -9.44
C GLN A 920 -37.00 -33.17 -8.40
N SER A 921 -38.25 -33.57 -8.61
CA SER A 921 -38.93 -34.44 -7.69
C SER A 921 -38.57 -35.90 -7.92
N LEU A 922 -38.72 -36.73 -6.89
CA LEU A 922 -38.51 -38.18 -7.00
C LEU A 922 -39.71 -38.83 -7.70
N MET A 923 -40.76 -38.03 -7.86
CA MET A 923 -41.95 -38.40 -8.60
C MET A 923 -41.62 -38.62 -10.07
N ARG A 924 -40.96 -37.63 -10.67
CA ARG A 924 -40.57 -37.65 -12.09
C ARG A 924 -39.16 -38.24 -12.27
N MET A 925 -38.25 -37.83 -11.39
CA MET A 925 -36.88 -38.30 -11.43
C MET A 925 -36.68 -39.48 -10.48
N PRO A 926 -36.27 -40.63 -11.02
CA PRO A 926 -36.06 -41.85 -10.25
C PRO A 926 -35.11 -41.65 -9.06
N PRO A 927 -35.59 -41.94 -7.83
CA PRO A 927 -34.74 -41.90 -6.63
C PRO A 927 -33.56 -42.87 -6.77
N TRP A 928 -33.78 -43.93 -7.53
CA TRP A 928 -32.80 -44.99 -7.70
C TRP A 928 -31.72 -44.64 -8.74
N VAL A 929 -31.19 -43.42 -8.65
CA VAL A 929 -30.14 -43.00 -9.59
C VAL A 929 -28.75 -43.34 -9.08
N ASN A 930 -28.31 -42.66 -8.04
CA ASN A 930 -27.00 -42.89 -7.46
C ASN A 930 -26.93 -44.25 -6.83
N ILE A 931 -26.21 -45.16 -7.49
CA ILE A 931 -25.87 -46.42 -6.88
C ILE A 931 -24.95 -46.08 -5.72
N TRP A 932 -24.40 -44.88 -5.75
CA TRP A 932 -23.45 -44.45 -4.73
C TRP A 932 -24.15 -43.87 -3.51
N LEU A 933 -25.24 -43.14 -3.76
CA LEU A 933 -26.04 -42.57 -2.68
C LEU A 933 -26.73 -43.68 -1.90
N LEU A 934 -27.12 -44.72 -2.63
CA LEU A 934 -27.65 -45.93 -2.02
C LEU A 934 -26.58 -46.58 -1.15
N GLY A 935 -25.42 -46.81 -1.73
CA GLY A 935 -24.28 -47.35 -1.01
C GLY A 935 -23.98 -46.58 0.26
N SER A 936 -24.08 -45.26 0.20
CA SER A 936 -23.83 -44.43 1.38
C SER A 936 -24.98 -44.49 2.42
N ILE A 937 -26.21 -44.71 1.97
CA ILE A 937 -27.33 -44.86 2.89
C ILE A 937 -27.27 -46.18 3.62
N CYS A 938 -26.94 -47.25 2.90
CA CYS A 938 -26.75 -48.55 3.52
C CYS A 938 -25.64 -48.42 4.52
N LEU A 939 -24.51 -47.89 4.09
CA LEU A 939 -23.39 -47.75 5.01
C LEU A 939 -23.76 -46.88 6.18
N SER A 940 -24.63 -45.91 5.93
CA SER A 940 -25.02 -44.97 6.97
C SER A 940 -25.85 -45.63 8.08
N MET A 941 -26.89 -46.37 7.69
CA MET A 941 -27.77 -47.01 8.67
C MET A 941 -27.21 -48.36 9.12
N SER A 942 -26.41 -48.98 8.25
CA SER A 942 -25.67 -50.17 8.65
C SER A 942 -24.67 -49.78 9.76
N LEU A 943 -24.42 -48.49 9.92
CA LEU A 943 -23.49 -48.08 10.95
C LEU A 943 -24.26 -47.60 12.17
N HIS A 944 -25.47 -47.11 11.90
CA HIS A 944 -26.37 -46.74 12.97
C HIS A 944 -26.71 -48.01 13.75
N PHE A 945 -26.77 -49.13 13.05
CA PHE A 945 -27.07 -50.39 13.71
C PHE A 945 -25.85 -50.92 14.43
N LEU A 946 -24.66 -50.53 14.00
CA LEU A 946 -23.46 -50.87 14.72
C LEU A 946 -23.35 -49.97 15.93
N ILE A 947 -24.29 -49.04 16.04
CA ILE A 947 -24.23 -47.98 17.03
C ILE A 947 -25.35 -48.29 18.01
N LEU A 948 -26.10 -49.32 17.66
CA LEU A 948 -27.15 -49.82 18.51
C LEU A 948 -26.71 -51.11 19.18
N TYR A 949 -26.47 -52.13 18.36
CA TYR A 949 -26.30 -53.49 18.83
C TYR A 949 -24.84 -53.90 19.04
N VAL A 950 -24.00 -52.99 19.53
CA VAL A 950 -22.59 -53.34 19.71
C VAL A 950 -22.00 -53.01 21.07
N ASP A 951 -20.86 -53.65 21.33
CA ASP A 951 -20.07 -53.45 22.52
C ASP A 951 -19.67 -51.97 22.53
N PRO A 952 -18.83 -51.55 23.49
CA PRO A 952 -18.58 -50.22 24.05
C PRO A 952 -19.49 -49.06 23.65
N LEU A 953 -19.95 -49.02 22.40
CA LEU A 953 -20.88 -47.98 21.93
C LEU A 953 -22.23 -48.27 22.61
N PRO A 954 -23.35 -47.89 21.99
CA PRO A 954 -24.59 -47.79 22.73
C PRO A 954 -24.50 -47.28 24.19
N MET A 955 -23.29 -47.17 24.70
CA MET A 955 -23.03 -46.77 26.09
C MET A 955 -22.67 -45.28 26.11
N ILE A 956 -22.03 -44.86 25.04
CA ILE A 956 -21.74 -43.47 24.79
C ILE A 956 -22.99 -42.82 24.22
N PHE A 957 -23.69 -43.58 23.40
CA PHE A 957 -25.06 -43.29 22.99
C PHE A 957 -26.05 -43.93 23.98
N LYS A 958 -27.09 -44.58 23.45
CA LYS A 958 -28.15 -45.16 24.30
C LYS A 958 -28.59 -46.59 23.92
N LEU A 959 -29.44 -47.21 24.75
CA LEU A 959 -29.87 -48.63 24.60
C LEU A 959 -30.56 -48.96 23.27
N LYS A 960 -30.32 -50.17 22.77
CA LYS A 960 -30.92 -50.69 21.52
C LYS A 960 -32.44 -50.49 21.38
N ALA A 961 -32.87 -50.05 20.21
CA ALA A 961 -34.29 -49.97 19.90
C ALA A 961 -34.62 -51.34 19.35
N LEU A 962 -35.73 -51.90 19.83
CA LEU A 962 -36.20 -53.22 19.43
C LEU A 962 -37.16 -53.14 18.23
N ASP A 963 -37.06 -54.11 17.34
CA ASP A 963 -38.01 -54.22 16.24
C ASP A 963 -39.41 -54.27 16.83
N LEU A 964 -40.43 -54.10 16.01
CA LEU A 964 -41.83 -54.15 16.45
C LEU A 964 -42.13 -53.07 17.48
N THR A 965 -41.09 -52.31 17.85
CA THR A 965 -41.21 -51.28 18.85
C THR A 965 -40.65 -49.95 18.34
N GLN A 966 -39.36 -49.72 18.61
CA GLN A 966 -38.74 -48.43 18.36
C GLN A 966 -38.25 -48.29 16.92
N TRP A 967 -38.92 -48.98 16.01
CA TRP A 967 -38.56 -48.91 14.59
C TRP A 967 -39.78 -48.63 13.75
N LEU A 968 -40.88 -49.31 14.06
CA LEU A 968 -42.13 -49.10 13.37
C LEU A 968 -42.46 -47.62 13.40
N MET A 969 -42.27 -47.01 14.57
CA MET A 969 -42.63 -45.61 14.77
C MET A 969 -41.49 -44.67 14.32
N VAL A 970 -40.25 -45.16 14.38
CA VAL A 970 -39.14 -44.40 13.85
C VAL A 970 -39.28 -44.25 12.33
N LEU A 971 -39.98 -45.21 11.74
CA LEU A 971 -40.24 -45.21 10.30
C LEU A 971 -41.54 -44.48 9.96
N LYS A 972 -42.53 -44.54 10.84
CA LYS A 972 -43.81 -43.88 10.60
C LYS A 972 -43.68 -42.36 10.80
N ILE A 973 -42.70 -41.95 11.62
CA ILE A 973 -42.43 -40.54 11.85
C ILE A 973 -41.63 -39.93 10.69
N SER A 974 -40.92 -40.79 9.96
CA SER A 974 -39.99 -40.38 8.91
C SER A 974 -40.63 -40.13 7.52
N LEU A 975 -41.30 -41.14 6.96
CA LEU A 975 -42.02 -41.00 5.68
C LEU A 975 -42.48 -39.59 5.27
N PRO A 976 -43.28 -38.91 6.13
CA PRO A 976 -43.84 -37.59 5.77
C PRO A 976 -42.81 -36.60 5.27
N VAL A 977 -41.56 -36.75 5.69
CA VAL A 977 -40.51 -35.82 5.28
C VAL A 977 -40.44 -35.70 3.76
N ILE A 978 -40.59 -36.84 3.08
CA ILE A 978 -40.62 -36.86 1.63
C ILE A 978 -41.77 -36.00 1.11
N GLY A 979 -42.99 -36.31 1.55
CA GLY A 979 -44.16 -35.54 1.17
C GLY A 979 -44.04 -34.07 1.47
N LEU A 980 -43.36 -33.71 2.55
CA LEU A 980 -43.18 -32.31 2.92
C LEU A 980 -42.27 -31.61 1.93
N ASP A 981 -41.25 -32.31 1.45
CA ASP A 981 -40.31 -31.74 0.49
C ASP A 981 -40.73 -32.02 -0.95
N GLU A 982 -41.79 -32.79 -1.11
CA GLU A 982 -42.33 -33.09 -2.43
C GLU A 982 -43.47 -32.15 -2.78
N ILE A 983 -44.03 -31.52 -1.76
CA ILE A 983 -45.02 -30.46 -1.97
C ILE A 983 -44.30 -29.12 -2.04
N LEU A 984 -43.28 -28.96 -1.19
CA LEU A 984 -42.40 -27.79 -1.27
C LEU A 984 -41.67 -27.79 -2.60
N LYS A 985 -41.52 -28.99 -3.18
CA LYS A 985 -40.85 -29.16 -4.46
C LYS A 985 -41.81 -28.84 -5.60
N PHE A 986 -43.09 -29.09 -5.39
CA PHE A 986 -44.14 -28.67 -6.33
C PHE A 986 -44.22 -27.15 -6.36
N ILE A 987 -44.25 -26.54 -5.18
CA ILE A 987 -44.20 -25.09 -5.06
C ILE A 987 -43.22 -24.46 -6.05
N ALA A 988 -42.07 -25.11 -6.22
CA ALA A 988 -41.05 -24.62 -7.15
C ALA A 988 -41.32 -25.07 -8.59
N ARG A 989 -41.74 -26.32 -8.75
CA ARG A 989 -41.86 -26.91 -10.08
C ARG A 989 -43.29 -27.01 -10.60
N ASN A 990 -44.10 -26.01 -10.29
CA ASN A 990 -45.41 -25.87 -10.93
C ASN A 990 -45.91 -24.42 -10.93
N TYR A 991 -45.47 -23.63 -9.97
CA TYR A 991 -45.87 -22.23 -9.88
C TYR A 991 -44.81 -21.33 -9.23
N LEU A 992 -43.54 -21.71 -9.37
CA LEU A 992 -42.44 -20.90 -8.86
C LEU A 992 -42.05 -19.82 -9.86
N GLU A 993 -41.15 -18.93 -9.43
CA GLU A 993 -40.63 -17.87 -10.29
C GLU A 993 -39.95 -18.44 -11.53
N GLY A 994 -39.53 -19.70 -11.46
CA GLY A 994 -38.89 -20.36 -12.59
C GLY A 994 -37.53 -20.93 -12.28
N MET B 1 -21.35 19.76 -14.14
CA MET B 1 -20.95 18.47 -14.71
C MET B 1 -19.77 18.63 -15.63
N GLU B 2 -19.76 19.68 -16.43
CA GLU B 2 -18.81 19.69 -17.52
C GLU B 2 -17.36 19.52 -17.06
N ALA B 3 -16.69 18.51 -17.63
CA ALA B 3 -15.33 18.15 -17.24
C ALA B 3 -14.18 18.75 -18.09
N ALA B 4 -14.43 19.90 -18.72
CA ALA B 4 -13.35 20.60 -19.44
C ALA B 4 -13.32 22.14 -19.58
N HIS B 5 -12.07 22.60 -19.51
CA HIS B 5 -11.56 23.93 -19.75
C HIS B 5 -10.99 23.84 -21.12
N SER B 6 -11.02 22.61 -21.64
CA SER B 6 -10.31 22.21 -22.87
C SER B 6 -11.24 22.32 -24.07
N LYS B 7 -12.49 22.67 -23.76
CA LYS B 7 -13.50 22.97 -24.76
C LYS B 7 -13.60 24.48 -25.00
N SER B 8 -13.98 24.85 -26.22
CA SER B 8 -14.28 26.25 -26.51
C SER B 8 -15.56 26.77 -25.81
N THR B 9 -15.77 28.07 -25.86
CA THR B 9 -16.89 28.65 -25.18
C THR B 9 -18.19 28.23 -25.84
N GLU B 10 -18.18 28.03 -27.15
CA GLU B 10 -19.37 27.56 -27.87
C GLU B 10 -19.67 26.09 -27.54
N GLU B 11 -18.63 25.36 -27.16
CA GLU B 11 -18.78 23.95 -26.86
C GLU B 11 -19.38 23.74 -25.48
N CYS B 12 -19.18 24.68 -24.56
CA CYS B 12 -19.66 24.53 -23.20
C CYS B 12 -21.12 24.97 -23.11
N LEU B 13 -21.44 25.98 -23.91
CA LEU B 13 -22.79 26.52 -23.96
C LEU B 13 -23.75 25.48 -24.49
N ALA B 14 -23.28 24.74 -25.50
CA ALA B 14 -24.05 23.66 -26.10
C ALA B 14 -24.21 22.53 -25.11
N TYR B 15 -23.20 22.33 -24.27
CA TYR B 15 -23.24 21.26 -23.28
C TYR B 15 -24.46 21.31 -22.33
N PHE B 16 -24.63 22.39 -21.56
CA PHE B 16 -25.79 22.51 -20.68
C PHE B 16 -26.91 23.13 -21.49
N GLY B 17 -26.54 23.65 -22.65
CA GLY B 17 -27.51 24.14 -23.61
C GLY B 17 -28.14 25.46 -23.23
N VAL B 18 -27.30 26.39 -22.81
CA VAL B 18 -27.76 27.61 -22.19
C VAL B 18 -27.46 28.80 -23.10
N SER B 19 -28.38 29.76 -23.12
CA SER B 19 -28.16 30.93 -23.93
C SER B 19 -27.25 31.90 -23.22
N GLU B 20 -26.20 32.38 -23.91
CA GLU B 20 -25.26 33.31 -23.28
C GLU B 20 -26.00 34.61 -22.98
N THR B 21 -27.09 34.80 -23.72
CA THR B 21 -27.81 36.06 -23.71
C THR B 21 -29.08 36.06 -22.86
N THR B 22 -29.46 34.93 -22.28
CA THR B 22 -30.56 34.96 -21.33
C THR B 22 -30.16 34.26 -20.07
N GLY B 23 -29.30 33.27 -20.18
CA GLY B 23 -29.01 32.41 -19.05
C GLY B 23 -29.90 31.19 -19.05
N LEU B 24 -29.88 30.48 -17.94
CA LEU B 24 -30.77 29.34 -17.86
C LEU B 24 -32.24 29.77 -17.80
N THR B 25 -33.11 28.92 -18.31
CA THR B 25 -34.53 29.15 -18.17
C THR B 25 -34.94 28.54 -16.85
N PRO B 26 -36.14 28.91 -16.37
CA PRO B 26 -36.67 28.48 -15.07
C PRO B 26 -36.75 26.94 -14.91
N ASP B 27 -37.07 26.26 -16.00
CA ASP B 27 -37.16 24.82 -15.99
C ASP B 27 -35.74 24.24 -15.93
N GLN B 28 -34.85 24.78 -16.77
CA GLN B 28 -33.44 24.36 -16.78
C GLN B 28 -32.81 24.40 -15.40
N VAL B 29 -33.14 25.43 -14.61
CA VAL B 29 -32.61 25.59 -13.24
C VAL B 29 -33.07 24.49 -12.29
N LYS B 30 -34.39 24.25 -12.28
CA LYS B 30 -35.04 23.23 -11.45
C LYS B 30 -34.44 21.88 -11.75
N ARG B 31 -34.32 21.57 -13.05
CA ARG B 31 -33.61 20.39 -13.52
C ARG B 31 -32.16 20.25 -13.01
N HIS B 32 -31.35 21.29 -13.21
CA HIS B 32 -29.94 21.26 -12.86
C HIS B 32 -29.69 21.18 -11.35
N LEU B 33 -30.54 21.84 -10.57
CA LEU B 33 -30.42 21.79 -9.12
C LEU B 33 -30.78 20.38 -8.68
N GLU B 34 -31.70 19.77 -9.41
CA GLU B 34 -32.12 18.43 -9.10
C GLU B 34 -30.94 17.50 -9.34
N LYS B 35 -30.34 17.65 -10.53
CA LYS B 35 -29.22 16.80 -11.00
C LYS B 35 -27.91 16.97 -10.25
N TYR B 36 -27.50 18.20 -9.99
CA TYR B 36 -26.16 18.47 -9.45
C TYR B 36 -26.13 18.96 -7.99
N GLY B 37 -27.28 19.42 -7.50
CA GLY B 37 -27.39 19.77 -6.09
C GLY B 37 -26.91 21.15 -5.74
N HIS B 38 -27.05 21.49 -4.46
CA HIS B 38 -26.66 22.82 -4.04
C HIS B 38 -25.15 23.04 -4.08
N ASN B 39 -24.79 24.25 -4.47
CA ASN B 39 -23.42 24.65 -4.56
C ASN B 39 -22.82 25.03 -3.19
N GLU B 40 -22.56 24.01 -2.35
CA GLU B 40 -21.93 24.25 -1.03
C GLU B 40 -20.97 23.15 -0.62
N LEU B 41 -20.22 23.44 0.44
CA LEU B 41 -19.28 22.48 0.99
C LEU B 41 -20.00 21.82 2.12
N PRO B 42 -20.47 20.59 1.88
CA PRO B 42 -21.08 19.76 2.89
C PRO B 42 -20.07 19.74 4.02
N ALA B 43 -20.45 20.25 5.18
CA ALA B 43 -19.52 20.30 6.29
C ALA B 43 -19.18 18.88 6.68
N GLU B 44 -18.08 18.72 7.40
CA GLU B 44 -17.68 17.41 7.88
C GLU B 44 -18.75 16.99 8.83
N GLU B 45 -19.59 16.05 8.42
CA GLU B 45 -20.57 15.51 9.34
C GLU B 45 -19.96 14.28 9.97
N GLY B 46 -19.18 14.53 11.01
CA GLY B 46 -18.85 13.48 11.94
C GLY B 46 -20.16 13.17 12.62
N LYS B 47 -20.99 12.35 11.99
CA LYS B 47 -21.94 11.57 12.76
C LYS B 47 -21.00 10.53 13.39
N SER B 48 -20.53 10.82 14.58
CA SER B 48 -19.75 9.85 15.38
C SER B 48 -20.78 9.01 16.09
N LEU B 49 -20.75 7.71 15.81
CA LEU B 49 -21.66 6.84 16.48
C LEU B 49 -21.65 7.24 17.96
N TRP B 50 -22.85 7.39 18.53
CA TRP B 50 -22.97 7.84 19.90
C TRP B 50 -22.01 7.07 20.80
N GLU B 51 -21.83 5.76 20.56
CA GLU B 51 -20.96 4.92 21.38
C GLU B 51 -19.48 5.26 21.21
N LEU B 52 -19.19 6.15 20.23
CA LEU B 52 -17.82 6.57 20.05
C LEU B 52 -17.38 7.47 21.24
N VAL B 53 -18.34 8.16 21.84
CA VAL B 53 -18.20 8.73 23.19
C VAL B 53 -17.73 7.69 24.20
N ILE B 54 -18.13 6.44 23.97
CA ILE B 54 -17.85 5.37 24.89
C ILE B 54 -16.39 5.02 24.74
N GLU B 55 -15.82 5.33 23.58
CA GLU B 55 -14.38 5.42 23.48
C GLU B 55 -13.82 6.47 24.45
N GLN B 56 -13.78 6.10 25.73
CA GLN B 56 -12.69 6.45 26.63
C GLN B 56 -12.59 5.16 27.40
N PHE B 57 -13.67 4.38 27.32
CA PHE B 57 -13.76 3.06 27.91
C PHE B 57 -13.20 1.98 26.99
N GLU B 58 -12.06 2.25 26.38
CA GLU B 58 -11.44 1.28 25.49
C GLU B 58 -9.93 1.19 25.73
N ASP B 59 -9.43 1.95 26.71
CA ASP B 59 -8.00 1.93 27.04
C ASP B 59 -7.50 0.53 27.37
N LEU B 60 -8.40 -0.34 27.82
CA LEU B 60 -8.05 -1.73 28.13
C LEU B 60 -7.07 -1.83 29.31
N LEU B 61 -6.35 -0.75 29.61
CA LEU B 61 -5.42 -0.70 30.74
C LEU B 61 -6.06 0.07 31.86
N VAL B 62 -6.86 1.05 31.50
CA VAL B 62 -7.71 1.73 32.46
C VAL B 62 -9.04 0.95 32.54
N ARG B 63 -9.30 0.17 31.49
CA ARG B 63 -10.48 -0.70 31.41
C ARG B 63 -10.33 -1.86 32.39
N ILE B 64 -9.09 -2.12 32.78
CA ILE B 64 -8.82 -3.11 33.80
C ILE B 64 -9.11 -2.55 35.20
N LEU B 65 -8.45 -1.47 35.57
CA LEU B 65 -8.67 -0.84 36.87
C LEU B 65 -10.13 -0.46 37.10
N LEU B 66 -10.93 -0.51 36.04
CA LEU B 66 -12.37 -0.33 36.19
C LEU B 66 -12.90 -1.53 36.92
N LEU B 67 -12.65 -2.70 36.36
CA LEU B 67 -13.10 -3.93 36.96
C LEU B 67 -12.43 -4.16 38.33
N ALA B 68 -11.27 -3.54 38.55
CA ALA B 68 -10.56 -3.66 39.83
C ALA B 68 -11.11 -2.73 40.90
N ALA B 69 -12.06 -1.89 40.53
CA ALA B 69 -12.73 -1.02 41.50
C ALA B 69 -14.13 -1.56 41.77
N CYS B 70 -14.73 -2.21 40.77
CA CYS B 70 -15.97 -2.94 40.94
C CYS B 70 -15.71 -4.09 41.91
N ILE B 71 -14.65 -4.83 41.60
CA ILE B 71 -14.24 -5.96 42.41
C ILE B 71 -13.80 -5.47 43.79
N SER B 72 -12.85 -4.57 43.84
CA SER B 72 -12.41 -4.03 45.12
C SER B 72 -13.58 -3.48 45.93
N PHE B 73 -14.64 -3.05 45.27
CA PHE B 73 -15.78 -2.49 45.99
C PHE B 73 -16.71 -3.57 46.56
N VAL B 74 -17.28 -4.41 45.70
CA VAL B 74 -18.16 -5.46 46.16
C VAL B 74 -17.51 -6.18 47.32
N LEU B 75 -16.19 -6.17 47.34
CA LEU B 75 -15.41 -6.86 48.37
C LEU B 75 -15.31 -6.05 49.66
N ALA B 76 -15.35 -4.72 49.55
CA ALA B 76 -15.33 -3.84 50.72
C ALA B 76 -16.70 -3.86 51.42
N TRP B 77 -17.74 -4.10 50.63
CA TRP B 77 -19.10 -4.16 51.18
C TRP B 77 -19.29 -5.41 52.06
N PHE B 78 -18.81 -6.54 51.57
CA PHE B 78 -18.81 -7.79 52.32
C PHE B 78 -17.50 -7.87 53.10
N GLU B 79 -17.07 -6.75 53.67
CA GLU B 79 -16.00 -6.74 54.64
C GLU B 79 -16.49 -7.56 55.82
N GLU B 80 -15.84 -8.68 56.07
CA GLU B 80 -16.31 -9.65 57.06
C GLU B 80 -15.85 -9.34 58.49
N GLY B 81 -14.64 -8.82 58.65
CA GLY B 81 -14.12 -8.53 59.98
C GLY B 81 -14.85 -7.44 60.73
N GLU B 82 -14.32 -7.07 61.90
CA GLU B 82 -14.87 -5.97 62.70
C GLU B 82 -14.91 -4.68 61.89
N GLU B 83 -16.07 -4.01 61.91
CA GLU B 83 -16.31 -2.79 61.14
C GLU B 83 -15.15 -1.81 61.19
N THR B 84 -14.49 -1.60 60.05
CA THR B 84 -13.41 -0.62 59.98
C THR B 84 -13.99 0.69 59.47
N ILE B 85 -13.44 1.80 59.94
CA ILE B 85 -13.91 3.12 59.48
C ILE B 85 -13.33 3.42 58.10
N THR B 86 -12.45 2.55 57.62
CA THR B 86 -11.78 2.76 56.34
C THR B 86 -12.04 1.65 55.35
N ALA B 87 -13.20 1.01 55.46
CA ALA B 87 -13.53 -0.12 54.61
C ALA B 87 -13.57 0.19 53.10
N PHE B 88 -14.16 1.33 52.74
CA PHE B 88 -14.45 1.66 51.34
C PHE B 88 -13.44 2.63 50.70
N VAL B 89 -12.52 3.13 51.51
CA VAL B 89 -11.50 4.07 51.04
C VAL B 89 -10.85 3.60 49.75
N GLU B 90 -10.57 2.31 49.66
CA GLU B 90 -9.86 1.78 48.52
C GLU B 90 -10.64 1.88 47.21
N PRO B 91 -11.76 1.14 47.07
CA PRO B 91 -12.41 1.04 45.77
C PRO B 91 -12.78 2.43 45.28
N PHE B 92 -12.73 3.39 46.21
CA PHE B 92 -13.11 4.75 45.89
C PHE B 92 -11.93 5.67 45.61
N VAL B 93 -10.74 5.32 46.08
CA VAL B 93 -9.55 6.05 45.66
C VAL B 93 -9.21 5.73 44.21
N ILE B 94 -9.24 4.43 43.86
CA ILE B 94 -9.15 4.00 42.47
C ILE B 94 -10.05 4.87 41.61
N LEU B 95 -11.31 4.98 42.03
CA LEU B 95 -12.30 5.72 41.27
C LEU B 95 -11.92 7.20 41.18
N LEU B 96 -11.38 7.76 42.24
CA LEU B 96 -11.00 9.18 42.26
C LEU B 96 -9.80 9.45 41.35
N ILE B 97 -9.26 8.40 40.75
CA ILE B 97 -8.09 8.53 39.90
C ILE B 97 -8.39 8.08 38.47
N LEU B 98 -9.25 7.07 38.32
CA LEU B 98 -9.76 6.68 37.01
C LEU B 98 -10.55 7.83 36.40
N ILE B 99 -10.82 8.83 37.22
CA ILE B 99 -11.58 9.99 36.80
C ILE B 99 -10.67 11.21 36.71
N ALA B 100 -9.74 11.33 37.65
CA ALA B 100 -8.79 12.43 37.60
C ALA B 100 -7.73 12.16 36.52
N ASN B 101 -7.61 10.90 36.09
CA ASN B 101 -6.67 10.55 35.02
C ASN B 101 -7.31 10.59 33.63
N ALA B 102 -8.62 10.34 33.56
CA ALA B 102 -9.36 10.53 32.32
C ALA B 102 -9.49 12.04 32.04
N ILE B 103 -9.34 12.82 33.12
CA ILE B 103 -9.38 14.29 33.09
C ILE B 103 -8.02 14.90 32.74
N VAL B 104 -6.95 14.11 32.79
CA VAL B 104 -5.66 14.63 32.38
C VAL B 104 -5.53 14.48 30.89
N GLY B 105 -6.23 13.48 30.35
CA GLY B 105 -6.20 13.19 28.93
C GLY B 105 -6.48 14.41 28.07
N VAL B 106 -7.36 15.30 28.54
CA VAL B 106 -7.80 16.43 27.73
C VAL B 106 -6.80 17.59 27.68
N TRP B 107 -5.69 17.48 28.39
CA TRP B 107 -4.64 18.47 28.21
C TRP B 107 -3.84 18.10 26.96
N GLN B 108 -3.40 16.85 26.89
CA GLN B 108 -2.67 16.35 25.72
C GLN B 108 -3.58 16.06 24.53
N GLU B 109 -4.66 15.33 24.79
CA GLU B 109 -5.59 14.90 23.74
C GLU B 109 -6.37 16.05 23.08
N ARG B 110 -6.41 17.22 23.71
CA ARG B 110 -7.26 18.31 23.23
C ARG B 110 -6.75 19.00 21.96
N ASN B 111 -7.69 19.36 21.07
CA ASN B 111 -7.42 20.14 19.85
C ASN B 111 -8.69 20.89 19.38
N ALA B 112 -8.65 22.21 19.37
CA ALA B 112 -9.85 23.00 19.08
C ALA B 112 -10.01 23.36 17.60
N GLU B 113 -11.23 23.75 17.21
CA GLU B 113 -11.54 24.21 15.85
C GLU B 113 -11.38 23.16 14.76
N ASN B 114 -11.75 23.53 13.54
CA ASN B 114 -11.53 22.68 12.38
C ASN B 114 -11.28 23.52 11.13
N ALA B 115 -10.61 22.91 10.16
CA ALA B 115 -10.18 23.67 9.01
C ALA B 115 -11.32 23.80 8.01
N ILE B 116 -12.30 22.91 8.08
CA ILE B 116 -13.43 22.98 7.13
C ILE B 116 -14.30 24.21 7.36
N GLU B 117 -14.28 24.72 8.59
CA GLU B 117 -15.08 25.87 8.92
C GLU B 117 -14.35 27.06 8.35
N ALA B 118 -13.02 27.04 8.50
CA ALA B 118 -12.16 28.15 8.11
C ALA B 118 -12.05 28.20 6.61
N LEU B 119 -12.28 27.04 6.01
CA LEU B 119 -12.15 26.85 4.57
C LEU B 119 -13.43 27.29 3.90
N LYS B 120 -14.54 27.17 4.62
CA LYS B 120 -15.83 27.57 4.10
C LYS B 120 -16.02 29.09 4.24
N GLU B 121 -15.01 29.78 4.76
CA GLU B 121 -15.03 31.23 4.73
C GLU B 121 -14.57 31.72 3.37
N TYR B 122 -14.27 30.78 2.51
CA TYR B 122 -13.88 31.11 1.16
C TYR B 122 -15.08 30.86 0.29
N GLU B 123 -16.18 30.51 0.96
CA GLU B 123 -17.48 30.40 0.31
C GLU B 123 -18.25 31.69 0.47
N PRO B 124 -18.38 32.46 -0.64
CA PRO B 124 -19.10 33.73 -0.64
C PRO B 124 -20.60 33.49 -0.46
N GLU B 125 -21.27 34.30 0.36
CA GLU B 125 -22.69 34.14 0.65
C GLU B 125 -23.55 34.23 -0.61
N MET B 126 -23.22 35.23 -1.44
CA MET B 126 -23.99 35.57 -2.63
C MET B 126 -23.25 35.43 -3.98
N GLY B 127 -23.99 35.28 -5.08
CA GLY B 127 -23.42 35.22 -6.42
C GLY B 127 -24.24 36.02 -7.43
N LYS B 128 -23.71 36.24 -8.64
CA LYS B 128 -24.48 36.96 -9.68
C LYS B 128 -24.73 36.09 -10.91
N VAL B 129 -25.97 35.97 -11.31
CA VAL B 129 -26.26 35.13 -12.44
C VAL B 129 -27.19 35.87 -13.33
N TYR B 130 -27.20 35.39 -14.56
CA TYR B 130 -28.19 35.75 -15.54
C TYR B 130 -29.08 34.54 -15.82
N ARG B 131 -30.36 34.74 -15.53
CA ARG B 131 -31.36 33.72 -15.72
C ARG B 131 -32.49 34.34 -16.52
N ALA B 132 -33.26 33.50 -17.20
CA ALA B 132 -34.11 33.93 -18.30
C ALA B 132 -35.35 34.67 -17.85
N ASP B 133 -35.68 34.50 -16.56
CA ASP B 133 -36.86 35.11 -15.94
C ASP B 133 -36.64 36.53 -15.47
N ARG B 134 -35.38 36.97 -15.53
CA ARG B 134 -35.00 38.35 -15.21
C ARG B 134 -34.05 38.89 -16.24
N LYS B 135 -34.26 40.17 -16.54
CA LYS B 135 -33.38 40.89 -17.46
C LYS B 135 -32.02 41.30 -16.83
N SER B 136 -32.03 41.69 -15.55
CA SER B 136 -30.82 42.09 -14.83
C SER B 136 -30.04 40.94 -14.19
N VAL B 137 -28.74 41.20 -14.02
CA VAL B 137 -27.92 40.31 -13.24
C VAL B 137 -28.62 40.18 -11.90
N GLN B 138 -28.62 38.96 -11.36
CA GLN B 138 -29.41 38.65 -10.22
C GLN B 138 -28.45 38.20 -9.15
N ARG B 139 -28.54 38.82 -7.98
CA ARG B 139 -27.79 38.42 -6.78
C ARG B 139 -28.54 37.41 -5.96
N ILE B 140 -27.96 36.22 -5.88
CA ILE B 140 -28.59 35.09 -5.24
C ILE B 140 -27.65 34.43 -4.23
N LYS B 141 -28.21 33.55 -3.41
CA LYS B 141 -27.42 32.78 -2.47
C LYS B 141 -26.53 31.91 -3.33
N ALA B 142 -25.23 31.90 -3.05
CA ALA B 142 -24.30 31.18 -3.92
C ALA B 142 -24.52 29.67 -3.89
N ARG B 143 -25.26 29.19 -2.88
CA ARG B 143 -25.59 27.77 -2.79
C ARG B 143 -26.68 27.39 -3.75
N ASP B 144 -27.32 28.38 -4.37
CA ASP B 144 -28.39 28.15 -5.34
C ASP B 144 -27.93 28.28 -6.81
N ILE B 145 -26.65 28.48 -7.02
CA ILE B 145 -26.14 28.45 -8.40
C ILE B 145 -25.68 27.05 -8.84
N VAL B 146 -26.00 26.73 -10.08
CA VAL B 146 -25.94 25.35 -10.56
C VAL B 146 -25.04 25.26 -11.76
N PRO B 147 -24.45 24.07 -11.98
CA PRO B 147 -23.66 24.10 -13.20
C PRO B 147 -24.54 24.57 -14.34
N GLY B 148 -23.96 25.33 -15.25
CA GLY B 148 -24.60 25.50 -16.53
C GLY B 148 -25.19 26.86 -16.70
N ASP B 149 -25.24 27.66 -15.63
CA ASP B 149 -25.78 28.99 -15.82
C ASP B 149 -24.70 30.02 -15.91
N ILE B 150 -25.13 31.13 -16.49
CA ILE B 150 -24.36 32.30 -16.76
C ILE B 150 -24.06 33.09 -15.50
N VAL B 151 -22.80 33.05 -15.10
CA VAL B 151 -22.32 33.78 -13.94
C VAL B 151 -21.63 35.10 -14.31
N GLU B 152 -21.59 36.05 -13.38
CA GLU B 152 -20.84 37.30 -13.57
C GLU B 152 -20.00 37.59 -12.33
N VAL B 153 -18.79 38.16 -12.53
CA VAL B 153 -17.83 38.43 -11.45
C VAL B 153 -17.16 39.78 -11.70
N ALA B 154 -16.63 40.38 -10.64
CA ALA B 154 -15.93 41.65 -10.81
C ALA B 154 -14.95 41.91 -9.66
N VAL B 155 -14.33 43.08 -9.66
CA VAL B 155 -13.36 43.41 -8.63
C VAL B 155 -13.90 43.13 -7.25
N GLY B 156 -13.08 42.44 -6.47
CA GLY B 156 -13.37 42.24 -5.07
C GLY B 156 -14.26 41.06 -4.82
N ASP B 157 -14.80 40.52 -5.90
CA ASP B 157 -15.71 39.38 -5.81
C ASP B 157 -14.91 38.14 -5.45
N LYS B 158 -15.48 37.26 -4.63
CA LYS B 158 -14.92 35.92 -4.41
C LYS B 158 -15.60 34.91 -5.36
N VAL B 159 -14.87 34.29 -6.30
CA VAL B 159 -15.46 33.37 -7.29
C VAL B 159 -16.31 32.29 -6.59
N PRO B 160 -17.60 32.14 -6.98
CA PRO B 160 -18.59 31.33 -6.26
C PRO B 160 -18.65 29.91 -6.78
N ALA B 161 -18.03 29.64 -7.92
CA ALA B 161 -17.96 28.29 -8.41
C ALA B 161 -16.75 28.13 -9.32
N ASP B 162 -16.46 26.89 -9.67
CA ASP B 162 -15.56 26.61 -10.76
C ASP B 162 -16.24 26.93 -12.12
N ILE B 163 -15.72 27.95 -12.80
CA ILE B 163 -16.39 28.59 -13.92
C ILE B 163 -15.52 28.62 -15.15
N ARG B 164 -16.13 28.33 -16.30
CA ARG B 164 -15.48 28.53 -17.58
C ARG B 164 -15.71 29.95 -18.06
N ILE B 165 -14.65 30.74 -18.15
CA ILE B 165 -14.75 32.09 -18.71
C ILE B 165 -15.28 32.09 -20.14
N LEU B 166 -16.24 33.00 -20.40
CA LEU B 166 -16.89 33.18 -21.71
C LEU B 166 -16.58 34.53 -22.36
N SER B 167 -16.44 35.57 -21.53
CA SER B 167 -16.36 36.92 -22.03
C SER B 167 -15.76 37.86 -20.98
N ILE B 168 -14.53 38.34 -21.20
CA ILE B 168 -13.98 39.37 -20.34
C ILE B 168 -14.45 40.73 -20.80
N LYS B 169 -15.08 41.46 -19.90
CA LYS B 169 -15.70 42.72 -20.24
C LYS B 169 -14.69 43.86 -20.04
N SER B 170 -13.91 43.75 -18.98
CA SER B 170 -12.85 44.71 -18.72
C SER B 170 -11.75 44.47 -19.72
N THR B 171 -10.74 45.34 -19.72
CA THR B 171 -9.71 45.27 -20.75
C THR B 171 -8.80 44.07 -20.42
N THR B 172 -8.95 43.59 -19.19
CA THR B 172 -8.08 42.56 -18.65
C THR B 172 -8.71 41.94 -17.41
N LEU B 173 -8.67 40.63 -17.24
CA LEU B 173 -9.15 40.05 -15.97
C LEU B 173 -8.02 39.48 -15.09
N ARG B 174 -7.94 39.94 -13.84
CA ARG B 174 -6.84 39.55 -12.97
C ARG B 174 -7.36 38.82 -11.76
N VAL B 175 -6.83 37.64 -11.54
CA VAL B 175 -7.38 36.75 -10.54
C VAL B 175 -6.29 36.42 -9.58
N ASP B 176 -6.58 36.53 -8.30
CA ASP B 176 -5.62 36.11 -7.30
C ASP B 176 -5.98 34.67 -6.93
N GLN B 177 -5.17 33.69 -7.34
CA GLN B 177 -5.51 32.29 -7.01
C GLN B 177 -4.63 31.63 -5.96
N SER B 178 -4.22 32.35 -4.92
CA SER B 178 -3.25 31.85 -3.92
C SER B 178 -3.80 30.74 -3.06
N ILE B 179 -5.12 30.70 -2.99
CA ILE B 179 -5.84 29.71 -2.22
C ILE B 179 -5.55 28.32 -2.84
N LEU B 180 -5.15 28.35 -4.11
CA LEU B 180 -4.85 27.16 -4.90
C LEU B 180 -3.36 26.96 -5.23
N THR B 181 -2.57 28.00 -5.03
CA THR B 181 -1.23 28.05 -5.59
C THR B 181 -0.27 28.64 -4.59
N GLY B 182 -0.79 29.31 -3.58
CA GLY B 182 0.09 29.90 -2.59
C GLY B 182 0.63 31.23 -3.05
N GLU B 183 0.29 31.63 -4.28
CA GLU B 183 0.75 32.90 -4.89
C GLU B 183 -0.34 33.97 -5.17
N SER B 184 -0.15 35.14 -4.57
CA SER B 184 -1.01 36.31 -4.75
C SER B 184 -0.82 37.05 -6.10
N VAL B 185 0.06 36.53 -6.95
CA VAL B 185 0.25 37.24 -8.19
C VAL B 185 -1.05 37.20 -8.98
N SER B 186 -1.30 38.29 -9.70
CA SER B 186 -2.52 38.36 -10.49
C SER B 186 -2.35 37.54 -11.72
N VAL B 187 -3.19 36.52 -11.85
CA VAL B 187 -3.17 35.76 -13.09
C VAL B 187 -4.12 36.35 -14.13
N ILE B 188 -3.55 36.65 -15.27
CA ILE B 188 -4.26 37.28 -16.37
C ILE B 188 -4.94 36.19 -17.21
N LYS B 189 -6.28 36.20 -17.16
CA LYS B 189 -7.10 35.17 -17.78
C LYS B 189 -7.48 35.52 -19.22
N HIS B 190 -7.87 34.48 -19.96
CA HIS B 190 -8.35 34.59 -21.33
C HIS B 190 -9.42 33.54 -21.46
N THR B 191 -9.88 33.39 -22.71
CA THR B 191 -11.15 32.78 -23.08
C THR B 191 -10.93 31.58 -23.95
N GLU B 192 -9.69 31.44 -24.42
CA GLU B 192 -9.36 30.46 -25.44
C GLU B 192 -9.22 29.15 -24.74
N PRO B 193 -9.56 28.06 -25.44
CA PRO B 193 -9.42 26.69 -24.89
C PRO B 193 -7.99 26.40 -24.39
N VAL B 194 -7.88 25.56 -23.37
CA VAL B 194 -6.58 25.20 -22.82
C VAL B 194 -6.60 23.69 -22.89
N PRO B 195 -6.17 23.12 -24.04
CA PRO B 195 -6.38 21.75 -24.56
C PRO B 195 -5.88 20.60 -23.68
N ASP B 196 -4.69 20.71 -23.13
CA ASP B 196 -4.24 19.62 -22.28
C ASP B 196 -5.25 19.37 -21.15
N PRO B 197 -5.80 18.15 -21.10
CA PRO B 197 -6.75 17.78 -20.03
C PRO B 197 -6.02 17.47 -18.72
N ARG B 198 -4.75 17.09 -18.85
CA ARG B 198 -3.92 16.92 -17.68
C ARG B 198 -3.38 18.27 -17.22
N ALA B 199 -4.02 19.36 -17.68
CA ALA B 199 -3.60 20.72 -17.32
C ALA B 199 -3.81 20.91 -15.83
N VAL B 200 -2.90 21.63 -15.18
CA VAL B 200 -3.07 22.00 -13.77
C VAL B 200 -3.83 23.32 -13.58
N ASN B 201 -4.13 23.66 -12.34
CA ASN B 201 -4.79 24.94 -12.09
C ASN B 201 -4.05 26.11 -12.76
N GLN B 202 -2.74 26.08 -12.59
CA GLN B 202 -1.82 27.10 -13.07
C GLN B 202 -1.88 27.31 -14.57
N ASP B 203 -2.43 26.32 -15.26
CA ASP B 203 -2.43 26.29 -16.70
C ASP B 203 -3.77 26.69 -17.21
N LYS B 204 -4.81 26.41 -16.42
CA LYS B 204 -6.19 26.68 -16.88
C LYS B 204 -6.48 28.17 -16.74
N LYS B 205 -5.93 28.93 -17.67
CA LYS B 205 -5.99 30.38 -17.63
C LYS B 205 -7.32 30.87 -18.17
N ASN B 206 -8.23 29.93 -18.46
CA ASN B 206 -9.56 30.21 -19.02
C ASN B 206 -10.69 29.86 -18.07
N MET B 207 -10.31 29.49 -16.87
CA MET B 207 -11.24 29.09 -15.85
C MET B 207 -11.04 29.99 -14.67
N LEU B 208 -12.13 30.25 -13.94
CA LEU B 208 -12.06 30.91 -12.62
C LEU B 208 -12.40 29.86 -11.61
N PHE B 209 -11.73 29.86 -10.47
CA PHE B 209 -11.95 28.80 -9.48
C PHE B 209 -12.67 29.31 -8.24
N SER B 210 -13.66 28.54 -7.79
CA SER B 210 -14.42 28.92 -6.61
C SER B 210 -13.45 29.01 -5.47
N GLY B 211 -13.62 30.07 -4.68
CA GLY B 211 -12.66 30.47 -3.66
C GLY B 211 -11.79 31.68 -4.03
N THR B 212 -11.33 31.71 -5.28
CA THR B 212 -10.36 32.71 -5.69
C THR B 212 -11.05 34.07 -5.74
N ASN B 213 -10.30 35.14 -5.94
CA ASN B 213 -10.94 36.43 -5.95
C ASN B 213 -10.48 37.22 -7.16
N ILE B 214 -11.40 38.01 -7.70
CA ILE B 214 -11.13 38.95 -8.78
C ILE B 214 -10.32 40.15 -8.28
N ALA B 215 -9.07 40.22 -8.74
CA ALA B 215 -8.19 41.26 -8.26
C ALA B 215 -8.50 42.54 -9.02
N ALA B 216 -8.86 42.38 -10.28
CA ALA B 216 -9.32 43.49 -11.09
C ALA B 216 -10.07 43.01 -12.31
N GLY B 217 -11.06 43.79 -12.70
CA GLY B 217 -11.77 43.52 -13.94
C GLY B 217 -13.21 43.07 -13.81
N LYS B 218 -13.81 42.78 -14.95
CA LYS B 218 -15.16 42.26 -14.99
C LYS B 218 -15.26 41.15 -16.02
N ALA B 219 -16.00 40.11 -15.69
CA ALA B 219 -16.16 39.05 -16.67
C ALA B 219 -17.42 38.23 -16.49
N LEU B 220 -17.73 37.49 -17.54
CA LEU B 220 -18.87 36.62 -17.60
C LEU B 220 -18.42 35.15 -17.80
N GLY B 221 -18.92 34.21 -17.02
CA GLY B 221 -18.65 32.83 -17.33
C GLY B 221 -19.86 31.93 -17.31
N ILE B 222 -19.60 30.64 -17.47
CA ILE B 222 -20.63 29.64 -17.41
C ILE B 222 -20.12 28.69 -16.34
N VAL B 223 -20.98 28.36 -15.39
CA VAL B 223 -20.51 27.56 -14.26
C VAL B 223 -20.26 26.18 -14.75
N ALA B 224 -19.03 25.68 -14.60
CA ALA B 224 -18.72 24.32 -15.08
C ALA B 224 -19.11 23.33 -14.01
N THR B 225 -18.66 23.54 -12.78
CA THR B 225 -18.99 22.60 -11.69
C THR B 225 -19.21 23.28 -10.36
N THR B 226 -19.81 22.55 -9.41
CA THR B 226 -20.23 23.09 -8.12
C THR B 226 -19.81 22.21 -6.94
N GLY B 227 -20.15 22.68 -5.75
CA GLY B 227 -20.07 21.89 -4.54
C GLY B 227 -18.72 21.29 -4.22
N VAL B 228 -18.70 19.96 -4.10
CA VAL B 228 -17.50 19.18 -3.80
C VAL B 228 -16.70 18.89 -5.05
N SER B 229 -17.36 19.04 -6.20
CA SER B 229 -16.73 18.78 -7.49
C SER B 229 -15.84 19.92 -7.98
N THR B 230 -15.41 20.77 -7.06
CA THR B 230 -14.62 21.94 -7.44
C THR B 230 -13.25 21.84 -6.84
N GLU B 231 -12.32 22.56 -7.40
CA GLU B 231 -10.97 22.54 -6.87
C GLU B 231 -10.90 22.67 -5.37
N ILE B 232 -11.75 23.51 -4.79
CA ILE B 232 -11.73 23.72 -3.35
C ILE B 232 -12.46 22.60 -2.64
N GLY B 233 -13.37 21.95 -3.36
CA GLY B 233 -13.97 20.73 -2.86
C GLY B 233 -12.90 19.65 -2.67
N LYS B 234 -11.88 19.65 -3.53
CA LYS B 234 -10.84 18.63 -3.45
C LYS B 234 -10.01 18.93 -2.24
N ILE B 235 -9.96 20.20 -1.87
CA ILE B 235 -9.16 20.57 -0.73
C ILE B 235 -9.99 20.15 0.44
N ARG B 236 -11.30 20.32 0.30
CA ARG B 236 -12.23 20.00 1.35
C ARG B 236 -12.31 18.50 1.65
N ASP B 237 -12.55 17.68 0.63
CA ASP B 237 -12.55 16.22 0.79
C ASP B 237 -11.23 15.76 1.37
N GLN B 238 -10.13 16.28 0.85
CA GLN B 238 -8.82 15.93 1.36
C GLN B 238 -8.69 16.20 2.85
N MET B 239 -9.59 17.01 3.41
CA MET B 239 -9.46 17.43 4.81
C MET B 239 -10.39 16.70 5.74
N ALA B 240 -11.56 16.36 5.22
CA ALA B 240 -12.48 15.53 5.97
C ALA B 240 -11.93 14.11 6.00
N ALA B 241 -11.53 13.63 4.82
CA ALA B 241 -11.11 12.25 4.60
C ALA B 241 -10.20 11.68 5.69
N THR B 242 -8.97 12.18 5.74
CA THR B 242 -7.91 11.58 6.57
C THR B 242 -8.14 11.65 8.11
N GLU B 243 -7.59 10.68 8.84
CA GLU B 243 -7.64 10.66 10.31
C GLU B 243 -6.24 10.87 10.88
N GLN B 244 -6.14 11.74 11.88
CA GLN B 244 -4.86 11.95 12.55
C GLN B 244 -4.42 10.71 13.33
N ASP B 245 -3.53 9.95 12.71
CA ASP B 245 -2.90 8.80 13.34
C ASP B 245 -2.37 9.20 14.72
N LYS B 246 -2.48 8.31 15.68
CA LYS B 246 -1.94 8.58 16.99
C LYS B 246 -0.43 8.78 16.89
N THR B 247 0.07 9.79 17.60
CA THR B 247 1.49 10.16 17.55
C THR B 247 2.46 8.97 17.72
N PRO B 248 3.77 9.23 17.54
CA PRO B 248 4.86 8.25 17.73
C PRO B 248 4.96 7.77 19.18
N LEU B 249 4.43 8.59 20.09
CA LEU B 249 4.35 8.23 21.50
C LEU B 249 3.31 7.13 21.73
N GLN B 250 2.08 7.38 21.31
CA GLN B 250 0.97 6.43 21.50
C GLN B 250 1.17 5.16 20.68
N GLN B 251 1.99 5.24 19.64
CA GLN B 251 2.37 4.05 18.91
C GLN B 251 2.98 3.06 19.90
N LYS B 252 4.02 3.51 20.62
CA LYS B 252 4.75 2.66 21.55
C LYS B 252 3.97 2.45 22.86
N LEU B 253 3.42 3.54 23.39
CA LEU B 253 2.74 3.48 24.67
C LEU B 253 1.46 2.64 24.64
N ASP B 254 0.76 2.69 23.50
CA ASP B 254 -0.53 2.02 23.37
C ASP B 254 -0.40 0.50 23.31
N GLU B 255 0.49 -0.01 22.45
CA GLU B 255 0.70 -1.45 22.39
C GLU B 255 1.51 -1.97 23.58
N PHE B 256 1.93 -1.05 24.44
CA PHE B 256 2.55 -1.39 25.72
C PHE B 256 1.46 -1.69 26.75
N GLY B 257 0.38 -0.92 26.70
CA GLY B 257 -0.80 -1.22 27.49
C GLY B 257 -1.52 -2.39 26.86
N GLU B 258 -0.97 -2.90 25.77
CA GLU B 258 -1.55 -4.06 25.09
C GLU B 258 -0.82 -5.32 25.53
N GLN B 259 0.49 -5.17 25.76
CA GLN B 259 1.32 -6.25 26.28
C GLN B 259 1.27 -6.30 27.80
N LEU B 260 1.17 -5.14 28.43
CA LEU B 260 0.99 -5.04 29.89
C LEU B 260 -0.44 -5.43 30.25
N SER B 261 -1.26 -5.64 29.22
CA SER B 261 -2.58 -6.24 29.37
C SER B 261 -2.50 -7.77 29.39
N LYS B 262 -1.75 -8.34 28.45
CA LYS B 262 -1.53 -9.79 28.43
C LYS B 262 -0.67 -10.22 29.64
N VAL B 263 0.10 -9.26 30.20
CA VAL B 263 0.98 -9.54 31.35
C VAL B 263 0.20 -9.65 32.65
N ILE B 264 -0.81 -8.81 32.80
CA ILE B 264 -1.68 -8.87 33.99
C ILE B 264 -2.84 -9.87 33.84
N SER B 265 -3.26 -10.13 32.60
CA SER B 265 -4.32 -11.11 32.36
C SER B 265 -3.77 -12.53 32.23
N LEU B 266 -2.45 -12.64 32.15
CA LEU B 266 -1.78 -13.95 32.11
C LEU B 266 -0.86 -14.20 33.32
N ILE B 267 -0.66 -13.17 34.15
CA ILE B 267 0.08 -13.34 35.40
C ILE B 267 -0.83 -13.79 36.54
N CYS B 268 -2.13 -13.52 36.41
CA CYS B 268 -3.09 -13.98 37.41
C CYS B 268 -3.72 -15.33 37.01
N VAL B 269 -3.36 -15.82 35.83
CA VAL B 269 -3.73 -17.16 35.43
C VAL B 269 -2.71 -18.13 36.05
N ALA B 270 -1.59 -17.56 36.47
CA ALA B 270 -0.47 -18.30 37.05
C ALA B 270 -0.68 -18.54 38.55
N VAL B 271 -1.42 -17.64 39.19
CA VAL B 271 -1.68 -17.75 40.62
C VAL B 271 -2.55 -18.97 40.96
N TRP B 272 -3.17 -19.55 39.93
CA TRP B 272 -4.03 -20.73 40.11
C TRP B 272 -3.26 -21.99 40.47
N LEU B 273 -2.13 -22.20 39.79
CA LEU B 273 -1.27 -23.34 40.08
C LEU B 273 -0.31 -22.99 41.22
N ILE B 274 -0.71 -22.03 42.05
CA ILE B 274 0.08 -21.60 43.22
C ILE B 274 -0.43 -22.25 44.51
N ASN B 275 -1.72 -22.62 44.52
CA ASN B 275 -2.35 -23.21 45.69
C ASN B 275 -2.37 -24.74 45.66
N ILE B 276 -1.64 -25.35 46.60
CA ILE B 276 -1.52 -26.81 46.70
C ILE B 276 -2.72 -27.42 47.45
N GLY B 277 -3.65 -26.58 47.90
CA GLY B 277 -4.68 -27.01 48.83
C GLY B 277 -6.17 -26.90 48.50
N HIS B 278 -6.60 -25.81 47.86
CA HIS B 278 -8.04 -25.51 47.72
C HIS B 278 -8.92 -26.51 46.94
N PHE B 279 -8.32 -27.47 46.23
CA PHE B 279 -9.06 -28.43 45.40
C PHE B 279 -9.30 -29.79 46.06
N ASN B 280 -8.40 -30.18 46.96
CA ASN B 280 -8.51 -31.45 47.67
C ASN B 280 -8.74 -31.29 49.16
N ASP B 281 -8.93 -30.05 49.62
CA ASP B 281 -9.14 -29.78 51.04
C ASP B 281 -10.58 -29.43 51.44
N PRO B 282 -11.60 -29.94 50.71
CA PRO B 282 -12.97 -29.65 51.16
C PRO B 282 -13.36 -30.40 52.45
N VAL B 283 -12.39 -31.00 53.13
CA VAL B 283 -12.65 -31.68 54.40
C VAL B 283 -12.45 -30.78 55.62
N HIS B 284 -11.59 -29.76 55.49
CA HIS B 284 -11.30 -28.85 56.61
C HIS B 284 -12.25 -27.64 56.72
N GLY B 285 -13.34 -27.67 55.95
CA GLY B 285 -14.28 -26.56 55.94
C GLY B 285 -13.79 -25.43 55.05
N GLY B 286 -12.59 -24.94 55.35
CA GLY B 286 -11.93 -23.92 54.55
C GLY B 286 -12.82 -22.76 54.14
N SER B 287 -13.83 -22.49 54.96
CA SER B 287 -14.81 -21.44 54.70
C SER B 287 -14.56 -20.68 53.39
N TRP B 288 -15.12 -21.17 52.30
CA TRP B 288 -15.05 -20.46 51.02
C TRP B 288 -15.66 -19.08 51.20
N ILE B 289 -16.00 -18.42 50.11
CA ILE B 289 -16.24 -16.97 50.16
C ILE B 289 -14.88 -16.34 50.45
N ARG B 290 -13.98 -17.11 51.06
CA ARG B 290 -12.62 -16.65 51.34
C ARG B 290 -11.66 -17.12 50.24
N GLY B 291 -12.15 -18.01 49.37
CA GLY B 291 -11.42 -18.32 48.16
C GLY B 291 -11.48 -17.16 47.19
N ALA B 292 -12.43 -16.26 47.40
CA ALA B 292 -12.60 -15.07 46.58
C ALA B 292 -12.14 -13.79 47.28
N ILE B 293 -12.35 -13.70 48.59
CA ILE B 293 -11.81 -12.58 49.39
C ILE B 293 -10.31 -12.79 49.59
N TYR B 294 -9.71 -13.54 48.67
CA TYR B 294 -8.27 -13.66 48.62
C TYR B 294 -7.77 -13.57 47.20
N TYR B 295 -8.37 -14.37 46.32
CA TYR B 295 -8.04 -14.38 44.91
C TYR B 295 -8.39 -13.06 44.24
N PHE B 296 -9.52 -12.49 44.66
CA PHE B 296 -9.99 -11.22 44.15
C PHE B 296 -9.30 -10.05 44.88
N LYS B 297 -8.79 -10.29 46.08
CA LYS B 297 -8.16 -9.23 46.88
C LYS B 297 -6.70 -9.00 46.52
N ILE B 298 -6.09 -9.96 45.82
CA ILE B 298 -4.76 -9.78 45.27
C ILE B 298 -4.80 -9.46 43.77
N ALA B 299 -5.83 -9.94 43.05
CA ALA B 299 -6.03 -9.54 41.65
C ALA B 299 -6.09 -8.02 41.58
N VAL B 300 -6.83 -7.40 42.49
CA VAL B 300 -6.86 -5.94 42.52
C VAL B 300 -5.56 -5.37 43.08
N ALA B 301 -4.85 -6.14 43.89
CA ALA B 301 -3.55 -5.66 44.34
C ALA B 301 -2.54 -5.87 43.21
N LEU B 302 -3.00 -6.59 42.18
CA LEU B 302 -2.17 -7.02 41.05
C LEU B 302 -2.39 -6.05 39.90
N ALA B 303 -3.65 -5.73 39.65
CA ALA B 303 -4.01 -4.62 38.77
C ALA B 303 -3.30 -3.36 39.28
N VAL B 304 -3.60 -2.94 40.50
CA VAL B 304 -2.98 -1.75 41.12
C VAL B 304 -1.43 -1.78 41.21
N ALA B 305 -0.84 -2.95 41.02
CA ALA B 305 0.60 -3.09 41.17
C ALA B 305 1.32 -2.84 39.84
N ALA B 306 0.83 -3.49 38.78
CA ALA B 306 1.49 -3.46 37.46
C ALA B 306 1.28 -2.15 36.70
N ILE B 307 0.06 -1.63 36.73
CA ILE B 307 -0.25 -0.35 36.11
C ILE B 307 0.55 0.79 36.78
N PRO B 308 1.14 1.68 35.98
CA PRO B 308 1.87 2.88 36.42
C PRO B 308 0.93 4.05 36.54
N GLU B 309 0.44 4.30 37.74
CA GLU B 309 -0.65 5.24 37.86
C GLU B 309 -0.21 6.68 37.77
N GLY B 310 1.07 6.92 38.01
CA GLY B 310 1.62 8.27 37.96
C GLY B 310 2.10 8.64 36.58
N LEU B 311 2.24 7.66 35.70
CA LEU B 311 2.77 7.89 34.34
C LEU B 311 1.90 8.83 33.51
N PRO B 312 0.58 8.52 33.40
CA PRO B 312 -0.34 9.39 32.66
C PRO B 312 -0.29 10.85 33.14
N ALA B 313 0.05 11.06 34.40
CA ALA B 313 0.10 12.41 34.95
C ALA B 313 1.48 13.07 34.85
N VAL B 314 2.55 12.26 34.84
CA VAL B 314 3.91 12.78 34.73
C VAL B 314 4.28 13.13 33.29
N ILE B 315 3.93 12.21 32.39
CA ILE B 315 3.95 12.42 30.95
C ILE B 315 3.43 13.80 30.64
N THR B 316 2.19 14.04 31.04
CA THR B 316 1.49 15.29 30.74
C THR B 316 2.20 16.51 31.34
N THR B 317 2.88 16.33 32.46
CA THR B 317 3.63 17.42 33.07
C THR B 317 4.89 17.74 32.26
N CYS B 318 5.39 16.72 31.58
CA CYS B 318 6.60 16.84 30.76
C CYS B 318 6.28 17.53 29.43
N LEU B 319 5.21 17.06 28.80
CA LEU B 319 4.66 17.69 27.62
C LEU B 319 4.39 19.18 27.83
N ALA B 320 3.73 19.52 28.93
CA ALA B 320 3.30 20.89 29.19
C ALA B 320 4.39 21.88 29.56
N LEU B 321 5.54 21.36 29.94
CA LEU B 321 6.60 22.20 30.46
C LEU B 321 7.42 22.68 29.28
N GLY B 322 7.63 21.78 28.32
CA GLY B 322 8.36 22.07 27.09
C GLY B 322 7.47 22.82 26.11
N THR B 323 6.17 22.57 26.26
CA THR B 323 5.17 23.28 25.50
C THR B 323 5.28 24.75 25.83
N ARG B 324 5.20 25.08 27.12
CA ARG B 324 5.29 26.48 27.55
C ARG B 324 6.72 27.00 27.34
N ARG B 325 7.66 26.09 27.14
CA ARG B 325 9.06 26.42 26.88
C ARG B 325 9.17 26.95 25.45
N MET B 326 8.50 26.24 24.53
CA MET B 326 8.39 26.65 23.13
C MET B 326 7.69 28.01 23.02
N ALA B 327 6.66 28.22 23.84
CA ALA B 327 5.91 29.45 23.76
C ALA B 327 6.80 30.64 23.98
N LYS B 328 7.93 30.41 24.63
CA LYS B 328 8.89 31.47 24.88
C LYS B 328 9.65 31.87 23.61
N LYS B 329 9.88 30.91 22.71
CA LYS B 329 10.45 31.12 21.39
C LYS B 329 9.38 31.67 20.43
N ASN B 330 8.18 31.84 20.98
CA ASN B 330 7.02 32.28 20.25
C ASN B 330 6.40 31.20 19.38
N ALA B 331 6.70 29.93 19.67
CA ALA B 331 6.02 28.82 19.00
C ALA B 331 4.86 28.27 19.82
N ILE B 332 3.66 28.52 19.35
CA ILE B 332 2.43 28.04 19.97
C ILE B 332 2.13 26.57 19.64
N VAL B 333 2.20 25.71 20.65
CA VAL B 333 1.89 24.29 20.43
C VAL B 333 0.42 24.01 20.68
N ARG B 334 -0.25 23.47 19.66
CA ARG B 334 -1.71 23.25 19.64
C ARG B 334 -2.09 21.83 20.05
N SER B 335 -1.07 20.98 20.24
CA SER B 335 -1.22 19.58 20.61
C SER B 335 0.08 19.18 21.33
N LEU B 336 -0.03 18.67 22.56
CA LEU B 336 1.15 18.35 23.40
C LEU B 336 1.97 17.13 22.96
N PRO B 337 1.31 16.04 22.59
CA PRO B 337 1.93 14.85 22.00
C PRO B 337 2.97 15.16 20.92
N SER B 338 2.82 16.31 20.27
CA SER B 338 3.58 16.65 19.08
C SER B 338 4.69 17.66 19.37
N VAL B 339 4.84 18.04 20.63
CA VAL B 339 6.02 18.83 21.00
C VAL B 339 7.22 17.98 20.70
N GLU B 340 7.11 16.70 21.03
CA GLU B 340 8.23 15.75 20.87
C GLU B 340 8.37 15.19 19.46
N THR B 341 7.26 15.06 18.75
CA THR B 341 7.27 14.40 17.44
C THR B 341 8.09 15.15 16.42
N LEU B 342 8.46 16.36 16.77
CA LEU B 342 9.31 17.16 15.93
C LEU B 342 10.79 16.79 16.12
N GLY B 343 11.11 16.20 17.26
CA GLY B 343 12.45 15.73 17.56
C GLY B 343 12.85 14.54 16.70
N CYS B 344 11.89 13.73 16.26
CA CYS B 344 12.18 12.49 15.54
C CYS B 344 11.90 12.51 14.04
N THR B 345 11.50 13.69 13.54
CA THR B 345 11.25 13.86 12.11
C THR B 345 12.53 13.75 11.26
N SER B 346 12.38 13.10 10.10
CA SER B 346 13.50 12.90 9.18
C SER B 346 13.45 13.84 7.98
N VAL B 347 12.23 14.15 7.53
CA VAL B 347 11.99 15.14 6.49
C VAL B 347 11.22 16.31 7.01
N ILE B 348 11.51 17.47 6.46
CA ILE B 348 10.67 18.64 6.65
C ILE B 348 10.22 19.15 5.27
N CYS B 349 8.99 18.83 4.87
CA CYS B 349 8.45 19.40 3.64
C CYS B 349 8.14 20.85 3.93
N SER B 350 8.26 21.69 2.92
CA SER B 350 7.96 23.07 3.13
C SER B 350 7.44 23.79 1.89
N ASP B 351 6.87 24.93 2.15
CA ASP B 351 6.19 25.70 1.15
C ASP B 351 7.01 26.97 0.99
N LYS B 352 7.12 27.50 -0.21
CA LYS B 352 7.99 28.64 -0.40
C LYS B 352 7.41 29.96 0.12
N THR B 353 6.61 30.57 -0.74
CA THR B 353 6.03 31.85 -0.46
C THR B 353 5.48 31.91 0.93
N GLY B 354 5.86 32.97 1.63
CA GLY B 354 5.30 33.25 2.92
C GLY B 354 5.94 32.43 4.01
N THR B 355 6.46 31.25 3.68
CA THR B 355 7.11 30.46 4.73
C THR B 355 8.65 30.54 4.66
N LEU B 356 9.22 30.19 3.51
CA LEU B 356 10.68 30.21 3.32
C LEU B 356 11.07 31.60 2.91
N THR B 357 10.13 32.28 2.24
CA THR B 357 10.40 33.59 1.72
C THR B 357 9.41 34.54 2.34
N THR B 358 9.73 35.82 2.37
CA THR B 358 8.96 36.82 3.12
C THR B 358 7.64 37.09 2.42
N ASN B 359 7.45 36.54 1.23
CA ASN B 359 6.22 36.74 0.50
C ASN B 359 5.94 38.22 0.37
N GLN B 360 7.02 38.99 0.24
CA GLN B 360 6.98 40.43 -0.07
C GLN B 360 7.87 40.71 -1.25
N MET B 361 7.30 41.09 -2.38
CA MET B 361 8.09 41.29 -3.62
C MET B 361 9.17 42.36 -3.50
N SER B 362 10.36 42.05 -4.00
CA SER B 362 11.47 43.00 -3.88
C SER B 362 12.22 43.26 -5.19
N VAL B 363 12.43 44.54 -5.51
CA VAL B 363 13.46 44.81 -6.51
C VAL B 363 14.84 44.68 -5.84
N CYS B 364 15.74 43.96 -6.49
CA CYS B 364 17.01 43.62 -5.87
C CYS B 364 18.20 43.69 -6.86
N LYS B 365 17.88 44.07 -8.08
CA LYS B 365 18.83 44.26 -9.16
C LYS B 365 18.20 45.24 -10.13
N MET B 366 19.02 46.02 -10.82
CA MET B 366 18.48 46.96 -11.77
C MET B 366 19.61 47.60 -12.50
N PHE B 367 19.36 47.99 -13.75
CA PHE B 367 20.37 48.63 -14.56
C PHE B 367 19.92 49.79 -15.47
N ILE B 368 20.73 50.84 -15.49
CA ILE B 368 20.64 51.88 -16.50
C ILE B 368 21.80 51.67 -17.49
N ILE B 369 21.86 52.44 -18.58
CA ILE B 369 23.02 52.30 -19.48
C ILE B 369 24.24 53.10 -18.98
N ASP B 370 25.43 52.56 -19.24
CA ASP B 370 26.68 53.23 -18.90
C ASP B 370 27.28 54.06 -20.02
N LYS B 371 27.81 53.38 -21.03
CA LYS B 371 28.45 54.01 -22.19
C LYS B 371 28.06 53.28 -23.48
N VAL B 372 27.91 54.05 -24.55
CA VAL B 372 27.68 53.49 -25.88
C VAL B 372 28.73 54.05 -26.84
N ASP B 373 29.68 53.20 -27.24
CA ASP B 373 30.71 53.58 -28.21
C ASP B 373 30.66 52.60 -29.39
N GLY B 374 29.93 52.97 -30.44
CA GLY B 374 29.67 52.05 -31.52
C GLY B 374 29.27 50.63 -31.13
N ASP B 375 30.21 49.70 -31.34
CA ASP B 375 29.98 48.27 -31.17
C ASP B 375 30.13 47.83 -29.72
N PHE B 376 30.33 48.81 -28.85
CA PHE B 376 30.54 48.52 -27.44
C PHE B 376 29.46 49.12 -26.55
N CYS B 377 28.92 48.29 -25.66
CA CYS B 377 27.94 48.78 -24.69
C CYS B 377 28.24 48.36 -23.26
N SER B 378 27.98 49.28 -22.34
CA SER B 378 28.19 48.99 -20.93
C SER B 378 27.01 49.54 -20.14
N LEU B 379 26.65 48.85 -19.06
CA LEU B 379 25.55 49.30 -18.20
C LEU B 379 26.03 49.54 -16.76
N ASN B 380 25.35 50.44 -16.06
CA ASN B 380 25.55 50.56 -14.62
C ASN B 380 24.63 49.56 -13.94
N GLU B 381 25.19 48.51 -13.38
CA GLU B 381 24.38 47.56 -12.65
C GLU B 381 24.37 47.83 -11.15
N PHE B 382 23.17 47.81 -10.56
CA PHE B 382 23.03 47.94 -9.12
C PHE B 382 22.37 46.73 -8.51
N SER B 383 22.47 46.65 -7.19
CA SER B 383 21.68 45.72 -6.43
C SER B 383 21.07 46.54 -5.27
N ILE B 384 20.02 46.01 -4.68
CA ILE B 384 19.27 46.75 -3.70
C ILE B 384 19.03 45.76 -2.56
N THR B 385 18.95 46.26 -1.33
CA THR B 385 18.94 45.42 -0.13
C THR B 385 17.57 45.57 0.46
N GLY B 386 17.15 44.62 1.30
CA GLY B 386 15.84 44.69 1.95
C GLY B 386 14.87 43.71 1.32
N SER B 387 14.43 42.76 2.12
CA SER B 387 13.46 41.72 1.70
C SER B 387 12.01 41.99 2.12
N THR B 388 11.62 43.26 2.11
CA THR B 388 10.43 43.64 2.82
C THR B 388 9.92 44.92 2.16
N TYR B 389 8.60 45.14 2.24
CA TYR B 389 7.93 46.35 1.72
C TYR B 389 8.33 47.60 2.49
N ALA B 390 9.19 47.43 3.49
CA ALA B 390 9.76 48.52 4.26
C ALA B 390 10.85 49.26 3.50
N PRO B 391 10.80 50.61 3.50
CA PRO B 391 11.74 51.47 2.77
C PRO B 391 13.07 51.49 3.52
N GLU B 392 13.33 50.32 4.11
CA GLU B 392 14.59 50.00 4.72
C GLU B 392 15.39 49.23 3.66
N GLY B 393 16.48 49.85 3.20
CA GLY B 393 17.39 49.22 2.25
C GLY B 393 18.33 50.18 1.51
N GLU B 394 19.54 49.69 1.17
CA GLU B 394 20.50 50.51 0.43
C GLU B 394 20.82 49.96 -0.94
N VAL B 395 20.81 50.85 -1.92
CA VAL B 395 21.19 50.52 -3.28
C VAL B 395 22.74 50.55 -3.39
N LEU B 396 23.30 49.56 -4.07
CA LEU B 396 24.74 49.30 -4.05
C LEU B 396 25.45 49.05 -5.40
N LYS B 397 26.16 50.03 -5.94
CA LYS B 397 27.06 49.73 -7.06
C LYS B 397 28.33 49.11 -6.58
N ASN B 398 28.63 47.91 -7.08
CA ASN B 398 29.89 47.25 -6.79
C ASN B 398 30.07 46.98 -5.30
N ASP B 399 28.98 46.60 -4.64
CA ASP B 399 29.00 46.16 -3.24
C ASP B 399 29.17 47.24 -2.19
N LYS B 400 28.73 48.44 -2.51
CA LYS B 400 28.89 49.53 -1.57
C LYS B 400 27.91 50.67 -1.84
N PRO B 401 27.40 51.27 -0.76
CA PRO B 401 26.27 52.18 -0.88
C PRO B 401 26.68 53.39 -1.65
N ILE B 402 26.02 53.56 -2.79
CA ILE B 402 26.11 54.82 -3.50
C ILE B 402 24.80 55.56 -3.28
N ARG B 403 24.76 56.79 -3.74
CA ARG B 403 23.52 57.54 -3.71
C ARG B 403 22.82 57.45 -5.10
N SER B 404 21.61 56.91 -5.16
CA SER B 404 20.93 56.73 -6.45
C SER B 404 20.84 57.98 -7.32
N GLY B 405 20.72 59.15 -6.69
CA GLY B 405 20.67 60.45 -7.38
C GLY B 405 21.93 60.87 -8.12
N GLN B 406 23.06 60.27 -7.77
CA GLN B 406 24.36 60.44 -8.45
C GLN B 406 24.25 60.03 -9.89
N PHE B 407 23.26 59.18 -10.17
CA PHE B 407 23.03 58.69 -11.53
C PHE B 407 21.80 59.28 -12.15
N ASP B 408 22.00 59.98 -13.25
CA ASP B 408 20.90 60.71 -13.86
C ASP B 408 19.96 59.68 -14.45
N GLY B 409 20.55 58.55 -14.85
CA GLY B 409 19.81 57.40 -15.32
C GLY B 409 18.83 56.83 -14.29
N LEU B 410 19.24 56.75 -13.01
CA LEU B 410 18.37 56.23 -11.93
C LEU B 410 17.24 57.18 -11.51
N VAL B 411 17.39 58.47 -11.73
CA VAL B 411 16.32 59.38 -11.38
C VAL B 411 15.15 59.13 -12.33
N GLU B 412 15.46 58.93 -13.61
CA GLU B 412 14.42 58.60 -14.57
C GLU B 412 13.83 57.19 -14.34
N LEU B 413 14.71 56.22 -14.07
CA LEU B 413 14.23 54.90 -13.73
C LEU B 413 13.23 54.96 -12.58
N ALA B 414 13.44 55.88 -11.67
CA ALA B 414 12.59 55.96 -10.48
C ALA B 414 11.33 56.77 -10.71
N THR B 415 11.36 57.69 -11.67
CA THR B 415 10.16 58.46 -11.93
C THR B 415 9.17 57.51 -12.61
N ILE B 416 9.68 56.68 -13.52
CA ILE B 416 8.92 55.63 -14.20
C ILE B 416 8.35 54.67 -13.17
N CYS B 417 9.18 54.21 -12.26
CA CYS B 417 8.69 53.34 -11.21
C CYS B 417 7.57 53.93 -10.35
N ALA B 418 7.63 55.23 -10.12
CA ALA B 418 6.75 55.85 -9.16
C ALA B 418 5.41 56.15 -9.80
N LEU B 419 5.48 56.56 -11.07
CA LEU B 419 4.35 57.14 -11.81
C LEU B 419 3.59 56.14 -12.70
N CYS B 420 4.32 55.23 -13.32
CA CYS B 420 3.71 54.11 -14.01
C CYS B 420 3.44 53.05 -12.96
N ASN B 421 2.48 53.31 -12.10
CA ASN B 421 2.26 52.49 -10.92
C ASN B 421 0.84 52.72 -10.47
N ASP B 422 0.17 51.63 -10.10
CA ASP B 422 -1.24 51.65 -9.71
C ASP B 422 -1.38 51.34 -8.25
N SER B 423 -0.28 50.91 -7.66
CA SER B 423 -0.30 50.52 -6.28
C SER B 423 0.36 51.61 -5.47
N SER B 424 0.75 51.25 -4.26
CA SER B 424 1.04 52.21 -3.21
C SER B 424 1.45 51.51 -1.91
N LEU B 425 1.88 52.28 -0.92
CA LEU B 425 2.48 51.72 0.28
C LEU B 425 1.81 52.36 1.47
N ASP B 426 1.39 51.53 2.43
CA ASP B 426 0.64 51.99 3.60
C ASP B 426 1.33 51.51 4.89
N PHE B 427 1.47 52.42 5.86
CA PHE B 427 2.01 52.04 7.16
C PHE B 427 0.90 51.74 8.18
N ASN B 428 0.89 50.51 8.66
CA ASN B 428 -0.12 50.03 9.58
C ASN B 428 0.39 50.06 11.02
N GLU B 429 -0.24 50.89 11.85
CA GLU B 429 0.23 51.20 13.21
C GLU B 429 -0.15 50.17 14.26
N THR B 430 -1.25 49.43 14.04
CA THR B 430 -1.63 48.32 14.91
C THR B 430 -0.60 47.17 14.86
N LYS B 431 -0.13 46.87 13.65
CA LYS B 431 0.88 45.84 13.42
C LYS B 431 2.30 46.41 13.46
N GLY B 432 2.43 47.73 13.48
CA GLY B 432 3.74 48.37 13.46
C GLY B 432 4.49 48.28 12.14
N VAL B 433 3.83 47.79 11.11
CA VAL B 433 4.53 47.32 9.93
C VAL B 433 4.00 47.91 8.61
N TYR B 434 4.86 47.94 7.57
CA TYR B 434 4.50 48.43 6.24
C TYR B 434 3.79 47.35 5.42
N GLU B 435 2.67 47.72 4.83
CA GLU B 435 1.84 46.77 4.10
C GLU B 435 1.66 47.26 2.71
N LYS B 436 1.28 46.38 1.80
CA LYS B 436 1.22 46.81 0.40
C LYS B 436 -0.21 47.13 0.08
N VAL B 437 -0.42 48.09 -0.80
CA VAL B 437 -1.75 48.36 -1.30
C VAL B 437 -1.75 48.27 -2.82
N GLY B 438 -2.44 47.29 -3.36
CA GLY B 438 -2.33 47.06 -4.78
C GLY B 438 -1.51 45.80 -5.01
N GLU B 439 -0.99 45.63 -6.21
CA GLU B 439 -0.34 44.38 -6.47
C GLU B 439 1.07 44.32 -5.88
N ALA B 440 1.52 43.12 -5.49
CA ALA B 440 2.85 42.97 -4.93
C ALA B 440 3.93 43.45 -5.89
N THR B 441 3.77 43.12 -7.16
CA THR B 441 4.78 43.53 -8.13
C THR B 441 4.79 45.02 -8.40
N GLU B 442 3.74 45.73 -7.99
CA GLU B 442 3.66 47.17 -8.18
C GLU B 442 4.19 47.89 -6.95
N THR B 443 3.86 47.37 -5.78
CA THR B 443 4.38 47.89 -4.53
C THR B 443 5.88 47.67 -4.43
N ALA B 444 6.37 46.60 -5.05
CA ALA B 444 7.82 46.37 -5.20
C ALA B 444 8.56 47.62 -5.71
N LEU B 445 7.91 48.32 -6.66
CA LEU B 445 8.40 49.55 -7.28
C LEU B 445 8.18 50.74 -6.38
N THR B 446 7.07 50.76 -5.67
CA THR B 446 6.88 51.81 -4.70
C THR B 446 8.02 51.79 -3.67
N THR B 447 8.29 50.60 -3.15
CA THR B 447 9.33 50.47 -2.15
C THR B 447 10.68 50.78 -2.76
N LEU B 448 10.89 50.37 -4.01
CA LEU B 448 12.14 50.67 -4.67
C LEU B 448 12.40 52.13 -4.56
N VAL B 449 11.57 52.94 -5.21
CA VAL B 449 11.77 54.38 -5.24
C VAL B 449 11.91 55.03 -3.85
N GLU B 450 11.36 54.36 -2.83
CA GLU B 450 11.45 54.84 -1.46
C GLU B 450 12.85 54.64 -0.94
N LYS B 451 13.37 53.43 -1.12
CA LYS B 451 14.76 53.16 -0.81
C LYS B 451 15.67 54.11 -1.62
N MET B 452 15.39 54.25 -2.91
CA MET B 452 16.29 54.94 -3.82
C MET B 452 16.59 56.36 -3.38
N ASN B 453 15.52 57.13 -3.24
CA ASN B 453 15.53 58.54 -2.86
C ASN B 453 16.39 59.40 -3.78
N VAL B 454 16.03 59.44 -5.06
CA VAL B 454 16.85 60.09 -6.08
C VAL B 454 17.12 61.61 -5.85
N PHE B 455 16.20 62.27 -5.14
CA PHE B 455 16.34 63.69 -4.81
C PHE B 455 16.97 63.95 -3.42
N ASN B 456 17.31 62.85 -2.75
CA ASN B 456 17.94 62.92 -1.45
C ASN B 456 17.12 63.80 -0.51
N THR B 457 15.82 63.65 -0.65
CA THR B 457 14.82 64.19 0.25
C THR B 457 15.16 63.80 1.69
N GLU B 458 14.96 64.73 2.62
CA GLU B 458 15.17 64.43 4.03
C GLU B 458 14.02 63.64 4.63
N VAL B 459 14.33 62.45 5.09
CA VAL B 459 13.31 61.46 5.39
C VAL B 459 13.42 60.94 6.80
N ARG B 460 14.46 61.37 7.51
CA ARG B 460 14.78 60.82 8.84
C ARG B 460 13.89 61.40 9.92
N ASN B 461 13.23 62.51 9.62
CA ASN B 461 12.40 63.21 10.58
C ASN B 461 10.92 63.08 10.27
N LEU B 462 10.57 62.05 9.50
CA LEU B 462 9.20 61.80 9.09
C LEU B 462 8.64 60.67 9.91
N SER B 463 7.39 60.80 10.32
CA SER B 463 6.75 59.70 11.04
C SER B 463 6.79 58.49 10.14
N LYS B 464 6.79 57.30 10.75
CA LYS B 464 6.78 56.07 9.98
C LYS B 464 5.65 56.05 8.94
N VAL B 465 4.59 56.78 9.19
CA VAL B 465 3.44 56.84 8.30
C VAL B 465 3.64 57.69 7.04
N GLU B 466 4.27 58.86 7.22
CA GLU B 466 4.57 59.82 6.15
C GLU B 466 5.71 59.28 5.31
N ARG B 467 6.60 58.60 6.01
CA ARG B 467 7.74 57.96 5.39
C ARG B 467 7.30 57.06 4.25
N ALA B 468 6.18 56.35 4.45
CA ALA B 468 5.74 55.30 3.53
C ALA B 468 5.72 55.73 2.06
N ASN B 469 5.25 56.95 1.80
CA ASN B 469 5.13 57.42 0.43
C ASN B 469 5.90 58.69 0.08
N ALA B 470 6.82 59.09 0.97
CA ALA B 470 7.56 60.35 0.86
C ALA B 470 8.30 60.60 -0.45
N CYS B 471 9.07 59.61 -0.91
CA CYS B 471 9.86 59.78 -2.13
C CYS B 471 9.09 59.68 -3.41
N ASN B 472 7.94 59.00 -3.36
CA ASN B 472 7.05 58.88 -4.52
C ASN B 472 6.33 60.19 -4.71
N SER B 473 5.98 60.80 -3.58
CA SER B 473 5.29 62.07 -3.54
C SER B 473 6.16 63.16 -4.11
N VAL B 474 7.44 63.14 -3.80
CA VAL B 474 8.37 64.05 -4.45
C VAL B 474 8.22 63.96 -6.00
N ILE B 475 8.07 62.74 -6.53
CA ILE B 475 8.06 62.55 -7.99
C ILE B 475 6.72 62.92 -8.59
N ARG B 476 5.65 62.81 -7.80
CA ARG B 476 4.33 63.16 -8.28
C ARG B 476 4.14 64.69 -8.32
N GLN B 477 4.92 65.43 -7.51
CA GLN B 477 4.94 66.89 -7.57
C GLN B 477 5.72 67.32 -8.79
N LEU B 478 6.52 66.41 -9.33
CA LEU B 478 7.36 66.69 -10.48
C LEU B 478 6.57 66.58 -11.76
N MET B 479 5.93 65.43 -11.92
CA MET B 479 5.10 65.13 -13.07
C MET B 479 3.70 64.73 -12.63
N LYS B 480 2.70 65.30 -13.29
CA LYS B 480 1.30 65.05 -12.98
C LYS B 480 0.74 63.96 -13.90
N LYS B 481 0.48 62.78 -13.34
CA LYS B 481 -0.13 61.73 -14.14
C LYS B 481 -1.50 62.21 -14.60
N GLU B 482 -1.66 62.32 -15.92
CA GLU B 482 -2.91 62.81 -16.52
C GLU B 482 -3.91 61.68 -16.62
N PHE B 483 -3.72 60.83 -17.62
CA PHE B 483 -4.40 59.54 -17.67
C PHE B 483 -3.40 58.35 -17.71
N THR B 484 -3.92 57.13 -17.63
CA THR B 484 -3.08 55.94 -17.77
C THR B 484 -3.58 54.97 -18.85
N LEU B 485 -2.68 54.16 -19.40
CA LEU B 485 -2.99 53.28 -20.52
C LEU B 485 -2.76 51.88 -20.04
N GLU B 486 -3.79 51.31 -19.41
CA GLU B 486 -3.65 50.07 -18.68
C GLU B 486 -3.08 48.93 -19.52
N PHE B 487 -2.45 48.00 -18.83
CA PHE B 487 -1.91 46.76 -19.37
C PHE B 487 -2.94 46.03 -20.21
N SER B 488 -2.42 45.30 -21.21
CA SER B 488 -3.21 44.48 -22.13
C SER B 488 -2.35 43.35 -22.70
N ARG B 489 -2.97 42.21 -22.92
CA ARG B 489 -2.28 40.97 -23.21
C ARG B 489 -1.56 41.01 -24.53
N ASP B 490 -2.05 41.87 -25.44
CA ASP B 490 -1.42 41.96 -26.77
C ASP B 490 0.01 42.43 -26.65
N ARG B 491 0.21 43.60 -26.03
CA ARG B 491 1.51 44.26 -26.01
C ARG B 491 2.35 43.92 -24.76
N LYS B 492 1.65 43.54 -23.69
CA LYS B 492 2.25 43.18 -22.39
C LYS B 492 3.01 44.32 -21.71
N SER B 493 2.37 45.48 -21.65
CA SER B 493 2.93 46.61 -20.93
C SER B 493 1.84 47.60 -20.64
N MET B 494 2.06 48.45 -19.65
CA MET B 494 1.22 49.61 -19.49
C MET B 494 2.10 50.81 -19.62
N SER B 495 1.46 51.96 -19.73
CA SER B 495 2.16 53.24 -19.76
C SER B 495 1.31 54.33 -19.14
N VAL B 496 1.93 55.43 -18.78
CA VAL B 496 1.20 56.56 -18.22
C VAL B 496 1.45 57.89 -19.03
N TYR B 497 0.46 58.77 -19.16
CA TYR B 497 0.67 60.10 -19.75
C TYR B 497 0.83 61.21 -18.67
N CYS B 498 2.00 61.86 -18.70
CA CYS B 498 2.37 62.85 -17.68
C CYS B 498 2.75 64.23 -18.21
N SER B 499 2.41 65.24 -17.43
CA SER B 499 2.73 66.61 -17.76
C SER B 499 3.58 67.21 -16.65
N PRO B 500 4.55 68.08 -16.99
CA PRO B 500 5.37 68.69 -15.94
C PRO B 500 4.47 69.40 -14.97
N ALA B 501 4.55 69.04 -13.71
CA ALA B 501 3.67 69.62 -12.72
C ALA B 501 4.15 71.03 -12.45
N LYS B 502 3.23 71.99 -12.50
CA LYS B 502 3.49 73.41 -12.20
C LYS B 502 3.78 74.28 -13.42
N SER B 503 3.91 73.68 -14.59
CA SER B 503 4.24 74.45 -15.81
C SER B 503 2.98 75.01 -16.51
N SER B 504 3.06 76.25 -17.01
CA SER B 504 1.93 76.99 -17.58
C SER B 504 1.61 76.61 -19.05
N ARG B 505 2.33 77.22 -20.01
CA ARG B 505 2.40 76.73 -21.39
C ARG B 505 3.51 75.66 -21.17
N ALA B 506 4.17 75.03 -22.15
CA ALA B 506 4.23 75.27 -23.59
C ALA B 506 4.27 73.87 -24.19
N ALA B 507 3.80 72.95 -23.38
CA ALA B 507 3.59 71.53 -23.69
C ALA B 507 4.85 70.62 -23.83
N VAL B 508 6.03 71.15 -23.54
CA VAL B 508 7.30 70.41 -23.72
C VAL B 508 7.46 69.21 -22.78
N GLY B 509 6.94 69.35 -21.58
CA GLY B 509 7.07 68.30 -20.58
C GLY B 509 6.40 67.00 -20.98
N ASN B 510 5.16 67.10 -21.45
CA ASN B 510 4.40 65.92 -21.86
C ASN B 510 5.24 64.70 -22.24
N LYS B 511 5.11 63.65 -21.43
CA LYS B 511 5.91 62.43 -21.56
C LYS B 511 5.10 61.20 -21.16
N MET B 512 5.37 60.07 -21.80
CA MET B 512 4.78 58.79 -21.46
C MET B 512 5.80 57.87 -20.81
N PHE B 513 5.40 57.23 -19.70
CA PHE B 513 6.28 56.30 -19.01
C PHE B 513 5.81 54.88 -19.15
N VAL B 514 6.58 54.08 -19.84
CA VAL B 514 6.24 52.69 -20.11
C VAL B 514 6.95 51.67 -19.20
N LYS B 515 6.19 50.80 -18.56
CA LYS B 515 6.81 49.59 -17.99
C LYS B 515 6.13 48.37 -18.58
N GLY B 516 6.87 47.26 -18.71
CA GLY B 516 6.35 46.13 -19.46
C GLY B 516 7.31 44.97 -19.60
N ALA B 517 6.81 43.84 -20.09
CA ALA B 517 7.64 42.67 -20.33
C ALA B 517 8.74 43.08 -21.25
N PRO B 518 10.00 42.72 -20.90
CA PRO B 518 11.21 43.25 -21.55
C PRO B 518 11.18 43.14 -23.07
N GLU B 519 11.04 41.95 -23.63
CA GLU B 519 11.10 41.82 -25.08
C GLU B 519 10.18 42.81 -25.80
N GLY B 520 8.92 42.78 -25.42
CA GLY B 520 7.94 43.63 -26.05
C GLY B 520 8.42 45.06 -26.10
N VAL B 521 8.79 45.61 -24.94
CA VAL B 521 9.01 47.05 -24.78
C VAL B 521 10.21 47.47 -25.58
N ILE B 522 11.16 46.55 -25.71
CA ILE B 522 12.47 46.87 -26.25
C ILE B 522 12.40 46.98 -27.79
N ASP B 523 11.56 46.16 -28.39
CA ASP B 523 11.35 46.20 -29.83
C ASP B 523 10.72 47.52 -30.23
N ARG B 524 10.04 48.17 -29.28
CA ARG B 524 9.37 49.46 -29.52
C ARG B 524 10.26 50.64 -29.06
N CYS B 525 11.47 50.30 -28.66
CA CYS B 525 12.50 51.27 -28.38
C CYS B 525 13.37 51.59 -29.59
N ASN B 526 13.32 52.87 -29.96
CA ASN B 526 14.11 53.43 -31.04
C ASN B 526 15.38 54.03 -30.51
N TYR B 527 15.24 54.93 -29.55
CA TYR B 527 16.38 55.50 -28.90
C TYR B 527 16.68 54.72 -27.62
N VAL B 528 17.55 55.29 -26.82
CA VAL B 528 18.08 54.67 -25.63
C VAL B 528 18.67 55.79 -24.84
N ARG B 529 18.28 55.93 -23.57
CA ARG B 529 18.84 56.98 -22.68
C ARG B 529 20.18 56.65 -22.03
N VAL B 530 21.12 57.58 -22.19
CA VAL B 530 22.42 57.47 -21.55
C VAL B 530 22.63 58.70 -20.67
N GLY B 531 22.44 58.53 -19.37
CA GLY B 531 22.41 59.65 -18.47
C GLY B 531 21.24 60.51 -18.87
N THR B 532 21.53 61.74 -19.28
CA THR B 532 20.47 62.66 -19.71
C THR B 532 20.34 62.66 -21.23
N THR B 533 21.41 62.24 -21.90
CA THR B 533 21.45 62.23 -23.37
C THR B 533 20.50 61.17 -23.99
N ARG B 534 20.67 60.90 -25.28
CA ARG B 534 19.84 59.92 -25.94
C ARG B 534 20.55 59.54 -27.25
N VAL B 535 20.89 58.26 -27.42
CA VAL B 535 21.51 57.80 -28.66
C VAL B 535 20.62 56.75 -29.29
N PRO B 536 20.58 56.72 -30.62
CA PRO B 536 19.77 55.69 -31.29
C PRO B 536 20.12 54.26 -30.87
N MET B 537 19.08 53.44 -30.70
CA MET B 537 19.19 52.02 -30.41
C MET B 537 19.93 51.28 -31.52
N THR B 538 21.15 50.85 -31.22
CA THR B 538 21.94 50.11 -32.18
C THR B 538 21.80 48.62 -31.86
N GLY B 539 22.28 47.76 -32.75
CA GLY B 539 22.17 46.32 -32.59
C GLY B 539 23.00 45.72 -31.47
N PRO B 540 24.32 46.01 -31.42
CA PRO B 540 25.19 45.63 -30.29
C PRO B 540 24.75 46.20 -28.92
N VAL B 541 23.95 47.27 -28.93
CA VAL B 541 23.34 47.80 -27.72
C VAL B 541 22.14 46.93 -27.27
N LYS B 542 21.16 46.82 -28.17
CA LYS B 542 20.02 45.98 -27.94
C LYS B 542 20.51 44.67 -27.37
N GLU B 543 21.59 44.15 -27.91
CA GLU B 543 21.98 42.81 -27.53
C GLU B 543 22.54 42.78 -26.12
N LYS B 544 23.16 43.88 -25.69
CA LYS B 544 23.86 43.89 -24.40
C LYS B 544 22.78 43.89 -23.34
N ILE B 545 21.90 44.88 -23.41
CA ILE B 545 20.70 44.94 -22.61
C ILE B 545 20.08 43.57 -22.46
N LEU B 546 19.81 42.96 -23.61
CA LEU B 546 19.02 41.75 -23.68
C LEU B 546 19.67 40.50 -23.10
N SER B 547 20.98 40.47 -23.13
CA SER B 547 21.75 39.32 -22.72
C SER B 547 21.77 39.32 -21.22
N VAL B 548 21.56 40.49 -20.63
CA VAL B 548 21.70 40.60 -19.17
C VAL B 548 20.36 40.22 -18.61
N ILE B 549 19.33 40.83 -19.17
CA ILE B 549 17.98 40.40 -18.94
C ILE B 549 17.87 38.88 -19.00
N LYS B 550 18.56 38.24 -19.93
CA LYS B 550 18.57 36.77 -20.00
C LYS B 550 19.28 36.20 -18.77
N GLU B 551 20.33 36.87 -18.32
CA GLU B 551 21.16 36.32 -17.25
C GLU B 551 20.51 36.49 -15.90
N TRP B 552 19.49 37.33 -15.85
CA TRP B 552 18.77 37.61 -14.64
C TRP B 552 17.57 36.71 -14.64
N GLY B 553 16.82 36.74 -15.73
CA GLY B 553 15.62 35.95 -15.84
C GLY B 553 15.82 34.45 -15.69
N THR B 554 17.06 34.01 -15.49
CA THR B 554 17.37 32.60 -15.72
C THR B 554 18.49 32.06 -14.85
N GLY B 555 19.32 32.92 -14.29
CA GLY B 555 20.47 32.42 -13.58
C GLY B 555 20.13 31.63 -12.33
N ARG B 556 21.16 31.39 -11.52
CA ARG B 556 20.99 30.87 -10.18
C ARG B 556 20.29 31.96 -9.40
N ASP B 557 20.13 33.11 -10.08
CA ASP B 557 19.35 34.26 -9.63
C ASP B 557 18.24 34.50 -10.67
N THR B 558 17.26 33.62 -10.68
CA THR B 558 16.14 33.76 -11.60
C THR B 558 15.21 34.81 -11.03
N LEU B 559 15.28 36.03 -11.57
CA LEU B 559 14.37 37.14 -11.21
C LEU B 559 13.31 37.53 -12.26
N ARG B 560 12.31 38.29 -11.81
CA ARG B 560 11.21 38.69 -12.65
C ARG B 560 11.55 40.05 -13.21
N CYS B 561 11.63 40.17 -14.53
CA CYS B 561 12.12 41.42 -15.10
C CYS B 561 11.10 42.31 -15.76
N LEU B 562 11.42 43.59 -15.79
CA LEU B 562 10.58 44.59 -16.37
C LEU B 562 11.46 45.61 -17.07
N ALA B 563 11.12 45.93 -18.31
CA ALA B 563 11.80 47.03 -18.99
C ALA B 563 11.15 48.38 -18.67
N LEU B 564 11.96 49.41 -18.57
CA LEU B 564 11.40 50.72 -18.32
C LEU B 564 11.84 51.60 -19.47
N ALA B 565 10.91 52.26 -20.13
CA ALA B 565 11.25 53.10 -21.27
C ALA B 565 10.40 54.34 -21.20
N THR B 566 10.77 55.39 -21.92
CA THR B 566 9.87 56.55 -22.02
C THR B 566 9.70 57.03 -23.45
N ARG B 567 8.58 57.69 -23.71
CA ARG B 567 8.33 58.26 -25.03
C ARG B 567 8.48 59.76 -24.88
N ASP B 568 9.56 60.32 -25.46
CA ASP B 568 9.93 61.72 -25.16
C ASP B 568 9.05 62.69 -25.91
N THR B 569 8.47 62.19 -26.99
CA THR B 569 7.57 62.96 -27.83
C THR B 569 6.29 62.13 -28.02
N PRO B 570 5.40 62.14 -27.02
CA PRO B 570 4.14 61.40 -27.00
C PRO B 570 3.18 62.07 -27.94
N PRO B 571 2.24 61.31 -28.54
CA PRO B 571 1.11 61.84 -29.34
C PRO B 571 0.33 62.94 -28.60
N LYS B 572 -0.34 63.80 -29.37
CA LYS B 572 -1.14 64.85 -28.74
C LYS B 572 -2.25 64.20 -27.94
N ARG B 573 -2.48 64.70 -26.73
CA ARG B 573 -3.46 64.06 -25.87
C ARG B 573 -4.78 63.80 -26.59
N GLU B 574 -5.10 64.63 -27.57
CA GLU B 574 -6.40 64.55 -28.24
C GLU B 574 -6.41 63.75 -29.55
N GLU B 575 -5.25 63.20 -29.90
CA GLU B 575 -5.14 62.28 -31.04
C GLU B 575 -5.20 60.86 -30.52
N MET B 576 -5.54 60.73 -29.23
CA MET B 576 -5.55 59.45 -28.52
C MET B 576 -6.92 59.02 -27.97
N VAL B 577 -7.36 57.86 -28.46
CA VAL B 577 -8.52 57.11 -27.98
C VAL B 577 -8.21 56.19 -26.79
N LEU B 578 -8.55 56.64 -25.59
CA LEU B 578 -8.41 55.83 -24.38
C LEU B 578 -9.36 54.63 -24.37
N ASP B 579 -10.47 54.74 -25.09
CA ASP B 579 -11.54 53.74 -25.12
C ASP B 579 -11.17 52.46 -25.89
N ASP B 580 -10.14 52.54 -26.72
CA ASP B 580 -9.72 51.38 -27.49
C ASP B 580 -8.29 50.95 -27.14
N SER B 581 -8.20 49.81 -26.45
CA SER B 581 -6.95 49.28 -25.89
C SER B 581 -6.08 48.65 -26.99
N SER B 582 -6.64 48.55 -28.18
CA SER B 582 -5.95 47.83 -29.25
C SER B 582 -5.00 48.77 -29.98
N ARG B 583 -5.20 50.06 -29.76
CA ARG B 583 -4.40 51.08 -30.37
C ARG B 583 -3.26 51.37 -29.42
N PHE B 584 -3.44 50.99 -28.16
CA PHE B 584 -2.51 51.36 -27.09
C PHE B 584 -1.05 51.10 -27.43
N MET B 585 -0.79 49.92 -27.97
CA MET B 585 0.57 49.52 -28.37
C MET B 585 1.32 50.49 -29.24
N GLU B 586 0.61 51.27 -30.06
CA GLU B 586 1.27 52.15 -31.02
C GLU B 586 1.41 53.56 -30.43
N TYR B 587 0.67 53.85 -29.36
CA TYR B 587 0.96 55.06 -28.63
C TYR B 587 2.28 54.82 -27.88
N GLU B 588 2.57 53.55 -27.59
CA GLU B 588 3.76 53.18 -26.85
C GLU B 588 4.79 52.72 -27.82
N THR B 589 5.22 53.63 -28.68
CA THR B 589 6.12 53.28 -29.76
C THR B 589 7.07 54.47 -30.02
N ASP B 590 8.26 54.25 -30.57
CA ASP B 590 9.25 55.37 -30.67
C ASP B 590 9.75 55.69 -29.26
N LEU B 591 9.76 54.66 -28.45
CA LEU B 591 10.21 54.78 -27.10
C LEU B 591 11.72 55.00 -26.99
N THR B 592 12.13 55.45 -25.81
CA THR B 592 13.53 55.52 -25.38
C THR B 592 13.75 54.61 -24.18
N PHE B 593 14.59 53.59 -24.34
CA PHE B 593 14.93 52.66 -23.24
C PHE B 593 15.55 53.41 -22.07
N VAL B 594 15.40 52.91 -20.85
CA VAL B 594 15.85 53.64 -19.67
C VAL B 594 16.49 52.75 -18.63
N GLY B 595 15.88 51.61 -18.38
CA GLY B 595 16.35 50.70 -17.35
C GLY B 595 15.65 49.35 -17.36
N VAL B 596 16.10 48.49 -16.47
CA VAL B 596 15.49 47.21 -16.22
C VAL B 596 15.44 47.03 -14.72
N VAL B 597 14.39 46.40 -14.20
CA VAL B 597 14.35 46.02 -12.78
C VAL B 597 14.08 44.56 -12.69
N GLY B 598 14.53 43.94 -11.61
CA GLY B 598 14.42 42.52 -11.44
C GLY B 598 13.97 42.20 -10.02
N MET B 599 12.80 41.56 -9.87
CA MET B 599 12.23 41.26 -8.57
C MET B 599 12.25 39.79 -8.22
N LEU B 600 12.34 39.55 -6.91
CA LEU B 600 12.26 38.23 -6.33
C LEU B 600 11.43 38.37 -5.06
N ASP B 601 10.72 37.29 -4.74
CA ASP B 601 10.17 37.09 -3.41
C ASP B 601 11.28 36.39 -2.62
N PRO B 602 11.95 37.16 -1.78
CA PRO B 602 13.25 36.90 -1.14
C PRO B 602 13.17 36.03 0.08
N PRO B 603 14.08 35.06 0.24
CA PRO B 603 14.07 34.15 1.40
C PRO B 603 14.16 34.95 2.70
N ARG B 604 13.60 34.41 3.79
CA ARG B 604 13.73 35.06 5.09
C ARG B 604 15.16 34.86 5.61
N LYS B 605 15.68 35.89 6.28
CA LYS B 605 17.05 35.91 6.78
C LYS B 605 17.47 34.53 7.31
N GLU B 606 16.76 34.09 8.33
CA GLU B 606 17.16 32.93 9.13
C GLU B 606 16.90 31.57 8.49
N VAL B 607 16.34 31.56 7.28
CA VAL B 607 16.11 30.29 6.64
C VAL B 607 17.42 29.56 6.38
N MET B 608 18.38 30.18 5.68
CA MET B 608 19.62 29.43 5.32
C MET B 608 20.33 28.67 6.45
N GLY B 609 20.53 29.33 7.58
CA GLY B 609 21.19 28.74 8.73
C GLY B 609 20.42 27.58 9.32
N SER B 610 19.12 27.76 9.45
CA SER B 610 18.22 26.72 9.95
C SER B 610 18.30 25.50 9.08
N ILE B 611 18.29 25.68 7.76
CA ILE B 611 18.31 24.54 6.85
C ILE B 611 19.58 23.70 7.04
N GLN B 612 20.67 24.37 7.37
CA GLN B 612 21.92 23.69 7.69
C GLN B 612 21.78 22.94 9.00
N LEU B 613 21.45 23.66 10.07
CA LEU B 613 21.26 23.07 11.39
C LEU B 613 20.40 21.80 11.33
N CYS B 614 19.60 21.71 10.28
CA CYS B 614 18.72 20.59 10.02
C CYS B 614 19.40 19.41 9.37
N ARG B 615 20.28 19.71 8.44
CA ARG B 615 21.09 18.73 7.77
C ARG B 615 22.11 18.17 8.78
N ASP B 616 22.56 19.04 9.70
CA ASP B 616 23.50 18.66 10.74
C ASP B 616 22.84 17.67 11.64
N ALA B 617 21.54 17.85 11.85
CA ALA B 617 20.79 16.94 12.66
C ALA B 617 20.17 15.80 11.83
N GLY B 618 20.81 15.44 10.71
CA GLY B 618 20.35 14.34 9.87
C GLY B 618 18.90 14.45 9.42
N ILE B 619 18.44 15.69 9.26
CA ILE B 619 17.05 15.99 8.89
C ILE B 619 17.01 16.61 7.50
N ARG B 620 16.58 15.84 6.51
CA ARG B 620 16.40 16.34 5.14
C ARG B 620 15.26 17.41 4.99
N VAL B 621 15.31 18.24 3.95
CA VAL B 621 14.32 19.32 3.74
C VAL B 621 13.84 19.51 2.28
N ILE B 622 12.55 19.30 2.04
CA ILE B 622 12.00 19.47 0.70
C ILE B 622 11.26 20.81 0.54
N MET B 623 11.24 21.31 -0.70
CA MET B 623 10.40 22.45 -1.03
C MET B 623 9.35 22.01 -2.01
N ILE B 624 8.09 22.01 -1.53
CA ILE B 624 6.89 21.89 -2.35
C ILE B 624 6.16 23.23 -2.49
N THR B 625 6.15 23.73 -3.72
CA THR B 625 5.68 25.05 -4.04
C THR B 625 4.77 25.05 -5.27
N GLY B 626 3.90 26.04 -5.33
CA GLY B 626 3.00 26.20 -6.45
C GLY B 626 3.52 27.28 -7.37
N ASP B 627 4.66 27.87 -6.98
CA ASP B 627 5.35 28.87 -7.80
C ASP B 627 5.92 28.13 -9.00
N ASN B 628 6.57 28.86 -9.90
CA ASN B 628 7.16 28.27 -11.10
C ASN B 628 8.49 27.52 -10.80
N LYS B 629 8.78 26.47 -11.56
CA LYS B 629 9.98 25.66 -11.29
C LYS B 629 11.28 26.49 -11.33
N GLY B 630 11.44 27.31 -12.36
CA GLY B 630 12.52 28.27 -12.36
C GLY B 630 12.78 28.92 -11.00
N THR B 631 11.89 29.84 -10.62
CA THR B 631 11.97 30.51 -9.32
C THR B 631 12.16 29.56 -8.13
N ALA B 632 11.54 28.38 -8.19
CA ALA B 632 11.59 27.47 -7.05
C ALA B 632 13.04 27.16 -6.77
N ILE B 633 13.73 26.76 -7.82
CA ILE B 633 15.15 26.42 -7.77
C ILE B 633 16.06 27.59 -7.36
N ALA B 634 15.99 28.72 -8.09
CA ALA B 634 16.71 29.94 -7.71
C ALA B 634 16.76 30.18 -6.19
N ILE B 635 15.65 29.85 -5.54
CA ILE B 635 15.48 29.99 -4.11
C ILE B 635 16.01 28.78 -3.33
N CYS B 636 15.90 27.58 -3.90
CA CYS B 636 16.38 26.41 -3.19
C CYS B 636 17.87 26.63 -2.97
N ARG B 637 18.53 27.10 -4.04
CA ARG B 637 19.95 27.45 -4.02
C ARG B 637 20.24 28.53 -2.99
N ARG B 638 19.62 29.69 -3.18
CA ARG B 638 19.81 30.83 -2.28
C ARG B 638 19.80 30.50 -0.75
N ILE B 639 19.20 29.37 -0.39
CA ILE B 639 19.00 29.01 1.01
C ILE B 639 19.77 27.72 1.30
N GLY B 640 20.17 27.05 0.23
CA GLY B 640 21.06 25.91 0.35
C GLY B 640 20.25 24.65 0.53
N ILE B 641 19.18 24.52 -0.23
CA ILE B 641 18.58 23.21 -0.37
C ILE B 641 19.38 22.61 -1.51
N PHE B 642 19.75 23.48 -2.43
CA PHE B 642 20.65 23.13 -3.51
C PHE B 642 21.90 23.99 -3.45
N GLY B 643 22.95 23.56 -4.12
CA GLY B 643 24.17 24.33 -4.17
C GLY B 643 24.27 25.18 -5.41
N GLU B 644 24.91 26.33 -5.26
CA GLU B 644 25.05 27.31 -6.33
C GLU B 644 25.20 26.76 -7.75
N ASN B 645 25.85 25.61 -7.91
CA ASN B 645 26.09 25.05 -9.27
C ASN B 645 25.58 23.64 -9.47
N GLU B 646 25.22 23.00 -8.36
CA GLU B 646 24.65 21.67 -8.41
C GLU B 646 23.72 21.51 -9.62
N GLU B 647 23.86 20.40 -10.35
CA GLU B 647 22.96 20.09 -11.45
C GLU B 647 21.76 19.32 -10.92
N VAL B 648 20.57 19.80 -11.29
CA VAL B 648 19.33 19.46 -10.59
C VAL B 648 18.29 18.67 -11.37
N ALA B 649 18.59 18.41 -12.64
CA ALA B 649 17.67 17.78 -13.58
C ALA B 649 16.71 16.75 -12.95
N ASP B 650 17.28 15.73 -12.32
CA ASP B 650 16.51 14.60 -11.79
C ASP B 650 15.96 14.79 -10.38
N ARG B 651 16.20 15.95 -9.75
CA ARG B 651 15.73 16.19 -8.38
C ARG B 651 14.85 17.46 -8.27
N ALA B 652 13.94 17.59 -9.22
CA ALA B 652 13.08 18.75 -9.35
C ALA B 652 12.13 18.53 -10.51
N TYR B 653 10.86 18.30 -10.17
CA TYR B 653 9.82 18.22 -11.19
C TYR B 653 8.68 19.15 -10.86
N THR B 654 8.16 19.82 -11.88
CA THR B 654 6.83 20.36 -11.80
C THR B 654 5.96 19.20 -11.36
N GLY B 655 4.83 19.49 -10.71
CA GLY B 655 3.83 18.48 -10.43
C GLY B 655 3.31 17.89 -11.72
N ARG B 656 3.22 18.74 -12.73
CA ARG B 656 2.81 18.23 -14.02
C ARG B 656 3.77 17.14 -14.55
N GLU B 657 5.03 17.14 -14.11
CA GLU B 657 6.06 16.18 -14.54
C GLU B 657 6.05 14.94 -13.69
N PHE B 658 5.74 15.17 -12.43
CA PHE B 658 5.58 14.14 -11.43
C PHE B 658 4.33 13.29 -11.67
N ASP B 659 3.34 13.84 -12.38
CA ASP B 659 2.22 13.04 -12.86
C ASP B 659 2.69 12.10 -13.96
N ASP B 660 3.56 12.61 -14.83
CA ASP B 660 4.11 11.88 -15.97
C ASP B 660 5.11 10.77 -15.57
N LEU B 661 5.31 10.63 -14.27
CA LEU B 661 6.12 9.55 -13.71
C LEU B 661 5.21 8.36 -13.32
N PRO B 662 5.71 7.11 -13.52
CA PRO B 662 4.99 5.91 -13.07
C PRO B 662 5.04 5.76 -11.55
N LEU B 663 3.93 5.33 -10.96
CA LEU B 663 3.77 5.27 -9.51
C LEU B 663 5.03 4.90 -8.74
N ALA B 664 5.87 4.07 -9.36
CA ALA B 664 7.08 3.55 -8.72
C ALA B 664 8.08 4.66 -8.56
N GLU B 665 8.22 5.46 -9.61
CA GLU B 665 9.17 6.53 -9.60
C GLU B 665 8.59 7.80 -8.95
N GLN B 666 7.27 7.93 -8.89
CA GLN B 666 6.66 8.95 -8.06
C GLN B 666 7.08 8.65 -6.63
N ARG B 667 6.75 7.45 -6.18
CA ARG B 667 7.16 7.01 -4.85
C ARG B 667 8.67 7.21 -4.59
N GLU B 668 9.50 6.81 -5.54
CA GLU B 668 10.94 6.86 -5.31
C GLU B 668 11.50 8.27 -5.40
N ALA B 669 10.88 9.08 -6.26
CA ALA B 669 11.32 10.45 -6.52
C ALA B 669 11.31 11.33 -5.26
N CYS B 670 10.39 11.01 -4.35
CA CYS B 670 10.22 11.74 -3.09
C CYS B 670 11.37 11.49 -2.09
N ARG B 671 12.26 10.56 -2.44
CA ARG B 671 13.40 10.23 -1.58
C ARG B 671 14.70 10.93 -2.04
N ARG B 672 14.71 11.48 -3.26
CA ARG B 672 15.88 12.20 -3.76
C ARG B 672 15.62 13.66 -4.09
N ALA B 673 14.51 13.92 -4.79
CA ALA B 673 14.16 15.28 -5.22
C ALA B 673 13.91 16.17 -4.01
N CYS B 674 14.06 17.47 -4.24
CA CYS B 674 14.09 18.43 -3.15
C CYS B 674 13.38 19.73 -3.53
N CYS B 675 12.88 19.81 -4.76
CA CYS B 675 12.12 20.97 -5.23
C CYS B 675 10.99 20.57 -6.19
N PHE B 676 9.78 20.46 -5.66
CA PHE B 676 8.60 20.36 -6.52
C PHE B 676 7.93 21.69 -6.79
N ALA B 677 7.57 21.94 -8.03
CA ALA B 677 7.07 23.25 -8.40
C ALA B 677 5.83 23.16 -9.25
N ARG B 678 5.14 24.28 -9.36
CA ARG B 678 3.91 24.38 -10.13
C ARG B 678 3.00 23.26 -9.73
N VAL B 679 2.97 22.94 -8.43
CA VAL B 679 2.13 21.88 -7.86
C VAL B 679 0.71 22.33 -7.43
N GLU B 680 -0.26 21.45 -7.65
CA GLU B 680 -1.61 21.59 -7.09
C GLU B 680 -1.62 21.18 -5.61
N PRO B 681 -2.59 21.66 -4.83
CA PRO B 681 -2.70 21.36 -3.39
C PRO B 681 -2.53 19.88 -2.97
N SER B 682 -3.06 18.99 -3.84
CA SER B 682 -3.23 17.54 -3.64
C SER B 682 -1.93 16.86 -3.90
N HIS B 683 -1.13 17.40 -4.81
CA HIS B 683 0.27 16.96 -5.06
C HIS B 683 1.09 17.05 -3.76
N LYS B 684 0.83 18.10 -3.00
CA LYS B 684 1.59 18.36 -1.81
C LYS B 684 1.40 17.21 -0.83
N SER B 685 0.23 16.61 -0.88
CA SER B 685 -0.16 15.62 0.12
C SER B 685 0.12 14.21 -0.39
N LYS B 686 0.26 14.04 -1.70
CA LYS B 686 0.68 12.73 -2.25
C LYS B 686 2.17 12.51 -2.03
N ILE B 687 2.92 13.60 -2.04
CA ILE B 687 4.33 13.59 -1.68
C ILE B 687 4.54 13.21 -0.22
N VAL B 688 3.94 13.99 0.68
CA VAL B 688 4.00 13.71 2.10
C VAL B 688 3.67 12.24 2.38
N GLU B 689 2.77 11.68 1.56
CA GLU B 689 2.28 10.31 1.74
C GLU B 689 3.30 9.27 1.31
N TYR B 690 4.07 9.60 0.27
CA TYR B 690 5.09 8.72 -0.27
C TYR B 690 6.30 8.74 0.63
N LEU B 691 6.49 9.85 1.34
CA LEU B 691 7.58 9.95 2.31
C LEU B 691 7.27 9.10 3.51
N GLN B 692 5.97 8.92 3.75
CA GLN B 692 5.50 8.22 4.94
C GLN B 692 5.31 6.76 4.64
N SER B 693 5.27 6.43 3.36
CA SER B 693 5.26 5.03 2.92
C SER B 693 6.70 4.46 2.91
N TYR B 694 7.66 5.30 3.32
CA TYR B 694 8.98 4.85 3.68
C TYR B 694 9.07 4.78 5.19
N ASP B 695 7.93 4.97 5.84
CA ASP B 695 7.86 5.01 7.31
C ASP B 695 8.81 6.08 7.87
N GLU B 696 8.81 7.24 7.22
CA GLU B 696 9.56 8.39 7.68
C GLU B 696 8.62 9.40 8.34
N ILE B 697 9.08 10.03 9.42
CA ILE B 697 8.31 11.05 10.12
C ILE B 697 8.47 12.42 9.45
N THR B 698 7.52 12.72 8.57
CA THR B 698 7.51 13.96 7.80
C THR B 698 6.80 15.06 8.58
N ALA B 699 7.31 16.28 8.49
CA ALA B 699 6.64 17.44 9.05
C ALA B 699 6.48 18.47 7.94
N MET B 700 5.27 19.02 7.80
CA MET B 700 4.99 20.04 6.77
C MET B 700 4.99 21.46 7.31
N THR B 701 5.52 22.40 6.53
CA THR B 701 5.45 23.81 6.91
C THR B 701 4.76 24.64 5.86
N GLY B 702 3.61 25.21 6.23
CA GLY B 702 2.84 25.98 5.28
C GLY B 702 2.50 27.38 5.78
N ASP B 703 1.70 28.09 5.00
CA ASP B 703 1.11 29.30 5.51
C ASP B 703 -0.23 29.51 4.83
N GLY B 704 -0.43 28.78 3.73
CA GLY B 704 -1.60 28.97 2.88
C GLY B 704 -2.61 27.86 2.76
N VAL B 705 -3.78 28.17 2.21
CA VAL B 705 -4.86 27.20 2.30
C VAL B 705 -4.62 26.02 1.37
N ASN B 706 -3.74 26.18 0.41
CA ASN B 706 -3.39 25.03 -0.43
C ASN B 706 -2.42 24.05 0.25
N ASP B 707 -1.86 24.48 1.36
CA ASP B 707 -1.00 23.62 2.15
C ASP B 707 -1.78 22.70 3.04
N ALA B 708 -3.03 23.08 3.33
CA ALA B 708 -3.85 22.44 4.38
C ALA B 708 -3.98 20.93 4.22
N PRO B 709 -4.34 20.44 3.03
CA PRO B 709 -4.21 19.00 2.83
C PRO B 709 -2.87 18.45 3.33
N ALA B 710 -1.74 18.84 2.76
CA ALA B 710 -0.45 18.37 3.25
C ALA B 710 -0.13 18.74 4.71
N LEU B 711 -0.68 19.82 5.24
CA LEU B 711 -0.32 20.24 6.59
C LEU B 711 -0.87 19.22 7.55
N LYS B 712 -1.89 18.52 7.08
CA LYS B 712 -2.67 17.58 7.87
C LYS B 712 -2.33 16.09 7.62
N LYS B 713 -2.03 15.71 6.39
CA LYS B 713 -1.58 14.34 6.11
C LYS B 713 -0.30 14.04 6.88
N ALA B 714 0.60 15.03 7.00
CA ALA B 714 1.91 14.80 7.62
C ALA B 714 1.77 14.36 9.08
N GLU B 715 2.90 14.28 9.77
CA GLU B 715 2.91 13.90 11.17
C GLU B 715 2.81 15.15 11.98
N ILE B 716 3.34 16.24 11.47
CA ILE B 716 3.22 17.50 12.16
C ILE B 716 3.21 18.66 11.17
N GLY B 717 2.09 19.39 11.12
CA GLY B 717 2.03 20.60 10.36
C GLY B 717 2.55 21.73 11.23
N ILE B 718 3.34 22.61 10.63
CA ILE B 718 3.79 23.81 11.29
C ILE B 718 3.39 24.96 10.39
N ALA B 719 2.76 25.98 10.95
CA ALA B 719 2.26 27.11 10.16
C ALA B 719 2.79 28.48 10.59
N MET B 720 2.73 29.43 9.67
CA MET B 720 3.23 30.79 9.91
C MET B 720 2.23 31.69 10.63
N GLY B 721 2.78 32.57 11.46
CA GLY B 721 2.01 33.45 12.34
C GLY B 721 1.16 34.39 11.52
N SER B 722 1.61 34.58 10.29
CA SER B 722 0.95 35.48 9.37
C SER B 722 0.19 34.69 8.31
N GLY B 723 0.26 33.36 8.39
CA GLY B 723 -0.44 32.44 7.50
C GLY B 723 -1.96 32.60 7.49
N THR B 724 -2.57 31.85 6.58
CA THR B 724 -4.02 31.85 6.51
C THR B 724 -4.59 31.20 7.76
N ALA B 725 -5.86 31.48 8.05
CA ALA B 725 -6.47 30.93 9.25
C ALA B 725 -6.48 29.43 9.08
N VAL B 726 -6.75 29.00 7.86
CA VAL B 726 -6.99 27.58 7.58
C VAL B 726 -5.70 26.77 7.57
N ALA B 727 -4.56 27.44 7.51
CA ALA B 727 -3.31 26.70 7.60
C ALA B 727 -3.00 26.48 9.05
N LYS B 728 -3.32 27.47 9.87
CA LYS B 728 -3.01 27.38 11.29
C LYS B 728 -3.88 26.26 11.82
N THR B 729 -5.06 26.17 11.22
CA THR B 729 -6.06 25.23 11.68
C THR B 729 -5.78 23.78 11.28
N ALA B 730 -4.91 23.59 10.31
CA ALA B 730 -4.52 22.24 9.93
C ALA B 730 -3.22 21.77 10.65
N SER B 731 -2.70 22.62 11.54
CA SER B 731 -1.36 22.44 12.08
C SER B 731 -1.27 22.31 13.62
N GLU B 732 -0.17 21.72 14.08
CA GLU B 732 -0.01 21.43 15.50
C GLU B 732 0.85 22.49 16.13
N MET B 733 1.68 23.12 15.31
CA MET B 733 2.49 24.23 15.79
C MET B 733 2.36 25.45 14.90
N VAL B 734 2.39 26.60 15.53
CA VAL B 734 2.24 27.84 14.82
C VAL B 734 3.38 28.75 15.24
N LEU B 735 4.18 29.18 14.27
CA LEU B 735 5.25 30.10 14.54
C LEU B 735 4.75 31.54 14.62
N ALA B 736 4.30 31.95 15.79
CA ALA B 736 3.73 33.28 16.03
C ALA B 736 4.56 34.43 15.44
N ASP B 737 5.88 34.24 15.44
CA ASP B 737 6.80 35.27 14.99
C ASP B 737 7.37 35.05 13.58
N ASP B 738 7.01 33.94 12.91
CA ASP B 738 7.48 33.63 11.56
C ASP B 738 8.96 33.25 11.48
N ASN B 739 9.61 33.24 12.63
CA ASN B 739 10.96 32.75 12.76
C ASN B 739 11.06 31.30 12.32
N PHE B 740 11.51 31.07 11.09
CA PHE B 740 11.67 29.69 10.65
C PHE B 740 12.63 28.93 11.55
N SER B 741 13.61 29.64 12.10
CA SER B 741 14.67 29.00 12.87
C SER B 741 14.14 28.40 14.16
N THR B 742 12.98 28.85 14.60
CA THR B 742 12.46 28.32 15.85
C THR B 742 11.87 26.91 15.65
N ILE B 743 11.99 26.36 14.45
CA ILE B 743 11.69 24.96 14.21
C ILE B 743 12.86 24.16 14.74
N VAL B 744 14.06 24.62 14.41
CA VAL B 744 15.30 23.99 14.87
C VAL B 744 15.22 23.81 16.37
N ALA B 745 14.91 24.93 17.02
CA ALA B 745 14.69 24.96 18.46
C ALA B 745 13.67 23.90 18.90
N ALA B 746 12.55 23.82 18.20
CA ALA B 746 11.47 22.90 18.53
C ALA B 746 11.85 21.45 18.31
N VAL B 747 12.80 21.21 17.39
CA VAL B 747 13.30 19.87 17.12
C VAL B 747 14.20 19.41 18.26
N GLU B 748 15.01 20.33 18.79
CA GLU B 748 15.89 20.01 19.91
C GLU B 748 15.12 19.90 21.23
N GLU B 749 13.90 20.41 21.26
CA GLU B 749 13.11 20.26 22.46
C GLU B 749 12.36 18.93 22.37
N GLY B 750 12.01 18.53 21.15
CA GLY B 750 11.33 17.28 20.93
C GLY B 750 12.26 16.12 21.20
N ARG B 751 13.54 16.38 20.99
CA ARG B 751 14.57 15.40 21.26
C ARG B 751 14.82 15.35 22.76
N ALA B 752 15.08 16.51 23.35
CA ALA B 752 15.16 16.63 24.80
C ALA B 752 13.99 15.92 25.52
N ILE B 753 12.78 16.28 25.15
CA ILE B 753 11.63 15.70 25.81
C ILE B 753 11.59 14.19 25.64
N TYR B 754 11.81 13.68 24.43
CA TYR B 754 11.75 12.23 24.23
C TYR B 754 12.75 11.52 25.13
N ASN B 755 13.91 12.15 25.33
CA ASN B 755 14.93 11.57 26.23
C ASN B 755 14.43 11.40 27.67
N ASN B 756 13.97 12.50 28.27
CA ASN B 756 13.49 12.51 29.64
C ASN B 756 12.24 11.70 29.81
N MET B 757 11.55 11.42 28.71
CA MET B 757 10.32 10.65 28.79
C MET B 757 10.51 9.14 28.70
N LYS B 758 11.63 8.71 28.16
CA LYS B 758 11.94 7.28 28.21
C LYS B 758 12.65 7.01 29.53
N GLN B 759 13.05 8.08 30.20
CA GLN B 759 13.88 8.01 31.39
C GLN B 759 13.03 7.84 32.63
N PHE B 760 11.91 8.55 32.69
CA PHE B 760 11.01 8.37 33.82
C PHE B 760 9.96 7.30 33.54
N ILE B 761 9.92 6.78 32.31
CA ILE B 761 9.02 5.68 31.95
C ILE B 761 9.60 4.31 32.30
N ARG B 762 10.87 4.29 32.66
CA ARG B 762 11.50 3.05 33.09
C ARG B 762 11.54 3.00 34.61
N TYR B 763 11.90 4.12 35.21
CA TYR B 763 11.92 4.26 36.67
C TYR B 763 10.54 4.01 37.29
N LEU B 764 9.50 4.35 36.54
CA LEU B 764 8.14 4.16 37.04
C LEU B 764 7.64 2.76 36.72
N ILE B 765 8.29 2.08 35.79
CA ILE B 765 7.87 0.72 35.50
C ILE B 765 8.90 -0.30 36.03
N SER B 766 9.85 0.18 36.83
CA SER B 766 10.76 -0.71 37.53
C SER B 766 10.24 -0.95 38.94
N SER B 767 9.56 0.06 39.47
CA SER B 767 8.84 -0.10 40.73
C SER B 767 7.52 -0.78 40.41
N ASN B 768 7.16 -0.82 39.13
CA ASN B 768 5.93 -1.47 38.70
C ASN B 768 6.06 -2.97 38.48
N VAL B 769 7.08 -3.37 37.73
CA VAL B 769 7.38 -4.78 37.63
C VAL B 769 8.15 -5.19 38.89
N GLY B 770 8.47 -4.19 39.72
CA GLY B 770 9.10 -4.41 41.01
C GLY B 770 8.07 -4.47 42.13
N GLU B 771 6.81 -4.23 41.78
CA GLU B 771 5.73 -4.37 42.74
C GLU B 771 5.05 -5.72 42.55
N VAL B 772 4.75 -6.09 41.30
CA VAL B 772 4.02 -7.33 41.04
C VAL B 772 4.80 -8.54 41.50
N VAL B 773 6.08 -8.34 41.80
CA VAL B 773 6.92 -9.41 42.34
C VAL B 773 6.57 -9.69 43.81
N CYS B 774 6.63 -8.66 44.66
CA CYS B 774 6.23 -8.80 46.05
C CYS B 774 4.81 -9.35 46.16
N ILE B 775 3.91 -8.89 45.28
CA ILE B 775 2.53 -9.37 45.25
C ILE B 775 2.51 -10.75 44.61
N PHE B 776 3.69 -11.33 44.46
CA PHE B 776 3.80 -12.67 43.98
C PHE B 776 4.68 -13.44 44.96
N LEU B 777 4.99 -12.79 46.08
CA LEU B 777 5.69 -13.41 47.20
C LEU B 777 4.81 -13.31 48.44
N THR B 778 4.03 -12.24 48.51
CA THR B 778 3.00 -12.07 49.53
C THR B 778 1.72 -12.72 49.03
N ALA B 779 1.89 -13.68 48.12
CA ALA B 779 0.77 -14.32 47.44
C ALA B 779 1.14 -15.71 46.92
N ALA B 780 2.43 -15.95 46.69
CA ALA B 780 2.86 -17.27 46.26
C ALA B 780 3.57 -18.04 47.39
N LEU B 781 3.69 -17.41 48.56
CA LEU B 781 4.19 -18.06 49.78
C LEU B 781 3.22 -17.87 50.97
N GLY B 782 2.03 -17.31 50.69
CA GLY B 782 0.98 -17.12 51.67
C GLY B 782 1.27 -16.14 52.80
N LEU B 783 2.31 -15.33 52.61
CA LEU B 783 2.75 -14.41 53.64
C LEU B 783 1.72 -13.31 53.88
N PRO B 784 1.75 -12.72 55.08
CA PRO B 784 0.89 -11.60 55.48
C PRO B 784 0.94 -10.49 54.43
N GLU B 785 -0.20 -9.86 54.15
CA GLU B 785 -0.26 -8.81 53.13
C GLU B 785 0.81 -7.73 53.32
N ALA B 786 1.91 -7.86 52.58
CA ALA B 786 3.08 -6.98 52.73
C ALA B 786 2.75 -5.55 52.36
N LEU B 787 1.94 -5.40 51.32
CA LEU B 787 1.47 -4.10 50.81
C LEU B 787 0.02 -4.19 50.29
N ILE B 788 -0.80 -3.22 50.66
CA ILE B 788 -2.16 -3.09 50.10
C ILE B 788 -2.28 -2.11 48.92
N PRO B 789 -3.29 -2.31 48.06
CA PRO B 789 -3.49 -1.38 46.96
C PRO B 789 -3.50 0.08 47.42
N VAL B 790 -3.88 0.34 48.67
CA VAL B 790 -3.98 1.72 49.15
C VAL B 790 -2.64 2.27 49.60
N GLN B 791 -1.59 1.55 49.21
CA GLN B 791 -0.24 1.98 49.48
C GLN B 791 0.50 2.09 48.14
N LEU B 792 0.30 1.09 47.28
CA LEU B 792 0.77 1.11 45.90
C LEU B 792 0.24 2.35 45.19
N LEU B 793 -1.04 2.61 45.36
CA LEU B 793 -1.65 3.82 44.87
C LEU B 793 -0.95 5.07 45.39
N TRP B 794 -0.32 5.00 46.55
CA TRP B 794 0.32 6.21 47.04
C TRP B 794 1.75 6.36 46.60
N VAL B 795 2.39 5.26 46.22
CA VAL B 795 3.74 5.34 45.69
C VAL B 795 3.72 5.59 44.17
N ASN B 796 3.08 4.69 43.43
CA ASN B 796 2.93 4.81 41.98
C ASN B 796 2.47 6.21 41.55
N LEU B 797 1.60 6.80 42.35
CA LEU B 797 1.01 8.08 42.04
C LEU B 797 1.83 9.22 42.62
N VAL B 798 2.30 9.04 43.85
CA VAL B 798 2.95 10.14 44.58
C VAL B 798 4.46 10.00 44.82
N THR B 799 4.86 9.06 45.66
CA THR B 799 6.26 8.95 46.04
C THR B 799 7.19 8.60 44.85
N ASP B 800 6.63 7.96 43.83
CA ASP B 800 7.36 7.65 42.60
C ASP B 800 7.15 8.76 41.57
N GLY B 801 6.10 9.56 41.78
CA GLY B 801 5.72 10.60 40.85
C GLY B 801 6.59 11.84 40.93
N LEU B 802 6.99 12.21 42.14
CA LEU B 802 7.80 13.41 42.34
C LEU B 802 9.18 13.31 41.67
N PRO B 803 9.92 12.22 41.94
CA PRO B 803 11.20 11.96 41.27
C PRO B 803 11.05 11.58 39.79
N ALA B 804 9.88 11.08 39.39
CA ALA B 804 9.65 10.80 37.97
C ALA B 804 9.47 12.09 37.17
N THR B 805 8.91 13.13 37.79
CA THR B 805 8.73 14.42 37.13
C THR B 805 9.97 15.30 37.30
N ALA B 806 10.89 14.87 38.16
CA ALA B 806 12.18 15.55 38.33
C ALA B 806 13.21 14.94 37.37
N LEU B 807 12.74 13.91 36.65
CA LEU B 807 13.46 13.33 35.52
C LEU B 807 13.00 13.97 34.20
N GLY B 808 12.01 14.85 34.30
CA GLY B 808 11.64 15.73 33.21
C GLY B 808 12.37 17.04 33.47
N PHE B 809 13.36 16.97 34.35
CA PHE B 809 14.18 18.12 34.75
C PHE B 809 15.69 17.85 34.56
N ASN B 810 16.02 16.72 33.93
CA ASN B 810 17.41 16.29 33.79
C ASN B 810 18.24 17.15 32.82
N PRO B 811 19.59 17.03 32.88
CA PRO B 811 20.56 17.78 32.05
C PRO B 811 20.53 17.45 30.55
N PRO B 812 20.07 18.40 29.71
CA PRO B 812 19.93 18.16 28.27
C PRO B 812 21.19 17.58 27.62
N ASP B 813 21.18 16.28 27.36
CA ASP B 813 22.28 15.60 26.68
C ASP B 813 22.85 16.49 25.56
N LEU B 814 23.91 17.20 25.88
CA LEU B 814 24.41 18.37 25.12
C LEU B 814 24.53 18.26 23.60
N ASP B 815 25.16 17.18 23.15
CA ASP B 815 25.51 17.02 21.74
C ASP B 815 24.38 16.33 21.01
N ILE B 816 23.16 16.60 21.45
CA ILE B 816 21.99 15.87 20.98
C ILE B 816 21.64 16.15 19.53
N MET B 817 21.89 17.38 19.09
CA MET B 817 21.51 17.81 17.75
C MET B 817 22.53 17.40 16.69
N ASP B 818 23.40 16.46 17.07
CA ASP B 818 24.44 15.95 16.18
C ASP B 818 24.07 14.54 15.68
N ARG B 819 23.36 13.78 16.50
CA ARG B 819 22.87 12.46 16.13
C ARG B 819 21.73 12.58 15.11
N PRO B 820 21.49 11.51 14.35
CA PRO B 820 20.35 11.42 13.43
C PRO B 820 19.01 11.35 14.15
N PRO B 821 17.91 11.48 13.40
CA PRO B 821 16.60 11.21 13.99
C PRO B 821 16.49 9.70 14.34
N ARG B 822 16.18 9.39 15.61
CA ARG B 822 15.95 7.99 16.00
C ARG B 822 14.83 7.39 15.17
N SER B 823 14.97 6.12 14.79
CA SER B 823 13.97 5.44 13.95
C SER B 823 12.68 5.12 14.69
N PRO B 824 11.59 4.88 13.94
CA PRO B 824 10.30 4.44 14.48
C PRO B 824 10.36 3.00 15.00
N LYS B 825 11.05 2.14 14.27
CA LYS B 825 11.18 0.72 14.62
C LYS B 825 12.06 0.50 15.87
N GLU B 826 12.65 1.58 16.39
CA GLU B 826 13.45 1.53 17.61
C GLU B 826 12.55 1.56 18.83
N PRO B 827 12.42 0.40 19.52
CA PRO B 827 11.60 0.35 20.73
C PRO B 827 12.32 1.02 21.89
N LEU B 828 11.67 1.02 23.04
CA LEU B 828 12.25 1.61 24.22
C LEU B 828 12.78 0.54 25.19
N ILE B 829 12.69 -0.73 24.77
CA ILE B 829 13.22 -1.85 25.54
C ILE B 829 14.02 -2.88 24.73
N SER B 830 15.31 -3.01 25.03
CA SER B 830 16.18 -3.92 24.29
C SER B 830 16.25 -5.32 24.93
N GLY B 831 16.74 -6.28 24.14
CA GLY B 831 16.98 -7.61 24.64
C GLY B 831 17.67 -7.51 25.99
N TRP B 832 18.69 -6.65 26.08
CA TRP B 832 19.44 -6.47 27.34
C TRP B 832 18.78 -5.49 28.31
N LEU B 833 18.12 -4.47 27.78
CA LEU B 833 17.52 -3.44 28.63
C LEU B 833 16.30 -3.93 29.42
N PHE B 834 15.59 -4.88 28.85
CA PHE B 834 14.49 -5.52 29.55
C PHE B 834 15.03 -6.09 30.86
N PHE B 835 16.07 -6.91 30.75
CA PHE B 835 16.68 -7.55 31.90
C PHE B 835 17.07 -6.59 33.04
N ARG B 836 17.50 -5.39 32.68
CA ARG B 836 18.01 -4.44 33.67
C ARG B 836 17.05 -4.17 34.82
N TYR B 837 15.81 -3.87 34.48
CA TYR B 837 14.80 -3.64 35.51
C TYR B 837 13.96 -4.89 35.80
N MET B 838 14.42 -6.04 35.32
CA MET B 838 13.87 -7.34 35.70
C MET B 838 14.72 -7.91 36.80
N ALA B 839 15.86 -7.24 37.01
CA ALA B 839 16.75 -7.54 38.12
C ALA B 839 16.62 -6.43 39.15
N ILE B 840 16.23 -5.24 38.68
CA ILE B 840 15.93 -4.13 39.57
C ILE B 840 14.61 -4.37 40.30
N GLY B 841 13.74 -5.19 39.70
CA GLY B 841 12.47 -5.57 40.29
C GLY B 841 12.51 -6.92 40.97
N GLY B 842 13.32 -7.83 40.42
CA GLY B 842 13.53 -9.13 41.03
C GLY B 842 14.12 -8.97 42.42
N TYR B 843 14.83 -7.87 42.64
CA TYR B 843 15.44 -7.56 43.95
C TYR B 843 14.54 -6.74 44.86
N VAL B 844 14.18 -5.53 44.44
CA VAL B 844 13.40 -4.62 45.28
C VAL B 844 11.95 -5.07 45.40
N GLY B 845 11.64 -6.24 44.84
CA GLY B 845 10.34 -6.89 45.01
C GLY B 845 10.43 -8.03 46.01
N ALA B 846 11.66 -8.46 46.25
CA ALA B 846 11.93 -9.49 47.23
C ALA B 846 12.39 -8.83 48.54
N ALA B 847 13.12 -7.72 48.45
CA ALA B 847 13.67 -7.06 49.65
C ALA B 847 12.68 -6.11 50.34
N THR B 848 11.46 -6.06 49.80
CA THR B 848 10.35 -5.43 50.52
C THR B 848 9.45 -6.53 51.08
N VAL B 849 9.78 -7.77 50.75
CA VAL B 849 9.13 -8.97 51.34
C VAL B 849 9.97 -9.46 52.52
N GLY B 850 11.20 -8.99 52.58
CA GLY B 850 12.10 -9.25 53.69
C GLY B 850 12.23 -7.98 54.52
N ALA B 851 11.09 -7.42 54.90
CA ALA B 851 11.02 -6.22 55.70
C ALA B 851 9.70 -6.25 56.47
N ALA B 852 8.77 -7.06 55.96
CA ALA B 852 7.53 -7.35 56.65
C ALA B 852 7.65 -8.80 57.12
N ALA B 853 8.79 -9.41 56.79
CA ALA B 853 9.10 -10.78 57.21
C ALA B 853 10.18 -10.83 58.30
N TRP B 854 10.46 -9.67 58.90
CA TRP B 854 11.35 -9.60 60.06
C TRP B 854 10.75 -8.77 61.19
N TRP B 855 9.45 -8.44 61.04
CA TRP B 855 8.59 -8.09 62.18
C TRP B 855 7.79 -9.33 62.41
N PHE B 856 8.22 -10.41 61.76
CA PHE B 856 7.64 -11.74 61.94
C PHE B 856 8.75 -12.73 62.28
N MET B 857 9.48 -13.19 61.27
CA MET B 857 10.52 -14.21 61.46
C MET B 857 11.78 -13.73 62.21
N TYR B 858 11.74 -12.53 62.78
CA TYR B 858 12.90 -12.02 63.53
C TYR B 858 12.56 -10.78 64.34
N ALA B 859 11.26 -10.51 64.51
CA ALA B 859 10.82 -9.27 65.15
C ALA B 859 11.60 -8.93 66.41
N GLU B 860 12.48 -7.95 66.31
CA GLU B 860 13.29 -7.50 67.44
C GLU B 860 12.40 -6.99 68.57
N ASP B 861 11.73 -5.88 68.32
CA ASP B 861 10.68 -5.39 69.21
C ASP B 861 9.32 -5.60 68.56
N GLY B 862 8.49 -6.41 69.18
CA GLY B 862 7.21 -6.81 68.60
C GLY B 862 7.20 -8.29 68.28
N PRO B 863 6.01 -8.84 67.97
CA PRO B 863 5.76 -10.26 67.74
C PRO B 863 6.77 -11.02 66.86
N GLY B 864 7.92 -11.38 67.44
CA GLY B 864 8.94 -12.15 66.73
C GLY B 864 8.66 -13.64 66.64
N VAL B 865 7.85 -14.02 65.67
CA VAL B 865 7.45 -15.41 65.46
C VAL B 865 8.42 -16.16 64.54
N THR B 866 9.66 -16.35 65.01
CA THR B 866 10.73 -16.96 64.20
C THR B 866 10.33 -18.32 63.60
N TYR B 867 10.94 -18.67 62.46
CA TYR B 867 10.67 -19.90 61.67
C TYR B 867 9.22 -20.36 61.54
N HIS B 868 8.28 -19.45 61.72
CA HIS B 868 6.86 -19.77 61.69
C HIS B 868 6.39 -20.32 60.34
N GLN B 869 5.26 -21.01 60.38
CA GLN B 869 4.67 -21.60 59.19
C GLN B 869 3.64 -20.68 58.58
N LEU B 870 4.04 -19.42 58.40
CA LEU B 870 3.30 -18.50 57.56
C LEU B 870 3.15 -19.18 56.22
N THR B 871 4.16 -19.98 55.89
CA THR B 871 4.20 -20.77 54.66
C THR B 871 3.03 -21.74 54.49
N HIS B 872 2.68 -22.46 55.55
CA HIS B 872 1.58 -23.43 55.48
C HIS B 872 0.21 -22.80 55.69
N PHE B 873 0.09 -22.00 56.74
CA PHE B 873 -1.12 -21.22 56.94
C PHE B 873 -0.87 -19.95 57.74
N MET B 874 -1.61 -18.91 57.39
CA MET B 874 -1.58 -17.67 58.14
C MET B 874 -2.95 -17.56 58.76
N GLN B 875 -3.84 -18.45 58.35
CA GLN B 875 -5.23 -18.45 58.77
C GLN B 875 -5.48 -18.88 60.24
N CYS B 876 -4.45 -19.47 60.87
CA CYS B 876 -4.48 -19.92 62.27
C CYS B 876 -5.84 -19.91 62.98
N THR B 877 -6.66 -20.91 62.67
CA THR B 877 -7.96 -21.05 63.33
C THR B 877 -7.81 -21.96 64.54
N GLU B 878 -6.97 -22.98 64.38
CA GLU B 878 -6.88 -24.08 65.35
C GLU B 878 -5.85 -23.88 66.47
N ASP B 879 -4.95 -22.91 66.31
CA ASP B 879 -3.96 -22.59 67.33
C ASP B 879 -3.03 -23.77 67.66
N HIS B 880 -3.19 -24.84 66.88
CA HIS B 880 -2.49 -26.09 67.17
C HIS B 880 -1.22 -26.35 66.36
N PRO B 881 -0.56 -25.30 65.89
CA PRO B 881 0.75 -25.58 65.29
C PRO B 881 1.86 -24.90 66.08
N HIS B 882 1.67 -23.62 66.34
CA HIS B 882 2.64 -22.79 67.04
C HIS B 882 2.49 -22.93 68.55
N PHE B 883 3.62 -22.92 69.23
CA PHE B 883 3.69 -23.10 70.68
C PHE B 883 3.39 -21.79 71.42
N GLU B 884 3.88 -20.68 70.89
CA GLU B 884 3.71 -19.41 71.57
C GLU B 884 2.93 -18.43 70.71
N GLY B 885 2.27 -18.94 69.68
CA GLY B 885 1.50 -18.11 68.76
C GLY B 885 0.50 -17.24 69.50
N LEU B 886 0.99 -16.09 69.97
CA LEU B 886 0.18 -15.17 70.76
C LEU B 886 -0.72 -14.32 69.88
N ASP B 887 -2.03 -14.40 70.11
CA ASP B 887 -3.02 -13.65 69.34
C ASP B 887 -2.97 -13.99 67.85
N CYS B 888 -3.89 -14.84 67.42
CA CYS B 888 -3.97 -15.22 66.00
C CYS B 888 -4.69 -14.15 65.17
N GLU B 889 -4.79 -12.94 65.72
CA GLU B 889 -5.27 -11.76 65.00
C GLU B 889 -4.08 -10.86 64.63
N ILE B 890 -2.87 -11.37 64.91
CA ILE B 890 -1.62 -10.65 64.70
C ILE B 890 -1.12 -10.76 63.26
N PHE B 891 -1.76 -11.63 62.48
CA PHE B 891 -1.40 -11.78 61.07
C PHE B 891 -1.46 -10.44 60.34
N GLU B 892 -2.43 -9.61 60.73
CA GLU B 892 -2.62 -8.31 60.11
C GLU B 892 -1.49 -7.33 60.43
N ALA B 893 -0.81 -7.57 61.55
CA ALA B 893 0.27 -6.71 62.07
C ALA B 893 0.59 -5.50 61.18
N PRO B 894 0.10 -4.30 61.60
CA PRO B 894 0.21 -3.03 60.88
C PRO B 894 1.61 -2.42 60.79
N GLU B 895 2.61 -3.05 61.40
CA GLU B 895 3.99 -2.54 61.30
C GLU B 895 4.85 -3.26 60.26
N PRO B 896 4.64 -4.59 60.10
CA PRO B 896 5.21 -5.32 58.95
C PRO B 896 4.83 -4.69 57.61
N MET B 897 3.55 -4.41 57.42
CA MET B 897 3.11 -3.66 56.25
C MET B 897 3.87 -2.34 56.22
N THR B 898 3.80 -1.60 57.33
CA THR B 898 4.33 -0.23 57.39
C THR B 898 5.86 -0.18 57.34
N MET B 899 6.49 -1.33 57.09
CA MET B 899 7.94 -1.38 56.91
C MET B 899 8.32 -2.07 55.59
N ALA B 900 7.33 -2.67 54.93
CA ALA B 900 7.51 -3.20 53.58
C ALA B 900 7.18 -2.12 52.55
N LEU B 901 6.88 -0.93 53.06
CA LEU B 901 6.56 0.24 52.25
C LEU B 901 7.65 1.28 52.47
N SER B 902 8.38 1.13 53.56
CA SER B 902 9.51 2.01 53.84
C SER B 902 10.77 1.48 53.19
N VAL B 903 10.69 0.25 52.67
CA VAL B 903 11.77 -0.32 51.89
C VAL B 903 11.55 -0.08 50.40
N LEU B 904 10.29 0.09 50.01
CA LEU B 904 10.00 0.54 48.64
C LEU B 904 10.33 2.02 48.52
N VAL B 905 9.78 2.83 49.43
CA VAL B 905 10.02 4.29 49.46
C VAL B 905 11.50 4.67 49.47
N THR B 906 12.35 3.79 49.98
CA THR B 906 13.78 4.06 50.02
C THR B 906 14.52 3.37 48.88
N ILE B 907 13.89 2.38 48.27
CA ILE B 907 14.44 1.77 47.06
C ILE B 907 14.11 2.58 45.80
N GLU B 908 12.92 3.18 45.76
CA GLU B 908 12.54 4.04 44.65
C GLU B 908 12.85 5.52 44.93
N MET B 909 13.65 5.76 45.98
CA MET B 909 14.31 7.04 46.14
C MET B 909 15.69 6.84 45.54
N CYS B 910 16.17 5.60 45.67
CA CYS B 910 17.50 5.19 45.20
C CYS B 910 17.50 4.99 43.69
N ASN B 911 16.40 4.48 43.14
CA ASN B 911 16.30 4.27 41.70
C ASN B 911 16.00 5.58 40.96
N ALA B 912 15.59 6.59 41.72
CA ALA B 912 15.38 7.93 41.18
C ALA B 912 16.72 8.52 40.81
N LEU B 913 17.79 8.01 41.44
CA LEU B 913 19.17 8.40 41.13
C LEU B 913 19.94 7.32 40.36
N ASN B 914 19.39 6.12 40.32
CA ASN B 914 19.88 5.07 39.43
C ASN B 914 19.48 5.42 38.02
N SER B 915 18.47 6.28 37.92
CA SER B 915 17.95 6.75 36.64
C SER B 915 18.19 8.27 36.45
N LEU B 916 19.11 8.83 37.24
CA LEU B 916 19.62 10.19 37.02
C LEU B 916 20.68 10.11 35.92
N SER B 917 20.64 9.02 35.17
CA SER B 917 21.51 8.75 34.05
C SER B 917 21.14 7.36 33.54
N GLU B 918 21.92 6.82 32.62
CA GLU B 918 21.63 5.49 32.10
C GLU B 918 22.82 4.58 32.32
N ASN B 919 24.01 5.08 31.98
CA ASN B 919 25.27 4.34 32.10
C ASN B 919 26.28 5.08 32.97
N GLN B 920 26.05 6.37 33.18
CA GLN B 920 26.92 7.20 34.02
C GLN B 920 26.80 6.81 35.49
N SER B 921 27.40 5.68 35.84
CA SER B 921 27.39 5.22 37.22
C SER B 921 27.59 6.42 38.13
N LEU B 922 26.77 6.50 39.17
CA LEU B 922 26.84 7.63 40.10
C LEU B 922 28.27 7.81 40.62
N MET B 923 29.10 6.79 40.43
CA MET B 923 30.51 6.82 40.80
C MET B 923 31.19 8.01 40.14
N ARG B 924 31.18 8.03 38.81
CA ARG B 924 31.81 9.09 38.01
C ARG B 924 30.86 10.25 37.75
N MET B 925 29.57 9.99 37.84
CA MET B 925 28.54 11.01 37.62
C MET B 925 27.98 11.50 38.95
N PRO B 926 28.14 12.79 39.24
CA PRO B 926 27.72 13.34 40.54
C PRO B 926 26.21 13.18 40.74
N PRO B 927 25.77 12.33 41.69
CA PRO B 927 24.32 12.24 41.91
C PRO B 927 23.75 13.58 42.34
N TRP B 928 24.65 14.50 42.68
CA TRP B 928 24.25 15.83 43.17
C TRP B 928 24.11 16.89 42.07
N VAL B 929 23.59 16.51 40.90
CA VAL B 929 23.39 17.47 39.80
C VAL B 929 22.02 18.12 39.88
N ASN B 930 20.97 17.30 39.97
CA ASN B 930 19.59 17.77 40.02
C ASN B 930 19.26 18.45 41.33
N ILE B 931 19.10 19.77 41.29
CA ILE B 931 18.64 20.50 42.46
C ILE B 931 17.15 20.29 42.54
N TRP B 932 16.60 19.60 41.55
CA TRP B 932 15.17 19.33 41.52
C TRP B 932 14.86 17.87 41.78
N LEU B 933 15.83 17.00 41.53
CA LEU B 933 15.68 15.60 41.89
C LEU B 933 16.12 15.43 43.33
N LEU B 934 16.28 16.56 44.02
CA LEU B 934 16.66 16.54 45.41
C LEU B 934 15.51 17.02 46.28
N GLY B 935 14.89 18.12 45.89
CA GLY B 935 13.66 18.53 46.54
C GLY B 935 12.60 17.48 46.28
N SER B 936 12.93 16.56 45.38
CA SER B 936 12.03 15.50 44.94
C SER B 936 12.24 14.21 45.71
N ILE B 937 13.33 14.15 46.48
CA ILE B 937 13.57 13.01 47.37
C ILE B 937 13.21 13.41 48.80
N CYS B 938 13.36 14.70 49.07
CA CYS B 938 13.00 15.25 50.36
C CYS B 938 11.48 15.32 50.49
N LEU B 939 10.84 16.02 49.55
CA LEU B 939 9.39 16.13 49.58
C LEU B 939 8.73 14.77 49.40
N SER B 940 9.50 13.79 48.93
CA SER B 940 8.97 12.44 48.68
C SER B 940 8.99 11.58 49.95
N MET B 941 9.89 11.91 50.86
CA MET B 941 9.96 11.21 52.14
C MET B 941 9.55 12.13 53.27
N SER B 942 9.68 13.43 53.05
CA SER B 942 9.06 14.41 53.95
C SER B 942 7.55 14.20 53.96
N LEU B 943 6.96 13.95 52.79
CA LEU B 943 5.54 13.59 52.71
C LEU B 943 5.32 12.12 53.06
N HIS B 944 6.40 11.43 53.39
CA HIS B 944 6.29 10.06 53.84
C HIS B 944 6.20 9.98 55.39
N PHE B 945 6.32 11.13 56.03
CA PHE B 945 6.18 11.24 57.47
C PHE B 945 4.81 11.78 57.78
N LEU B 946 4.27 12.55 56.85
CA LEU B 946 2.90 13.02 57.00
C LEU B 946 1.95 11.82 56.96
N ILE B 947 2.35 10.76 56.24
CA ILE B 947 1.54 9.55 56.10
C ILE B 947 1.83 8.57 57.22
N LEU B 948 1.81 9.04 58.46
CA LEU B 948 2.36 8.28 59.56
C LEU B 948 2.00 8.88 60.90
N TYR B 949 2.22 10.20 61.04
CA TYR B 949 1.96 10.92 62.29
C TYR B 949 0.63 11.68 62.26
N VAL B 950 0.32 12.34 61.14
CA VAL B 950 -0.98 13.00 60.99
C VAL B 950 -2.11 11.98 61.11
N ASP B 951 -2.63 11.82 62.32
CA ASP B 951 -3.57 10.76 62.66
C ASP B 951 -4.51 10.28 61.54
N PRO B 952 -5.33 11.19 60.99
CA PRO B 952 -6.32 10.74 59.99
C PRO B 952 -5.69 9.84 58.92
N LEU B 953 -4.37 9.85 58.80
CA LEU B 953 -3.68 9.14 57.72
C LEU B 953 -3.15 7.74 58.11
N PRO B 954 -2.31 7.63 59.15
CA PRO B 954 -1.91 6.27 59.54
C PRO B 954 -3.14 5.41 59.81
N MET B 955 -4.31 6.03 59.93
CA MET B 955 -5.57 5.29 60.01
C MET B 955 -5.78 4.49 58.72
N ILE B 956 -5.96 5.20 57.61
CA ILE B 956 -6.16 4.58 56.30
C ILE B 956 -4.98 3.69 55.94
N PHE B 957 -3.79 4.22 56.19
CA PHE B 957 -2.55 3.46 56.03
C PHE B 957 -2.37 2.57 57.24
N LYS B 958 -1.21 2.66 57.88
CA LYS B 958 -0.86 1.76 58.96
C LYS B 958 -0.16 2.45 60.13
N LEU B 959 0.35 1.63 61.07
CA LEU B 959 0.98 2.10 62.31
C LEU B 959 2.23 2.92 62.05
N LYS B 960 2.58 3.77 63.01
CA LYS B 960 3.70 4.69 62.85
C LYS B 960 5.07 4.01 62.85
N ALA B 961 6.07 4.76 62.40
CA ALA B 961 7.41 4.23 62.20
C ALA B 961 8.32 4.81 63.25
N LEU B 962 8.99 3.91 63.98
CA LEU B 962 9.94 4.28 65.02
C LEU B 962 11.38 4.08 64.52
N ASP B 963 12.38 4.31 65.37
CA ASP B 963 13.77 4.35 64.87
C ASP B 963 14.86 3.59 65.63
N LEU B 964 14.45 2.62 66.44
CA LEU B 964 15.34 1.51 66.76
C LEU B 964 14.73 0.28 66.07
N THR B 965 15.34 -0.16 64.97
CA THR B 965 14.88 -1.35 64.27
C THR B 965 13.82 -1.09 63.20
N GLN B 966 13.31 0.14 63.13
CA GLN B 966 12.24 0.45 62.18
C GLN B 966 12.72 1.32 61.04
N TRP B 967 13.52 2.33 61.35
CA TRP B 967 14.13 3.18 60.35
C TRP B 967 15.59 2.80 60.28
N LEU B 968 15.97 1.96 61.23
CA LEU B 968 17.33 1.45 61.36
C LEU B 968 17.62 0.31 60.38
N MET B 969 16.61 -0.51 60.10
CA MET B 969 16.78 -1.64 59.21
C MET B 969 16.18 -1.38 57.84
N VAL B 970 15.19 -0.49 57.80
CA VAL B 970 14.56 -0.06 56.55
C VAL B 970 15.59 0.47 55.56
N LEU B 971 16.66 1.04 56.13
CA LEU B 971 17.69 1.74 55.36
C LEU B 971 18.84 0.82 54.96
N LYS B 972 19.02 -0.26 55.71
CA LYS B 972 20.13 -1.18 55.47
C LYS B 972 19.82 -2.16 54.35
N ILE B 973 18.56 -2.56 54.27
CA ILE B 973 18.11 -3.51 53.26
C ILE B 973 17.94 -2.84 51.89
N SER B 974 17.85 -1.50 51.88
CA SER B 974 17.66 -0.74 50.64
C SER B 974 18.93 -0.44 49.85
N LEU B 975 19.87 0.28 50.49
CA LEU B 975 21.12 0.70 49.85
C LEU B 975 21.78 -0.30 48.88
N PRO B 976 21.61 -1.62 49.14
CA PRO B 976 22.12 -2.60 48.18
C PRO B 976 21.59 -2.42 46.76
N VAL B 977 20.70 -1.44 46.54
CA VAL B 977 20.14 -1.17 45.21
C VAL B 977 21.00 -0.21 44.38
N ILE B 978 21.66 0.73 45.06
CA ILE B 978 22.64 1.59 44.39
C ILE B 978 23.82 0.74 43.92
N GLY B 979 24.09 -0.35 44.63
CA GLY B 979 25.16 -1.25 44.25
C GLY B 979 24.67 -2.24 43.20
N LEU B 980 23.45 -2.73 43.40
CA LEU B 980 22.82 -3.67 42.48
C LEU B 980 22.88 -3.19 41.04
N ASP B 981 22.56 -1.90 40.85
CA ASP B 981 22.48 -1.27 39.52
C ASP B 981 23.85 -0.79 39.08
N GLU B 982 24.70 -0.41 40.03
CA GLU B 982 26.05 0.07 39.74
C GLU B 982 26.91 -1.06 39.19
N ILE B 983 26.69 -2.27 39.72
CA ILE B 983 27.38 -3.46 39.25
C ILE B 983 26.58 -4.10 38.10
N LEU B 984 25.40 -3.53 37.82
CA LEU B 984 24.64 -3.85 36.60
C LEU B 984 24.95 -2.85 35.49
N LYS B 985 25.63 -1.75 35.88
CA LYS B 985 26.10 -0.73 34.95
C LYS B 985 27.51 -1.06 34.46
N PHE B 986 28.34 -1.59 35.36
CA PHE B 986 29.68 -2.04 35.00
C PHE B 986 29.61 -3.20 33.99
N ILE B 987 28.41 -3.76 33.79
CA ILE B 987 28.20 -4.92 32.89
C ILE B 987 27.81 -4.50 31.47
N ALA B 988 27.67 -3.20 31.24
CA ALA B 988 27.40 -2.69 29.88
C ALA B 988 28.03 -1.34 29.57
N ARG B 989 28.53 -0.65 30.60
CA ARG B 989 29.32 0.56 30.41
C ARG B 989 30.76 0.21 30.09
N ASN B 990 31.41 -0.53 30.99
CA ASN B 990 32.80 -0.89 30.81
C ASN B 990 33.02 -1.89 29.66
N TYR B 991 32.28 -3.01 29.67
CA TYR B 991 32.30 -3.98 28.58
C TYR B 991 30.90 -4.09 27.94
N LEU B 992 30.70 -3.52 26.75
CA LEU B 992 29.35 -3.36 26.15
C LEU B 992 28.95 -4.42 25.11
N GLU B 993 29.65 -5.54 25.08
CA GLU B 993 29.37 -6.60 24.10
C GLU B 993 29.78 -6.20 22.69
N GLY B 994 30.28 -4.97 22.54
CA GLY B 994 30.69 -4.45 21.25
C GLY B 994 31.97 -5.09 20.75
#